data_5F91
#
_entry.id   5F91
#
_cell.length_a   175.212
_cell.length_b   96.497
_cell.length_c   124.376
_cell.angle_alpha   90.00
_cell.angle_beta   102.68
_cell.angle_gamma   90.00
#
_symmetry.space_group_name_H-M   'C 1 2 1'
#
loop_
_entity.id
_entity.type
_entity.pdbx_description
1 polymer 'Fumarate hydratase class II'
2 non-polymer ~{N}-[5-(azepan-1-ylsulfonyl)-2-methoxy-phenyl]-2-(4-oxidanylidene-3~{H}-phthalazin-1-yl)ethanamide
3 non-polymer 'CHLORIDE ION'
4 non-polymer 'FORMIC ACID'
5 water water
#
_entity_poly.entity_id   1
_entity_poly.type   'polypeptide(L)'
_entity_poly.pdbx_seq_one_letter_code
;MHHHHHHSSGVDLGTENLYFQSAVDADSANYRIEHDTMGEVRVPAKALWRAQTQRAVENFPISGRGLERTQIRALGLLKG
ACAQVNSDLGLLAPEKADAIIAAAAEIADGQHDDQFPIDVFQTGSGTSSNMNTNEVIASIAAKGGVTLHPNDDVNMSQSS
NDTFPTATHIAATEAAVAHLIPALQQLHDALAAKALDWHTVVKSGRTHLMDAVPVTLGQEFSGYARQIEAGIERVRACLP
RLGELAIGGTAVGTGLNAPDDFGVRVVAVLVAQTGLSELRTAANSFEAQAARDGLVEASGALRTIAVSLTKIANDIRWMG
SGPLTGLAEIQLPDLQPGSSIMPGKVNPVLPEAVTQVAAQVIGNDAAIAWGGANGAFELNVYIPMMARNILESFKLLTNV
SRLFAQRCIAGLTANVEHLRRLAESSPSIVTPLNSAIGYEEAAAVAKQALKERKTIRQTVIDRGLIGDRLSIEDLDRRLD
VLAMAKAEQLDSDRL
;
_entity_poly.pdbx_strand_id   A,B,C,D
#
loop_
_chem_comp.id
_chem_comp.type
_chem_comp.name
_chem_comp.formula
5WJ non-polymer ~{N}-[5-(azepan-1-ylsulfonyl)-2-methoxy-phenyl]-2-(4-oxidanylidene-3~{H}-phthalazin-1-yl)ethanamide 'C23 H26 N4 O5 S'
CL non-polymer 'CHLORIDE ION' 'Cl -1'
FMT non-polymer 'FORMIC ACID' 'C H2 O2'
#
# COMPACT_ATOMS: atom_id res chain seq x y z
N ASN A 30 -21.88 16.17 37.09
CA ASN A 30 -22.52 15.13 37.89
C ASN A 30 -22.25 13.74 37.33
N TYR A 31 -21.95 12.79 38.22
CA TYR A 31 -21.65 11.42 37.81
C TYR A 31 -22.40 10.43 38.68
N ARG A 32 -23.25 9.61 38.05
CA ARG A 32 -23.99 8.58 38.78
C ARG A 32 -23.16 7.30 38.87
N ILE A 33 -23.46 6.47 39.87
CA ILE A 33 -22.66 5.28 40.14
C ILE A 33 -23.38 4.01 39.70
N GLU A 34 -22.61 3.05 39.18
CA GLU A 34 -23.18 1.77 38.76
C GLU A 34 -22.33 0.59 39.24
N HIS A 35 -22.94 -0.59 39.28
CA HIS A 35 -22.24 -1.79 39.75
C HIS A 35 -22.78 -3.03 39.06
N GLU A 40 -17.91 -1.78 40.72
CA GLU A 40 -18.41 -0.41 40.79
C GLU A 40 -17.78 0.47 39.71
N VAL A 41 -18.61 1.11 38.88
CA VAL A 41 -18.11 1.98 37.81
C VAL A 41 -18.82 3.34 37.81
N ARG A 42 -18.05 4.41 37.63
CA ARG A 42 -18.62 5.77 37.64
C ARG A 42 -19.00 6.22 36.23
N VAL A 43 -20.28 6.53 36.03
CA VAL A 43 -20.81 6.92 34.72
C VAL A 43 -21.34 8.35 34.76
N PRO A 44 -21.06 9.16 33.72
CA PRO A 44 -21.64 10.50 33.63
C PRO A 44 -23.17 10.49 33.76
N ALA A 45 -23.72 11.53 34.39
CA ALA A 45 -25.14 11.56 34.74
C ALA A 45 -26.06 11.56 33.51
N LYS A 46 -25.71 12.36 32.52
CA LYS A 46 -26.53 12.49 31.31
C LYS A 46 -26.15 11.44 30.26
N ALA A 47 -25.36 10.45 30.66
CA ALA A 47 -24.98 9.37 29.77
C ALA A 47 -26.06 8.31 29.76
N LEU A 48 -26.42 7.83 28.57
CA LEU A 48 -27.42 6.77 28.42
C LEU A 48 -26.76 5.40 28.36
N TRP A 49 -25.44 5.37 28.22
CA TRP A 49 -24.75 4.10 28.26
C TRP A 49 -24.59 3.66 29.70
N ARG A 50 -24.17 2.41 29.91
CA ARG A 50 -24.05 1.89 31.26
C ARG A 50 -22.66 1.33 31.55
N ALA A 51 -22.60 0.35 32.44
CA ALA A 51 -21.31 -0.10 33.00
C ALA A 51 -20.38 -0.71 31.98
N GLN A 52 -20.93 -1.50 31.05
CA GLN A 52 -20.07 -2.19 30.09
C GLN A 52 -19.46 -1.20 29.10
N THR A 53 -20.22 -0.19 28.73
CA THR A 53 -19.69 0.83 27.84
C THR A 53 -18.59 1.64 28.56
N GLN A 54 -18.86 2.02 29.81
CA GLN A 54 -17.88 2.79 30.57
C GLN A 54 -16.56 2.03 30.75
N ARG A 55 -16.66 0.72 30.99
CA ARG A 55 -15.46 -0.12 31.09
C ARG A 55 -14.68 -0.15 29.77
N ALA A 56 -15.41 -0.17 28.65
CA ALA A 56 -14.81 -0.09 27.33
C ALA A 56 -14.11 1.27 27.14
N VAL A 57 -14.73 2.34 27.64
CA VAL A 57 -14.12 3.67 27.58
C VAL A 57 -12.77 3.68 28.28
N GLU A 58 -12.72 3.06 29.45
CA GLU A 58 -11.50 2.98 30.24
C GLU A 58 -10.47 2.01 29.65
N ASN A 59 -10.93 1.00 28.93
CA ASN A 59 -10.02 0.02 28.35
C ASN A 59 -9.35 0.44 27.04
N PHE A 60 -10.00 1.29 26.23
CA PHE A 60 -9.40 1.66 24.94
C PHE A 60 -9.18 3.15 24.68
N PRO A 61 -8.48 3.86 25.58
CA PRO A 61 -8.20 5.27 25.27
C PRO A 61 -7.07 5.40 24.23
N ILE A 62 -7.42 5.16 22.98
CA ILE A 62 -6.40 4.96 21.95
C ILE A 62 -6.43 6.09 20.92
N SER A 63 -7.56 6.28 20.25
CA SER A 63 -7.64 7.32 19.22
C SER A 63 -8.44 8.54 19.66
N GLY A 64 -9.34 8.37 20.63
CA GLY A 64 -10.22 9.45 21.04
C GLY A 64 -11.33 9.68 20.04
N ARG A 65 -11.41 8.80 19.05
CA ARG A 65 -12.44 8.87 18.02
C ARG A 65 -13.31 7.60 18.06
N GLY A 66 -14.63 7.80 18.10
CA GLY A 66 -15.57 6.70 18.15
C GLY A 66 -16.30 6.48 16.84
N LEU A 67 -17.42 5.76 16.91
CA LEU A 67 -18.18 5.39 15.73
C LEU A 67 -18.72 6.61 15.00
N GLU A 68 -18.73 6.54 13.69
CA GLU A 68 -19.31 7.63 12.92
C GLU A 68 -20.82 7.49 12.87
N ARG A 69 -21.47 8.58 12.50
CA ARG A 69 -22.92 8.70 12.51
C ARG A 69 -23.62 7.61 11.72
N THR A 70 -23.03 7.19 10.61
CA THR A 70 -23.69 6.19 9.76
C THR A 70 -23.68 4.81 10.43
N GLN A 71 -22.59 4.51 11.15
CA GLN A 71 -22.48 3.25 11.88
C GLN A 71 -23.43 3.22 13.08
N ILE A 72 -23.57 4.36 13.75
CA ILE A 72 -24.49 4.47 14.86
C ILE A 72 -25.92 4.30 14.37
N ARG A 73 -26.24 4.97 13.26
CA ARG A 73 -27.56 4.87 12.66
C ARG A 73 -27.88 3.40 12.35
N ALA A 74 -26.92 2.70 11.74
CA ALA A 74 -27.14 1.31 11.32
C ALA A 74 -27.32 0.35 12.49
N LEU A 75 -26.60 0.60 13.60
CA LEU A 75 -26.80 -0.17 14.82
C LEU A 75 -28.22 0.00 15.34
N GLY A 76 -28.73 1.22 15.29
CA GLY A 76 -30.12 1.49 15.64
C GLY A 76 -31.12 0.75 14.73
N LEU A 77 -30.93 0.90 13.42
CA LEU A 77 -31.75 0.19 12.46
C LEU A 77 -31.79 -1.33 12.75
N LEU A 78 -30.62 -1.91 13.01
CA LEU A 78 -30.49 -3.34 13.22
C LEU A 78 -31.22 -3.80 14.49
N LYS A 79 -31.01 -3.08 15.60
CA LYS A 79 -31.64 -3.43 16.87
C LYS A 79 -33.15 -3.35 16.79
N GLY A 80 -33.68 -2.35 16.10
CA GLY A 80 -35.11 -2.24 15.88
C GLY A 80 -35.70 -3.40 15.08
N ALA A 81 -35.06 -3.72 13.95
CA ALA A 81 -35.50 -4.80 13.09
C ALA A 81 -35.45 -6.14 13.85
N CYS A 82 -34.40 -6.33 14.65
CA CYS A 82 -34.29 -7.55 15.45
C CYS A 82 -35.42 -7.66 16.46
N ALA A 83 -35.76 -6.55 17.12
CA ALA A 83 -36.85 -6.55 18.08
C ALA A 83 -38.17 -6.84 17.38
N GLN A 84 -38.33 -6.31 16.18
CA GLN A 84 -39.57 -6.52 15.44
C GLN A 84 -39.75 -8.01 15.15
N VAL A 85 -38.65 -8.67 14.77
CA VAL A 85 -38.72 -10.07 14.39
C VAL A 85 -38.92 -10.97 15.62
N ASN A 86 -38.22 -10.68 16.71
CA ASN A 86 -38.43 -11.42 17.95
C ASN A 86 -39.89 -11.31 18.45
N SER A 87 -40.47 -10.13 18.33
CA SER A 87 -41.89 -9.94 18.61
C SER A 87 -42.79 -10.73 17.66
N ASP A 88 -42.45 -10.72 16.37
CA ASP A 88 -43.24 -11.47 15.38
C ASP A 88 -43.22 -12.97 15.65
N LEU A 89 -42.08 -13.47 16.12
CA LEU A 89 -41.90 -14.90 16.39
C LEU A 89 -42.36 -15.30 17.79
N GLY A 90 -42.87 -14.32 18.55
CA GLY A 90 -43.40 -14.58 19.88
C GLY A 90 -42.33 -14.80 20.94
N LEU A 91 -41.09 -14.37 20.66
CA LEU A 91 -39.98 -14.61 21.59
C LEU A 91 -39.77 -13.46 22.54
N LEU A 92 -40.36 -12.31 22.23
CA LEU A 92 -40.19 -11.11 23.02
C LEU A 92 -41.54 -10.43 23.27
N ALA A 93 -41.81 -10.06 24.53
CA ALA A 93 -43.05 -9.34 24.86
C ALA A 93 -43.25 -8.08 24.03
N PRO A 94 -44.46 -7.87 23.50
CA PRO A 94 -44.80 -6.72 22.64
C PRO A 94 -44.47 -5.36 23.26
N GLU A 95 -44.66 -5.23 24.57
CA GLU A 95 -44.34 -3.99 25.29
C GLU A 95 -42.84 -3.72 25.28
N LYS A 96 -42.04 -4.77 25.49
CA LYS A 96 -40.59 -4.66 25.40
C LYS A 96 -40.14 -4.38 23.97
N ALA A 97 -40.75 -5.08 23.02
CA ALA A 97 -40.43 -4.89 21.60
C ALA A 97 -40.73 -3.46 21.13
N ASP A 98 -41.90 -2.93 21.50
CA ASP A 98 -42.23 -1.54 21.13
C ASP A 98 -41.24 -0.53 21.71
N ALA A 99 -40.80 -0.76 22.94
CA ALA A 99 -39.83 0.12 23.60
C ALA A 99 -38.50 0.14 22.83
N ILE A 100 -38.02 -1.04 22.44
CA ILE A 100 -36.77 -1.14 21.70
C ILE A 100 -36.90 -0.46 20.35
N ILE A 101 -37.99 -0.77 19.66
CA ILE A 101 -38.29 -0.18 18.36
C ILE A 101 -38.32 1.35 18.46
N ALA A 102 -39.01 1.90 19.47
CA ALA A 102 -39.03 3.36 19.64
C ALA A 102 -37.63 3.89 19.94
N ALA A 103 -36.94 3.26 20.89
CA ALA A 103 -35.59 3.68 21.23
C ALA A 103 -34.65 3.61 20.02
N ALA A 104 -34.67 2.46 19.34
CA ALA A 104 -33.79 2.24 18.18
C ALA A 104 -34.03 3.27 17.08
N ALA A 105 -35.28 3.66 16.90
CA ALA A 105 -35.64 4.65 15.89
C ALA A 105 -35.02 6.01 16.19
N GLU A 106 -35.00 6.38 17.48
CA GLU A 106 -34.34 7.60 17.90
C GLU A 106 -32.86 7.54 17.56
N ILE A 107 -32.23 6.41 17.83
CA ILE A 107 -30.81 6.22 17.50
C ILE A 107 -30.59 6.31 16.00
N ALA A 108 -31.46 5.69 15.23
CA ALA A 108 -31.32 5.67 13.78
C ALA A 108 -31.59 7.05 13.18
N ASP A 109 -32.26 7.89 13.94
CA ASP A 109 -32.58 9.23 13.47
C ASP A 109 -31.47 10.21 13.86
N GLY A 110 -30.45 9.72 14.55
CA GLY A 110 -29.30 10.55 14.88
C GLY A 110 -29.46 11.36 16.15
N GLN A 111 -30.47 11.03 16.95
CA GLN A 111 -30.73 11.77 18.19
C GLN A 111 -29.78 11.43 19.33
N HIS A 112 -28.94 10.42 19.16
CA HIS A 112 -28.12 9.97 20.27
C HIS A 112 -26.68 9.69 19.87
N ASP A 113 -26.18 10.44 18.90
CA ASP A 113 -24.81 10.23 18.42
C ASP A 113 -23.77 10.45 19.54
N ASP A 114 -24.09 11.28 20.53
CA ASP A 114 -23.15 11.54 21.62
C ASP A 114 -23.22 10.49 22.73
N GLN A 115 -23.93 9.39 22.48
CA GLN A 115 -24.07 8.34 23.50
C GLN A 115 -23.21 7.12 23.17
N PHE A 116 -22.27 7.31 22.25
CA PHE A 116 -21.43 6.21 21.78
C PHE A 116 -19.97 6.61 21.92
N PRO A 117 -19.45 6.56 23.16
CA PRO A 117 -18.11 7.08 23.45
C PRO A 117 -16.97 6.12 23.18
N ILE A 118 -17.27 4.87 22.87
CA ILE A 118 -16.19 3.87 22.75
C ILE A 118 -15.28 4.11 21.53
N ASP A 119 -13.99 3.97 21.75
CA ASP A 119 -12.99 4.09 20.71
C ASP A 119 -13.23 3.12 19.55
N VAL A 120 -12.91 3.56 18.34
CA VAL A 120 -12.87 2.66 17.18
C VAL A 120 -11.96 1.47 17.44
N PHE A 121 -10.84 1.70 18.13
CA PHE A 121 -9.90 0.62 18.36
C PHE A 121 -10.25 -0.14 19.64
N GLN A 122 -11.26 -0.98 19.48
CA GLN A 122 -11.82 -1.79 20.54
C GLN A 122 -11.66 -3.27 20.18
N THR A 123 -12.27 -4.15 20.98
CA THR A 123 -12.33 -5.57 20.64
C THR A 123 -12.73 -5.77 19.18
N GLY A 124 -12.02 -6.63 18.47
CA GLY A 124 -12.10 -6.66 17.02
C GLY A 124 -13.41 -7.16 16.44
N SER A 125 -14.25 -7.76 17.26
CA SER A 125 -15.60 -8.15 16.85
C SER A 125 -16.54 -6.95 16.87
N GLY A 126 -16.14 -5.92 17.58
CA GLY A 126 -17.00 -4.77 17.82
C GLY A 126 -18.10 -5.08 18.83
N THR A 127 -17.89 -6.09 19.67
CA THR A 127 -18.89 -6.43 20.68
C THR A 127 -19.11 -5.27 21.66
N SER A 128 -18.08 -4.46 21.90
CA SER A 128 -18.20 -3.34 22.85
C SER A 128 -19.23 -2.33 22.37
N SER A 129 -19.20 -2.02 21.07
CA SER A 129 -20.18 -1.10 20.50
C SER A 129 -21.56 -1.72 20.41
N ASN A 130 -21.61 -3.03 20.25
CA ASN A 130 -22.89 -3.75 20.27
C ASN A 130 -23.55 -3.57 21.64
N MET A 131 -22.77 -3.78 22.70
CA MET A 131 -23.27 -3.61 24.06
C MET A 131 -23.61 -2.15 24.33
N ASN A 132 -22.83 -1.23 23.76
CA ASN A 132 -23.09 0.22 23.89
C ASN A 132 -24.51 0.52 23.41
N THR A 133 -24.86 -0.01 22.24
CA THR A 133 -26.21 0.14 21.68
C THR A 133 -27.27 -0.48 22.58
N ASN A 134 -27.03 -1.71 23.06
CA ASN A 134 -27.98 -2.42 23.93
C ASN A 134 -28.26 -1.66 25.22
N GLU A 135 -27.21 -1.08 25.79
CA GLU A 135 -27.31 -0.30 27.02
C GLU A 135 -28.03 1.02 26.81
N VAL A 136 -27.71 1.73 25.74
CA VAL A 136 -28.34 3.01 25.45
C VAL A 136 -29.85 2.80 25.19
N ILE A 137 -30.19 1.74 24.50
CA ILE A 137 -31.60 1.42 24.24
C ILE A 137 -32.36 1.12 25.55
N ALA A 138 -31.74 0.35 26.43
CA ALA A 138 -32.35 0.07 27.73
C ALA A 138 -32.60 1.39 28.50
N SER A 139 -31.61 2.28 28.51
CA SER A 139 -31.73 3.53 29.28
C SER A 139 -32.78 4.45 28.67
N ILE A 140 -32.90 4.45 27.35
CA ILE A 140 -33.93 5.22 26.68
C ILE A 140 -35.31 4.68 27.08
N ALA A 141 -35.45 3.36 27.04
CA ALA A 141 -36.71 2.72 27.39
C ALA A 141 -37.11 2.98 28.84
N ALA A 142 -36.12 2.97 29.74
CA ALA A 142 -36.36 3.19 31.16
C ALA A 142 -37.04 4.52 31.42
N LYS A 143 -36.65 5.56 30.67
CA LYS A 143 -37.27 6.88 30.82
C LYS A 143 -38.74 6.87 30.43
N GLY A 144 -39.15 5.82 29.73
CA GLY A 144 -40.52 5.67 29.30
C GLY A 144 -41.25 4.66 30.16
N GLY A 145 -40.59 4.20 31.22
CA GLY A 145 -41.23 3.31 32.16
C GLY A 145 -41.12 1.83 31.83
N VAL A 146 -40.32 1.49 30.81
CA VAL A 146 -40.18 0.10 30.45
C VAL A 146 -38.80 -0.42 30.76
N THR A 147 -38.74 -1.57 31.43
CA THR A 147 -37.49 -2.18 31.83
C THR A 147 -37.01 -3.23 30.82
N LEU A 148 -35.80 -3.02 30.31
CA LEU A 148 -35.21 -3.94 29.34
C LEU A 148 -33.86 -4.44 29.82
N HIS A 149 -33.62 -5.73 29.69
CA HIS A 149 -32.29 -6.26 29.93
C HIS A 149 -31.47 -6.06 28.66
N PRO A 150 -30.31 -5.38 28.76
CA PRO A 150 -29.50 -5.10 27.57
C PRO A 150 -29.18 -6.35 26.78
N ASN A 151 -28.68 -7.38 27.46
CA ASN A 151 -28.36 -8.62 26.76
C ASN A 151 -29.59 -9.48 26.47
N ASP A 152 -30.36 -9.78 27.50
CA ASP A 152 -31.44 -10.77 27.37
C ASP A 152 -32.56 -10.31 26.46
N ASP A 153 -32.77 -9.00 26.39
CA ASP A 153 -33.87 -8.46 25.59
C ASP A 153 -33.38 -7.76 24.33
N VAL A 154 -32.49 -6.79 24.47
CA VAL A 154 -32.12 -6.00 23.30
C VAL A 154 -31.20 -6.80 22.38
N ASN A 155 -30.50 -7.79 22.94
CA ASN A 155 -29.60 -8.63 22.16
C ASN A 155 -30.14 -10.04 21.93
N MET A 156 -31.45 -10.20 22.10
CA MET A 156 -32.10 -11.50 21.93
C MET A 156 -31.90 -12.03 20.51
N SER A 157 -31.59 -13.32 20.39
CA SER A 157 -31.37 -14.00 19.12
C SER A 157 -30.10 -13.55 18.41
N GLN A 158 -29.30 -12.72 19.07
CA GLN A 158 -28.12 -12.16 18.45
C GLN A 158 -26.88 -12.59 19.20
N SER A 159 -25.72 -12.39 18.58
CA SER A 159 -24.49 -12.61 19.30
C SER A 159 -23.61 -11.39 19.24
N SER A 160 -22.51 -11.45 19.96
CA SER A 160 -21.52 -10.40 19.94
C SER A 160 -20.76 -10.32 18.61
N ASN A 161 -20.99 -11.28 17.70
CA ASN A 161 -20.19 -11.44 16.47
C ASN A 161 -20.89 -11.24 15.13
N ASP A 162 -22.21 -11.36 15.08
CA ASP A 162 -22.93 -11.20 13.82
C ASP A 162 -23.67 -9.85 13.72
N THR A 163 -23.66 -9.07 14.80
CA THR A 163 -24.40 -7.81 14.81
C THR A 163 -23.57 -6.63 14.28
N PHE A 164 -22.36 -6.45 14.80
CA PHE A 164 -21.57 -5.29 14.38
C PHE A 164 -21.23 -5.32 12.88
N PRO A 165 -20.79 -6.47 12.33
CA PRO A 165 -20.53 -6.45 10.89
C PRO A 165 -21.81 -6.29 10.06
N THR A 166 -22.92 -6.81 10.55
CA THR A 166 -24.22 -6.53 9.92
C THR A 166 -24.46 -5.01 9.85
N ALA A 167 -24.24 -4.31 10.97
CA ALA A 167 -24.43 -2.86 11.00
C ALA A 167 -23.47 -2.18 10.03
N THR A 168 -22.26 -2.68 9.97
CA THR A 168 -21.26 -2.11 9.07
C THR A 168 -21.67 -2.24 7.61
N HIS A 169 -22.17 -3.41 7.24
CA HIS A 169 -22.56 -3.61 5.85
C HIS A 169 -23.86 -2.86 5.51
N ILE A 170 -24.73 -2.71 6.51
CA ILE A 170 -25.89 -1.84 6.33
C ILE A 170 -25.45 -0.40 6.07
N ALA A 171 -24.58 0.11 6.95
CA ALA A 171 -24.07 1.48 6.81
C ALA A 171 -23.35 1.67 5.47
N ALA A 172 -22.59 0.68 5.03
CA ALA A 172 -21.80 0.83 3.79
C ALA A 172 -22.71 0.78 2.56
N THR A 173 -23.71 -0.08 2.61
CA THR A 173 -24.64 -0.20 1.50
C THR A 173 -25.46 1.05 1.33
N GLU A 174 -25.97 1.58 2.43
CA GLU A 174 -26.71 2.83 2.40
C GLU A 174 -25.82 3.99 1.91
N ALA A 175 -24.57 4.03 2.38
CA ALA A 175 -23.66 5.08 1.94
C ALA A 175 -23.42 4.98 0.42
N ALA A 176 -23.33 3.77 -0.10
CA ALA A 176 -23.09 3.57 -1.52
C ALA A 176 -24.31 3.98 -2.32
N VAL A 177 -25.48 3.50 -1.91
CA VAL A 177 -26.70 3.66 -2.70
C VAL A 177 -27.37 5.02 -2.52
N ALA A 178 -27.53 5.47 -1.28
CA ALA A 178 -28.29 6.69 -1.04
C ALA A 178 -27.46 7.98 -1.14
N HIS A 179 -26.13 7.87 -1.02
CA HIS A 179 -25.31 9.08 -0.96
C HIS A 179 -24.18 9.15 -1.99
N LEU A 180 -23.38 8.11 -2.11
CA LEU A 180 -22.21 8.23 -2.99
C LEU A 180 -22.63 8.24 -4.45
N ILE A 181 -23.46 7.28 -4.84
CA ILE A 181 -23.87 7.21 -6.24
C ILE A 181 -24.61 8.49 -6.72
N PRO A 182 -25.54 9.04 -5.91
CA PRO A 182 -26.13 10.32 -6.35
C PRO A 182 -25.11 11.47 -6.39
N ALA A 183 -24.16 11.49 -5.46
CA ALA A 183 -23.08 12.48 -5.50
C ALA A 183 -22.27 12.33 -6.78
N LEU A 184 -21.88 11.09 -7.10
CA LEU A 184 -21.11 10.85 -8.31
C LEU A 184 -21.91 11.23 -9.55
N GLN A 185 -23.21 10.98 -9.51
CA GLN A 185 -24.07 11.30 -10.66
C GLN A 185 -24.10 12.80 -10.88
N GLN A 186 -24.08 13.53 -9.78
CA GLN A 186 -24.09 14.98 -9.84
C GLN A 186 -22.79 15.46 -10.51
N LEU A 187 -21.68 14.85 -10.14
CA LEU A 187 -20.38 15.20 -10.71
C LEU A 187 -20.33 14.84 -12.19
N HIS A 188 -20.75 13.63 -12.53
CA HIS A 188 -20.85 13.21 -13.93
C HIS A 188 -21.63 14.22 -14.77
N ASP A 189 -22.80 14.63 -14.27
CA ASP A 189 -23.68 15.53 -15.00
C ASP A 189 -23.05 16.91 -15.19
N ALA A 190 -22.30 17.36 -14.19
CA ALA A 190 -21.58 18.64 -14.28
C ALA A 190 -20.45 18.57 -15.33
N LEU A 191 -19.69 17.48 -15.30
CA LEU A 191 -18.65 17.26 -16.30
C LEU A 191 -19.26 17.12 -17.70
N ALA A 192 -20.37 16.39 -17.80
CA ALA A 192 -21.03 16.19 -19.09
C ALA A 192 -21.57 17.50 -19.66
N ALA A 193 -22.04 18.36 -18.77
CA ALA A 193 -22.58 19.66 -19.15
C ALA A 193 -21.48 20.54 -19.73
N LYS A 194 -20.31 20.53 -19.08
CA LYS A 194 -19.14 21.22 -19.62
C LYS A 194 -18.69 20.64 -20.95
N ALA A 195 -18.72 19.31 -21.08
CA ALA A 195 -18.29 18.67 -22.32
C ALA A 195 -19.16 19.11 -23.49
N LEU A 196 -20.43 19.37 -23.21
CA LEU A 196 -21.37 19.83 -24.23
C LEU A 196 -21.13 21.31 -24.54
N ASP A 197 -21.04 22.14 -23.50
CA ASP A 197 -20.80 23.56 -23.69
C ASP A 197 -19.50 23.83 -24.46
N TRP A 198 -18.52 22.95 -24.28
CA TRP A 198 -17.19 23.15 -24.84
C TRP A 198 -16.94 22.22 -26.00
N HIS A 199 -18.04 21.80 -26.64
CA HIS A 199 -17.99 20.89 -27.77
C HIS A 199 -17.05 21.34 -28.90
N THR A 200 -17.01 22.65 -29.17
CA THR A 200 -16.23 23.15 -30.30
C THR A 200 -15.03 23.98 -29.86
N VAL A 201 -14.66 23.89 -28.59
CA VAL A 201 -13.55 24.69 -28.08
C VAL A 201 -12.24 23.94 -28.37
N VAL A 202 -11.72 24.16 -29.56
CA VAL A 202 -10.55 23.42 -30.02
C VAL A 202 -9.30 23.88 -29.24
N LYS A 203 -8.39 22.94 -28.98
CA LYS A 203 -7.15 23.23 -28.27
C LYS A 203 -6.11 22.21 -28.68
N SER A 204 -4.87 22.45 -28.27
CA SER A 204 -3.79 21.51 -28.49
C SER A 204 -3.93 20.27 -27.60
N GLY A 205 -3.82 19.08 -28.18
CA GLY A 205 -3.71 17.88 -27.38
C GLY A 205 -2.36 17.89 -26.66
N ARG A 206 -2.25 17.06 -25.62
CA ARG A 206 -0.98 16.88 -24.92
C ARG A 206 -0.75 15.41 -24.58
N THR A 207 0.39 14.90 -25.03
CA THR A 207 0.81 13.54 -24.68
C THR A 207 2.25 13.61 -24.19
N HIS A 208 2.56 12.93 -23.09
CA HIS A 208 3.87 13.06 -22.42
C HIS A 208 4.12 14.49 -21.98
N LEU A 209 3.05 15.27 -21.84
CA LEU A 209 3.09 16.70 -21.56
C LEU A 209 3.56 17.54 -22.75
N MET A 210 3.82 16.89 -23.88
CA MET A 210 4.30 17.61 -25.06
C MET A 210 3.15 17.89 -26.03
N ASP A 211 3.27 18.96 -26.81
CA ASP A 211 2.22 19.32 -27.77
C ASP A 211 1.91 18.20 -28.74
N ALA A 212 0.63 18.02 -29.04
CA ALA A 212 0.16 16.96 -29.93
C ALA A 212 -0.99 17.51 -30.79
N VAL A 213 -1.54 16.69 -31.67
CA VAL A 213 -2.62 17.11 -32.57
C VAL A 213 -3.87 17.58 -31.80
N PRO A 214 -4.73 18.40 -32.46
CA PRO A 214 -5.82 19.04 -31.71
C PRO A 214 -6.85 18.10 -31.08
N VAL A 215 -7.44 18.57 -30.00
CA VAL A 215 -8.62 17.98 -29.38
C VAL A 215 -9.53 19.14 -29.03
N THR A 216 -10.71 18.86 -28.48
CA THR A 216 -11.50 19.91 -27.88
C THR A 216 -11.54 19.73 -26.38
N LEU A 217 -11.75 20.83 -25.68
CA LEU A 217 -11.97 20.79 -24.24
C LEU A 217 -13.17 19.91 -23.91
N GLY A 218 -14.19 19.96 -24.76
CA GLY A 218 -15.38 19.14 -24.58
C GLY A 218 -15.07 17.65 -24.61
N GLN A 219 -14.17 17.25 -25.51
CA GLN A 219 -13.77 15.84 -25.60
C GLN A 219 -13.03 15.38 -24.34
N GLU A 220 -12.12 16.22 -23.87
CA GLU A 220 -11.42 15.93 -22.61
C GLU A 220 -12.42 15.76 -21.48
N PHE A 221 -13.36 16.68 -21.37
CA PHE A 221 -14.34 16.59 -20.29
C PHE A 221 -15.34 15.43 -20.49
N SER A 222 -15.57 15.00 -21.73
CA SER A 222 -16.34 13.78 -21.96
C SER A 222 -15.60 12.56 -21.42
N GLY A 223 -14.26 12.62 -21.46
CA GLY A 223 -13.45 11.56 -20.89
C GLY A 223 -13.55 11.54 -19.38
N TYR A 224 -13.47 12.72 -18.76
CA TYR A 224 -13.64 12.83 -17.32
C TYR A 224 -15.00 12.29 -16.92
N ALA A 225 -16.04 12.67 -17.67
CA ALA A 225 -17.39 12.23 -17.36
C ALA A 225 -17.46 10.71 -17.38
N ARG A 226 -16.84 10.09 -18.39
CA ARG A 226 -16.88 8.64 -18.48
C ARG A 226 -16.17 7.98 -17.29
N GLN A 227 -15.09 8.60 -16.82
CA GLN A 227 -14.37 8.05 -15.68
C GLN A 227 -15.28 7.97 -14.45
N ILE A 228 -16.10 9.00 -14.26
CA ILE A 228 -17.02 9.10 -13.14
C ILE A 228 -18.20 8.16 -13.36
N GLU A 229 -18.68 8.09 -14.59
CA GLU A 229 -19.71 7.14 -14.95
C GLU A 229 -19.24 5.70 -14.72
N ALA A 230 -18.00 5.41 -15.08
CA ALA A 230 -17.45 4.07 -14.82
C ALA A 230 -17.34 3.85 -13.31
N GLY A 231 -17.03 4.92 -12.57
CA GLY A 231 -17.00 4.86 -11.11
C GLY A 231 -18.34 4.41 -10.54
N ILE A 232 -19.43 4.96 -11.07
CA ILE A 232 -20.75 4.52 -10.64
C ILE A 232 -20.96 3.04 -10.98
N GLU A 233 -20.56 2.60 -12.18
CA GLU A 233 -20.68 1.19 -12.55
C GLU A 233 -19.91 0.29 -11.57
N ARG A 234 -18.73 0.75 -11.18
CA ARG A 234 -17.88 0.03 -10.24
C ARG A 234 -18.55 -0.12 -8.88
N VAL A 235 -19.17 0.94 -8.39
CA VAL A 235 -19.85 0.84 -7.11
C VAL A 235 -21.06 -0.09 -7.23
N ARG A 236 -21.85 0.08 -8.29
CA ARG A 236 -23.00 -0.78 -8.52
CA ARG A 236 -22.99 -0.78 -8.56
C ARG A 236 -22.60 -2.25 -8.57
N ALA A 237 -21.47 -2.53 -9.20
CA ALA A 237 -21.03 -3.90 -9.39
C ALA A 237 -20.67 -4.62 -8.08
N CYS A 238 -20.29 -3.86 -7.04
CA CYS A 238 -19.90 -4.49 -5.79
C CYS A 238 -21.10 -4.75 -4.88
N LEU A 239 -22.24 -4.12 -5.16
CA LEU A 239 -23.38 -4.18 -4.24
C LEU A 239 -23.94 -5.58 -3.96
N PRO A 240 -23.94 -6.52 -4.95
CA PRO A 240 -24.45 -7.86 -4.63
C PRO A 240 -23.73 -8.53 -3.46
N ARG A 241 -22.49 -8.15 -3.20
CA ARG A 241 -21.73 -8.71 -2.09
C ARG A 241 -21.59 -7.72 -0.94
N LEU A 242 -21.56 -6.42 -1.24
CA LEU A 242 -21.50 -5.43 -0.17
C LEU A 242 -22.77 -5.50 0.69
N GLY A 243 -23.90 -5.78 0.07
CA GLY A 243 -25.17 -5.82 0.78
C GLY A 243 -25.46 -7.06 1.62
N GLU A 244 -24.58 -8.07 1.53
CA GLU A 244 -24.76 -9.30 2.30
C GLU A 244 -24.59 -9.06 3.80
N LEU A 245 -25.57 -9.52 4.59
CA LEU A 245 -25.57 -9.33 6.03
C LEU A 245 -25.40 -10.63 6.78
N ALA A 246 -24.63 -10.60 7.87
CA ALA A 246 -24.35 -11.78 8.63
C ALA A 246 -25.44 -12.11 9.66
N ILE A 247 -26.38 -11.19 9.87
CA ILE A 247 -27.35 -11.37 10.95
C ILE A 247 -28.06 -12.73 10.86
N GLY A 248 -28.10 -13.42 11.99
CA GLY A 248 -28.68 -14.75 12.03
C GLY A 248 -27.66 -15.86 12.19
N GLY A 249 -26.40 -15.57 11.88
CA GLY A 249 -25.36 -16.58 11.99
C GLY A 249 -24.86 -16.77 13.41
N THR A 250 -25.30 -15.90 14.31
CA THR A 250 -24.83 -15.83 15.72
C THR A 250 -23.31 -16.00 15.85
N ALA A 251 -22.84 -16.78 16.84
CA ALA A 251 -21.43 -16.66 17.28
C ALA A 251 -20.40 -17.11 16.25
N VAL A 252 -20.67 -18.18 15.52
CA VAL A 252 -19.67 -18.73 14.60
C VAL A 252 -20.17 -18.91 13.17
N GLY A 253 -21.44 -18.61 12.92
CA GLY A 253 -21.99 -18.79 11.59
C GLY A 253 -23.08 -19.85 11.49
N THR A 254 -23.22 -20.66 12.53
CA THR A 254 -24.11 -21.81 12.51
C THR A 254 -25.56 -21.45 12.81
N GLY A 255 -25.79 -20.27 13.36
CA GLY A 255 -27.15 -19.88 13.73
C GLY A 255 -27.65 -20.47 15.04
N LEU A 256 -26.78 -21.20 15.76
CA LEU A 256 -27.11 -21.70 17.10
C LEU A 256 -27.62 -20.58 18.01
N ASN A 257 -28.72 -20.85 18.71
CA ASN A 257 -29.39 -19.92 19.64
C ASN A 257 -30.11 -18.78 18.93
N ALA A 258 -30.40 -18.96 17.65
CA ALA A 258 -31.29 -18.05 16.94
C ALA A 258 -32.32 -18.86 16.19
N PRO A 259 -33.49 -18.27 15.95
CA PRO A 259 -34.46 -18.89 15.04
C PRO A 259 -33.83 -19.19 13.67
N ASP A 260 -34.21 -20.31 13.07
CA ASP A 260 -33.61 -20.73 11.80
C ASP A 260 -33.81 -19.71 10.69
N ASP A 261 -34.90 -18.96 10.76
CA ASP A 261 -35.20 -17.97 9.73
C ASP A 261 -35.01 -16.52 10.23
N PHE A 262 -34.24 -16.35 11.29
CA PHE A 262 -34.01 -15.01 11.86
C PHE A 262 -33.37 -14.08 10.83
N GLY A 263 -32.35 -14.58 10.14
CA GLY A 263 -31.66 -13.83 9.11
C GLY A 263 -32.57 -13.30 8.02
N VAL A 264 -33.30 -14.20 7.35
CA VAL A 264 -34.14 -13.71 6.26
C VAL A 264 -35.25 -12.79 6.82
N ARG A 265 -35.71 -13.05 8.04
CA ARG A 265 -36.78 -12.22 8.60
C ARG A 265 -36.30 -10.80 8.92
N VAL A 266 -35.13 -10.69 9.55
CA VAL A 266 -34.57 -9.39 9.90
C VAL A 266 -34.23 -8.59 8.65
N VAL A 267 -33.64 -9.25 7.66
CA VAL A 267 -33.31 -8.58 6.42
C VAL A 267 -34.59 -8.05 5.73
N ALA A 268 -35.66 -8.84 5.75
CA ALA A 268 -36.89 -8.40 5.09
C ALA A 268 -37.45 -7.15 5.78
N VAL A 269 -37.33 -7.12 7.10
CA VAL A 269 -37.78 -5.94 7.85
C VAL A 269 -36.92 -4.74 7.51
N LEU A 270 -35.60 -4.95 7.43
CA LEU A 270 -34.67 -3.85 7.10
C LEU A 270 -34.98 -3.29 5.71
N VAL A 271 -35.16 -4.17 4.73
CA VAL A 271 -35.51 -3.76 3.37
C VAL A 271 -36.85 -3.00 3.34
N ALA A 272 -37.84 -3.56 4.03
CA ALA A 272 -39.16 -2.94 4.12
C ALA A 272 -39.09 -1.53 4.67
N GLN A 273 -38.30 -1.34 5.73
CA GLN A 273 -38.19 -0.04 6.38
C GLN A 273 -37.30 0.97 5.66
N THR A 274 -36.18 0.51 5.11
CA THR A 274 -35.19 1.43 4.54
C THR A 274 -35.35 1.64 3.03
N GLY A 275 -36.04 0.73 2.36
CA GLY A 275 -36.11 0.77 0.91
C GLY A 275 -34.83 0.28 0.24
N LEU A 276 -33.84 -0.14 1.04
CA LEU A 276 -32.58 -0.63 0.48
C LEU A 276 -32.66 -2.09 0.06
N SER A 277 -33.13 -2.32 -1.17
CA SER A 277 -33.34 -3.67 -1.65
C SER A 277 -32.02 -4.43 -1.86
N GLU A 278 -30.90 -3.70 -1.86
CA GLU A 278 -29.58 -4.32 -1.98
C GLU A 278 -29.19 -5.16 -0.76
N LEU A 279 -29.82 -4.91 0.38
CA LEU A 279 -29.56 -5.68 1.60
C LEU A 279 -30.06 -7.12 1.41
N ARG A 280 -29.24 -8.09 1.80
CA ARG A 280 -29.62 -9.48 1.61
C ARG A 280 -28.93 -10.35 2.63
N THR A 281 -29.51 -11.51 2.92
CA THR A 281 -28.83 -12.49 3.75
C THR A 281 -27.58 -13.02 3.00
N ALA A 282 -26.52 -13.33 3.75
CA ALA A 282 -25.29 -13.81 3.14
C ALA A 282 -25.47 -15.11 2.38
N ALA A 283 -24.72 -15.28 1.29
CA ALA A 283 -24.81 -16.50 0.49
C ALA A 283 -24.29 -17.68 1.30
N ASN A 284 -23.21 -17.45 2.05
CA ASN A 284 -22.68 -18.43 2.98
C ASN A 284 -22.45 -17.79 4.35
N SER A 285 -23.02 -18.38 5.40
CA SER A 285 -23.04 -17.75 6.72
C SER A 285 -21.66 -17.74 7.39
N PHE A 286 -20.81 -18.68 7.00
CA PHE A 286 -19.45 -18.77 7.56
C PHE A 286 -18.49 -17.77 6.89
N GLU A 287 -18.55 -17.65 5.57
CA GLU A 287 -17.81 -16.63 4.82
C GLU A 287 -18.16 -15.23 5.33
N ALA A 288 -19.42 -15.03 5.70
CA ALA A 288 -19.91 -13.73 6.13
C ALA A 288 -19.40 -13.29 7.51
N GLN A 289 -18.86 -14.21 8.29
CA GLN A 289 -18.33 -13.83 9.60
C GLN A 289 -16.83 -14.09 9.71
N ALA A 290 -16.35 -15.10 9.01
CA ALA A 290 -14.92 -15.39 8.96
C ALA A 290 -14.16 -14.33 8.15
N ALA A 291 -14.87 -13.66 7.24
CA ALA A 291 -14.21 -12.67 6.40
C ALA A 291 -15.06 -11.40 6.25
N ARG A 292 -14.41 -10.34 5.80
CA ARG A 292 -15.10 -9.10 5.48
C ARG A 292 -14.74 -8.69 4.05
N ASP A 293 -14.69 -9.70 3.18
CA ASP A 293 -14.18 -9.55 1.83
C ASP A 293 -14.99 -8.54 1.04
N GLY A 294 -16.29 -8.44 1.35
CA GLY A 294 -17.16 -7.48 0.73
C GLY A 294 -16.75 -6.03 0.96
N LEU A 295 -16.15 -5.74 2.11
CA LEU A 295 -15.64 -4.38 2.36
C LEU A 295 -14.35 -4.16 1.58
N VAL A 296 -13.54 -5.19 1.44
CA VAL A 296 -12.28 -5.08 0.70
C VAL A 296 -12.66 -4.80 -0.76
N GLU A 297 -13.65 -5.53 -1.26
CA GLU A 297 -14.12 -5.34 -2.63
C GLU A 297 -14.61 -3.92 -2.86
N ALA A 298 -15.49 -3.44 -1.97
CA ALA A 298 -16.05 -2.09 -2.13
C ALA A 298 -14.97 -1.03 -2.03
N SER A 299 -14.05 -1.18 -1.08
CA SER A 299 -12.95 -0.23 -0.99
C SER A 299 -12.17 -0.14 -2.32
N GLY A 300 -12.01 -1.26 -3.00
CA GLY A 300 -11.33 -1.25 -4.30
C GLY A 300 -12.08 -0.36 -5.29
N ALA A 301 -13.41 -0.38 -5.21
CA ALA A 301 -14.19 0.47 -6.08
C ALA A 301 -13.95 1.95 -5.70
N LEU A 302 -13.91 2.25 -4.40
CA LEU A 302 -13.67 3.63 -3.94
C LEU A 302 -12.27 4.08 -4.33
N ARG A 303 -11.31 3.16 -4.23
CA ARG A 303 -9.91 3.45 -4.56
C ARG A 303 -9.79 3.80 -6.04
N THR A 304 -10.48 3.07 -6.90
CA THR A 304 -10.44 3.36 -8.33
C THR A 304 -11.05 4.75 -8.61
N ILE A 305 -12.12 5.08 -7.91
CA ILE A 305 -12.72 6.41 -8.06
C ILE A 305 -11.73 7.50 -7.65
N ALA A 306 -11.03 7.26 -6.53
CA ALA A 306 -10.01 8.19 -6.06
C ALA A 306 -8.92 8.38 -7.12
N VAL A 307 -8.55 7.30 -7.78
CA VAL A 307 -7.60 7.33 -8.88
C VAL A 307 -8.13 8.16 -10.05
N SER A 308 -9.40 7.97 -10.41
CA SER A 308 -10.00 8.74 -11.46
C SER A 308 -10.06 10.23 -11.10
N LEU A 309 -10.46 10.53 -9.86
CA LEU A 309 -10.58 11.92 -9.40
C LEU A 309 -9.23 12.62 -9.37
N THR A 310 -8.18 11.87 -9.04
CA THR A 310 -6.85 12.49 -9.04
C THR A 310 -6.50 13.01 -10.43
N LYS A 311 -6.67 12.17 -11.44
CA LYS A 311 -6.42 12.56 -12.84
C LYS A 311 -7.26 13.78 -13.26
N ILE A 312 -8.56 13.73 -12.98
CA ILE A 312 -9.46 14.82 -13.33
C ILE A 312 -9.07 16.12 -12.61
N ALA A 313 -8.88 16.02 -11.31
CA ALA A 313 -8.55 17.21 -10.50
C ALA A 313 -7.20 17.79 -10.95
N ASN A 314 -6.27 16.90 -11.29
CA ASN A 314 -4.94 17.37 -11.66
C ASN A 314 -4.94 18.10 -13.00
N ASP A 315 -5.62 17.53 -13.98
CA ASP A 315 -5.74 18.17 -15.28
C ASP A 315 -6.34 19.56 -15.13
N ILE A 316 -7.40 19.65 -14.33
CA ILE A 316 -8.13 20.91 -14.17
C ILE A 316 -7.27 21.97 -13.50
N ARG A 317 -6.53 21.64 -12.45
CA ARG A 317 -5.67 22.65 -11.85
C ARG A 317 -4.50 23.02 -12.77
N TRP A 318 -3.98 22.05 -13.55
CA TRP A 318 -2.98 22.40 -14.55
C TRP A 318 -3.54 23.30 -15.65
N MET A 319 -4.74 23.00 -16.13
CA MET A 319 -5.41 23.83 -17.11
C MET A 319 -5.58 25.24 -16.57
N GLY A 320 -5.80 25.37 -15.26
CA GLY A 320 -5.99 26.67 -14.66
C GLY A 320 -4.71 27.38 -14.23
N SER A 321 -3.57 26.74 -14.44
CA SER A 321 -2.31 27.29 -13.95
C SER A 321 -1.97 28.62 -14.63
N GLY A 322 -1.43 29.56 -13.86
CA GLY A 322 -1.09 30.86 -14.39
C GLY A 322 -1.17 31.97 -13.38
N PRO A 323 -1.56 33.17 -13.83
CA PRO A 323 -2.14 33.45 -15.15
C PRO A 323 -1.13 33.75 -16.26
N LEU A 324 0.15 33.84 -15.94
CA LEU A 324 1.16 34.17 -16.95
C LEU A 324 2.07 33.00 -17.36
N THR A 325 2.67 32.32 -16.39
CA THR A 325 3.71 31.35 -16.72
C THR A 325 3.20 29.92 -16.82
N GLY A 326 1.91 29.71 -16.62
CA GLY A 326 1.31 28.40 -16.67
C GLY A 326 0.60 28.14 -17.99
N LEU A 327 -0.33 27.19 -17.97
CA LEU A 327 -1.03 26.79 -19.19
C LEU A 327 -2.12 27.79 -19.57
N ALA A 328 -2.76 28.37 -18.56
CA ALA A 328 -3.78 29.40 -18.74
C ALA A 328 -4.84 29.01 -19.77
N GLU A 329 -5.30 27.77 -19.71
CA GLU A 329 -6.35 27.28 -20.60
C GLU A 329 -7.75 27.64 -20.10
N ILE A 330 -7.95 27.60 -18.78
CA ILE A 330 -9.25 27.89 -18.19
C ILE A 330 -9.08 28.72 -16.94
N GLN A 331 -10.18 29.26 -16.42
CA GLN A 331 -10.14 29.93 -15.12
C GLN A 331 -11.10 29.25 -14.15
N LEU A 332 -10.60 28.95 -12.96
CA LEU A 332 -11.42 28.35 -11.91
C LEU A 332 -12.15 29.43 -11.14
N PRO A 333 -13.37 29.13 -10.67
CA PRO A 333 -14.12 30.08 -9.84
C PRO A 333 -13.38 30.37 -8.53
N ASP A 334 -13.48 31.62 -8.08
CA ASP A 334 -12.84 32.07 -6.84
C ASP A 334 -13.58 31.55 -5.61
N LEU A 335 -12.83 31.35 -4.53
CA LEU A 335 -13.36 30.69 -3.34
C LEU A 335 -12.78 31.27 -2.06
N GLN A 336 -11.48 31.11 -1.87
CA GLN A 336 -10.81 31.54 -0.65
C GLN A 336 -10.18 32.93 -0.82
N LYS A 345 -3.92 34.92 -9.49
CA LYS A 345 -5.36 34.70 -9.49
C LYS A 345 -5.74 33.56 -8.53
N VAL A 346 -6.83 32.87 -8.86
CA VAL A 346 -7.44 31.89 -7.96
C VAL A 346 -6.60 30.63 -7.73
N ASN A 347 -6.31 30.30 -6.47
CA ASN A 347 -5.74 28.98 -6.16
C ASN A 347 -6.77 27.88 -6.41
N PRO A 348 -6.32 26.73 -6.95
CA PRO A 348 -7.22 25.60 -7.20
C PRO A 348 -7.51 24.82 -5.91
N VAL A 349 -8.24 25.44 -4.98
CA VAL A 349 -8.38 24.86 -3.65
C VAL A 349 -9.27 23.60 -3.66
N LEU A 350 -10.25 23.52 -4.56
CA LEU A 350 -11.07 22.31 -4.60
C LEU A 350 -10.34 21.12 -5.26
N PRO A 351 -9.60 21.33 -6.37
CA PRO A 351 -8.73 20.24 -6.83
C PRO A 351 -7.74 19.78 -5.75
N GLU A 352 -7.24 20.68 -4.92
CA GLU A 352 -6.39 20.26 -3.78
C GLU A 352 -7.20 19.48 -2.75
N ALA A 353 -8.43 19.92 -2.47
CA ALA A 353 -9.29 19.14 -1.57
C ALA A 353 -9.53 17.74 -2.13
N VAL A 354 -9.87 17.66 -3.42
CA VAL A 354 -10.11 16.40 -4.10
C VAL A 354 -8.91 15.46 -4.09
N THR A 355 -7.72 15.98 -4.43
CA THR A 355 -6.54 15.11 -4.47
C THR A 355 -6.08 14.69 -3.07
N GLN A 356 -6.37 15.51 -2.06
CA GLN A 356 -6.09 15.11 -0.69
C GLN A 356 -7.09 14.06 -0.20
N VAL A 357 -8.36 14.20 -0.57
CA VAL A 357 -9.34 13.16 -0.23
C VAL A 357 -8.93 11.83 -0.89
N ALA A 358 -8.57 11.89 -2.16
CA ALA A 358 -8.14 10.68 -2.90
C ALA A 358 -6.98 9.97 -2.20
N ALA A 359 -5.98 10.74 -1.78
CA ALA A 359 -4.88 10.16 -0.99
C ALA A 359 -5.40 9.44 0.26
N GLN A 360 -6.33 10.07 0.98
CA GLN A 360 -6.91 9.43 2.18
C GLN A 360 -7.63 8.12 1.84
N VAL A 361 -8.45 8.15 0.79
CA VAL A 361 -9.18 6.96 0.36
C VAL A 361 -8.20 5.83 0.02
N ILE A 362 -7.08 6.19 -0.61
CA ILE A 362 -6.06 5.19 -0.94
C ILE A 362 -5.38 4.63 0.33
N GLY A 363 -5.10 5.49 1.28
CA GLY A 363 -4.55 5.03 2.56
C GLY A 363 -5.56 4.16 3.29
N ASN A 364 -6.79 4.62 3.40
CA ASN A 364 -7.85 3.84 4.03
C ASN A 364 -7.99 2.46 3.39
N ASP A 365 -7.85 2.43 2.07
CA ASP A 365 -7.99 1.19 1.30
C ASP A 365 -6.92 0.16 1.69
N ALA A 366 -5.68 0.62 1.90
CA ALA A 366 -4.61 -0.24 2.38
C ALA A 366 -4.93 -0.84 3.76
N ALA A 367 -5.40 -0.01 4.69
CA ALA A 367 -5.77 -0.49 6.02
C ALA A 367 -6.91 -1.51 5.97
N ILE A 368 -7.93 -1.24 5.16
CA ILE A 368 -9.04 -2.19 5.00
C ILE A 368 -8.58 -3.56 4.47
N ALA A 369 -7.74 -3.59 3.43
CA ALA A 369 -7.23 -4.87 2.91
C ALA A 369 -6.41 -5.62 3.97
N TRP A 370 -5.59 -4.88 4.69
CA TRP A 370 -4.79 -5.43 5.77
C TRP A 370 -5.66 -6.14 6.81
N GLY A 371 -6.65 -5.43 7.35
CA GLY A 371 -7.57 -6.05 8.27
C GLY A 371 -8.31 -7.21 7.65
N GLY A 372 -8.70 -7.07 6.38
CA GLY A 372 -9.48 -8.09 5.70
C GLY A 372 -8.80 -9.45 5.58
N ALA A 373 -7.48 -9.43 5.38
CA ALA A 373 -6.73 -10.66 5.13
C ALA A 373 -6.47 -11.47 6.39
N ASN A 374 -6.65 -10.83 7.55
CA ASN A 374 -6.12 -11.36 8.79
C ASN A 374 -7.16 -11.86 9.78
N GLY A 375 -8.31 -12.28 9.29
CA GLY A 375 -9.26 -12.98 10.14
C GLY A 375 -8.69 -14.35 10.49
N ALA A 376 -9.30 -15.03 11.44
CA ALA A 376 -8.86 -16.39 11.74
C ALA A 376 -10.07 -17.27 12.04
N PHE A 377 -10.10 -18.45 11.41
CA PHE A 377 -11.19 -19.40 11.58
C PHE A 377 -12.56 -18.76 11.48
N GLU A 378 -13.33 -18.75 12.56
CA GLU A 378 -14.74 -18.39 12.45
C GLU A 378 -15.00 -16.88 12.56
N LEU A 379 -13.96 -16.08 12.69
CA LEU A 379 -14.22 -14.64 12.87
C LEU A 379 -13.08 -13.73 12.46
N ASN A 380 -13.38 -12.74 11.62
CA ASN A 380 -12.43 -11.68 11.35
C ASN A 380 -12.56 -10.63 12.43
N VAL A 381 -11.46 -10.37 13.14
CA VAL A 381 -11.49 -9.44 14.28
C VAL A 381 -10.80 -8.10 13.99
N TYR A 382 -11.07 -7.56 12.80
CA TYR A 382 -10.60 -6.22 12.44
C TYR A 382 -11.76 -5.31 12.06
N ILE A 383 -12.98 -5.70 12.43
CA ILE A 383 -14.16 -5.02 11.87
C ILE A 383 -14.30 -3.53 12.23
N PRO A 384 -14.08 -3.15 13.52
CA PRO A 384 -14.24 -1.73 13.82
C PRO A 384 -13.28 -0.85 13.02
N MET A 385 -12.03 -1.30 12.88
CA MET A 385 -11.05 -0.57 12.07
C MET A 385 -11.52 -0.51 10.60
N MET A 386 -11.96 -1.65 10.07
CA MET A 386 -12.43 -1.71 8.68
C MET A 386 -13.62 -0.80 8.45
N ALA A 387 -14.60 -0.84 9.36
CA ALA A 387 -15.79 -0.01 9.30
C ALA A 387 -15.42 1.45 9.29
N ARG A 388 -14.54 1.84 10.21
CA ARG A 388 -14.10 3.23 10.26
C ARG A 388 -13.60 3.69 8.89
N ASN A 389 -12.73 2.89 8.29
CA ASN A 389 -12.05 3.33 7.09
C ASN A 389 -12.96 3.33 5.87
N ILE A 390 -13.77 2.28 5.72
CA ILE A 390 -14.65 2.21 4.55
C ILE A 390 -15.74 3.28 4.63
N LEU A 391 -16.28 3.51 5.81
CA LEU A 391 -17.37 4.48 5.93
C LEU A 391 -16.83 5.91 5.74
N GLU A 392 -15.63 6.19 6.24
CA GLU A 392 -14.99 7.48 5.98
C GLU A 392 -14.73 7.67 4.49
N SER A 393 -14.26 6.64 3.82
CA SER A 393 -13.97 6.74 2.39
C SER A 393 -15.24 7.10 1.62
N PHE A 394 -16.35 6.43 1.96
CA PHE A 394 -17.65 6.78 1.36
C PHE A 394 -18.02 8.24 1.60
N LYS A 395 -17.86 8.70 2.84
CA LYS A 395 -18.23 10.06 3.22
C LYS A 395 -17.39 11.11 2.50
N LEU A 396 -16.07 10.96 2.53
CA LEU A 396 -15.17 11.94 1.92
C LEU A 396 -15.45 12.07 0.42
N LEU A 397 -15.61 10.94 -0.26
CA LEU A 397 -15.87 10.95 -1.70
C LEU A 397 -17.21 11.55 -2.04
N THR A 398 -18.22 11.26 -1.21
CA THR A 398 -19.56 11.82 -1.42
C THR A 398 -19.48 13.33 -1.33
N ASN A 399 -18.97 13.84 -0.21
CA ASN A 399 -18.97 15.27 0.04
C ASN A 399 -18.07 16.05 -0.89
N VAL A 400 -16.89 15.51 -1.23
CA VAL A 400 -15.98 16.29 -2.04
C VAL A 400 -16.43 16.27 -3.49
N SER A 401 -17.10 15.20 -3.91
CA SER A 401 -17.64 15.15 -5.28
C SER A 401 -18.74 16.19 -5.53
N ARG A 402 -19.64 16.39 -4.57
CA ARG A 402 -20.68 17.40 -4.70
C ARG A 402 -20.07 18.80 -4.73
N LEU A 403 -19.13 19.05 -3.81
CA LEU A 403 -18.39 20.31 -3.76
C LEU A 403 -17.64 20.56 -5.07
N PHE A 404 -16.93 19.54 -5.55
CA PHE A 404 -16.19 19.65 -6.80
C PHE A 404 -17.14 20.03 -7.95
N ALA A 405 -18.24 19.32 -8.06
CA ALA A 405 -19.22 19.56 -9.12
C ALA A 405 -19.82 20.96 -9.08
N GLN A 406 -20.24 21.40 -7.89
CA GLN A 406 -20.97 22.66 -7.75
C GLN A 406 -20.10 23.91 -7.74
N ARG A 407 -18.97 23.84 -7.03
CA ARG A 407 -18.19 25.05 -6.76
C ARG A 407 -16.88 25.11 -7.56
N CYS A 408 -16.60 24.08 -8.35
CA CYS A 408 -15.48 24.15 -9.25
C CYS A 408 -15.93 23.94 -10.70
N ILE A 409 -16.37 22.72 -11.03
CA ILE A 409 -16.68 22.34 -12.41
C ILE A 409 -17.70 23.26 -13.07
N ALA A 410 -18.79 23.53 -12.37
CA ALA A 410 -19.91 24.23 -12.97
C ALA A 410 -19.53 25.66 -13.42
N GLY A 411 -18.64 26.31 -12.67
CA GLY A 411 -18.29 27.69 -12.98
C GLY A 411 -16.96 27.88 -13.72
N LEU A 412 -16.37 26.79 -14.20
CA LEU A 412 -15.16 26.90 -15.02
C LEU A 412 -15.42 27.73 -16.27
N THR A 413 -14.46 28.57 -16.64
CA THR A 413 -14.57 29.33 -17.90
C THR A 413 -13.33 29.13 -18.77
N ALA A 414 -13.55 28.88 -20.06
CA ALA A 414 -12.44 28.60 -20.96
C ALA A 414 -11.95 29.86 -21.67
N ASN A 415 -10.64 29.96 -21.88
CA ASN A 415 -10.07 31.00 -22.72
C ASN A 415 -10.13 30.56 -24.18
N VAL A 416 -11.32 30.68 -24.77
CA VAL A 416 -11.61 30.03 -26.06
C VAL A 416 -10.73 30.50 -27.22
N GLU A 417 -10.65 31.81 -27.44
CA GLU A 417 -9.87 32.35 -28.55
C GLU A 417 -8.41 32.01 -28.39
N HIS A 418 -7.90 32.15 -27.17
CA HIS A 418 -6.51 31.85 -26.89
C HIS A 418 -6.19 30.37 -27.18
N LEU A 419 -7.07 29.46 -26.73
CA LEU A 419 -6.87 28.04 -26.97
C LEU A 419 -6.80 27.74 -28.46
N ARG A 420 -7.70 28.36 -29.23
CA ARG A 420 -7.70 28.14 -30.67
C ARG A 420 -6.44 28.73 -31.30
N ARG A 421 -6.03 29.90 -30.83
CA ARG A 421 -4.83 30.56 -31.34
C ARG A 421 -3.63 29.63 -31.23
N LEU A 422 -3.46 29.03 -30.05
CA LEU A 422 -2.35 28.12 -29.80
C LEU A 422 -2.42 26.87 -30.68
N ALA A 423 -3.62 26.28 -30.79
CA ALA A 423 -3.80 25.11 -31.64
C ALA A 423 -3.43 25.43 -33.08
N GLU A 424 -3.79 26.63 -33.52
CA GLU A 424 -3.55 27.08 -34.90
C GLU A 424 -2.12 27.53 -35.15
N SER A 425 -1.31 27.54 -34.08
CA SER A 425 0.09 27.91 -34.20
C SER A 425 1.05 26.76 -33.88
N SER A 426 0.52 25.57 -33.67
CA SER A 426 1.38 24.47 -33.22
C SER A 426 2.06 23.74 -34.37
N PRO A 427 3.36 23.46 -34.23
CA PRO A 427 4.09 22.59 -35.15
C PRO A 427 3.40 21.25 -35.37
N SER A 428 2.58 20.82 -34.41
CA SER A 428 1.89 19.52 -34.52
C SER A 428 0.89 19.45 -35.68
N ILE A 429 0.51 20.60 -36.23
CA ILE A 429 -0.55 20.57 -37.25
C ILE A 429 -0.04 20.81 -38.66
N VAL A 430 1.27 20.84 -38.86
CA VAL A 430 1.78 21.10 -40.21
C VAL A 430 1.72 19.87 -41.11
N THR A 431 1.46 18.69 -40.55
CA THR A 431 1.48 17.45 -41.33
C THR A 431 0.52 17.41 -42.55
N PRO A 432 -0.73 17.95 -42.43
CA PRO A 432 -1.60 18.04 -43.61
C PRO A 432 -1.10 18.97 -44.71
N LEU A 433 0.03 19.64 -44.49
CA LEU A 433 0.62 20.48 -45.54
C LEU A 433 1.57 19.69 -46.43
N ASN A 434 1.99 18.50 -45.97
CA ASN A 434 3.03 17.72 -46.64
C ASN A 434 2.71 17.44 -48.11
N SER A 435 1.51 16.94 -48.36
CA SER A 435 1.10 16.57 -49.71
C SER A 435 1.07 17.77 -50.66
N ALA A 436 1.09 18.99 -50.10
CA ALA A 436 1.11 20.19 -50.92
C ALA A 436 2.51 20.80 -51.08
N ILE A 437 3.30 20.81 -50.00
CA ILE A 437 4.58 21.53 -50.07
C ILE A 437 5.80 20.71 -49.66
N GLY A 438 5.61 19.44 -49.31
CA GLY A 438 6.71 18.59 -48.87
C GLY A 438 7.02 18.75 -47.39
N TYR A 439 7.44 17.68 -46.74
CA TYR A 439 7.65 17.71 -45.29
C TYR A 439 8.84 18.59 -44.88
N GLU A 440 9.75 18.85 -45.83
CA GLU A 440 10.89 19.71 -45.55
C GLU A 440 10.48 21.17 -45.42
N GLU A 441 9.62 21.65 -46.31
CA GLU A 441 9.12 23.02 -46.21
C GLU A 441 8.10 23.11 -45.06
N ALA A 442 7.34 22.04 -44.86
CA ALA A 442 6.40 21.98 -43.75
C ALA A 442 7.14 22.18 -42.43
N ALA A 443 8.31 21.55 -42.32
CA ALA A 443 9.16 21.72 -41.13
C ALA A 443 9.67 23.15 -40.97
N ALA A 444 10.00 23.80 -42.08
CA ALA A 444 10.49 25.18 -42.03
C ALA A 444 9.39 26.12 -41.58
N VAL A 445 8.18 25.88 -42.08
CA VAL A 445 7.00 26.61 -41.63
C VAL A 445 6.81 26.49 -40.12
N ALA A 446 6.85 25.25 -39.63
CA ALA A 446 6.67 24.98 -38.21
C ALA A 446 7.72 25.67 -37.35
N LYS A 447 8.96 25.66 -37.82
CA LYS A 447 10.05 26.27 -37.05
C LYS A 447 9.91 27.78 -37.05
N GLN A 448 9.53 28.37 -38.17
CA GLN A 448 9.38 29.83 -38.24
C GLN A 448 8.14 30.29 -37.47
N ALA A 449 7.06 29.52 -37.54
CA ALA A 449 5.86 29.88 -36.79
C ALA A 449 6.15 29.97 -35.30
N LEU A 450 6.91 29.02 -34.79
CA LEU A 450 7.22 28.97 -33.37
C LEU A 450 8.12 30.15 -32.98
N LYS A 451 9.15 30.41 -33.79
CA LYS A 451 10.12 31.46 -33.47
C LYS A 451 9.48 32.84 -33.47
N GLU A 452 8.60 33.07 -34.43
CA GLU A 452 7.99 34.39 -34.61
C GLU A 452 6.64 34.49 -33.90
N ARG A 453 6.25 33.40 -33.25
CA ARG A 453 4.99 33.33 -32.51
C ARG A 453 3.78 33.72 -33.37
N LYS A 454 3.66 33.06 -34.52
CA LYS A 454 2.58 33.27 -35.46
C LYS A 454 1.80 31.99 -35.69
N THR A 455 0.61 32.10 -36.26
CA THR A 455 -0.13 30.90 -36.63
C THR A 455 0.62 30.21 -37.78
N ILE A 456 0.31 28.93 -38.00
CA ILE A 456 0.88 28.21 -39.13
C ILE A 456 0.36 28.84 -40.44
N ARG A 457 -0.93 29.16 -40.48
CA ARG A 457 -1.55 29.83 -41.62
C ARG A 457 -0.81 31.10 -42.03
N GLN A 458 -0.53 31.97 -41.06
CA GLN A 458 0.09 33.25 -41.36
C GLN A 458 1.53 33.03 -41.81
N THR A 459 2.16 31.99 -41.29
CA THR A 459 3.53 31.66 -41.64
C THR A 459 3.63 31.13 -43.07
N VAL A 460 2.71 30.26 -43.45
CA VAL A 460 2.61 29.74 -44.81
C VAL A 460 2.47 30.91 -45.79
N ILE A 461 1.58 31.84 -45.44
CA ILE A 461 1.37 33.04 -46.22
C ILE A 461 2.62 33.91 -46.28
N ASP A 462 3.26 34.13 -45.13
CA ASP A 462 4.44 34.97 -45.06
C ASP A 462 5.61 34.41 -45.85
N ARG A 463 5.61 33.10 -46.07
CA ARG A 463 6.70 32.47 -46.80
C ARG A 463 6.38 32.37 -48.29
N GLY A 464 5.31 33.03 -48.70
CA GLY A 464 4.91 33.10 -50.10
C GLY A 464 4.56 31.76 -50.72
N LEU A 465 3.96 30.87 -49.93
CA LEU A 465 3.64 29.54 -50.42
C LEU A 465 2.25 29.52 -51.09
N ILE A 466 1.52 30.62 -51.00
CA ILE A 466 0.21 30.69 -51.62
C ILE A 466 0.37 30.89 -53.13
N GLY A 467 -0.21 29.97 -53.90
CA GLY A 467 -0.11 30.02 -55.35
C GLY A 467 -0.96 28.96 -56.04
N ASP A 468 -0.44 28.39 -57.11
CA ASP A 468 -1.15 27.35 -57.84
C ASP A 468 -0.98 26.00 -57.15
N ARG A 469 0.09 25.88 -56.37
CA ARG A 469 0.36 24.67 -55.60
C ARG A 469 -0.51 24.59 -54.34
N LEU A 470 -1.03 25.73 -53.90
CA LEU A 470 -1.74 25.81 -52.64
C LEU A 470 -2.56 27.10 -52.55
N SER A 471 -3.88 26.98 -52.68
CA SER A 471 -4.73 28.17 -52.56
C SER A 471 -5.05 28.45 -51.09
N ILE A 472 -5.49 29.67 -50.82
CA ILE A 472 -5.81 30.07 -49.46
C ILE A 472 -6.94 29.22 -48.89
N GLU A 473 -7.88 28.82 -49.75
CA GLU A 473 -9.00 27.98 -49.33
C GLU A 473 -8.56 26.54 -49.07
N ASP A 474 -7.59 26.08 -49.86
CA ASP A 474 -7.01 24.76 -49.63
C ASP A 474 -6.21 24.76 -48.33
N LEU A 475 -5.55 25.87 -48.04
CA LEU A 475 -4.76 26.00 -46.82
C LEU A 475 -5.66 25.95 -45.58
N ASP A 476 -6.75 26.70 -45.64
CA ASP A 476 -7.67 26.78 -44.51
C ASP A 476 -8.37 25.46 -44.28
N ARG A 477 -8.57 24.70 -45.34
CA ARG A 477 -9.08 23.35 -45.21
C ARG A 477 -8.04 22.44 -44.56
N ARG A 478 -6.80 22.50 -45.03
CA ARG A 478 -5.75 21.64 -44.49
C ARG A 478 -5.46 21.94 -43.02
N LEU A 479 -5.61 23.20 -42.62
CA LEU A 479 -5.28 23.63 -41.26
C LEU A 479 -6.50 23.85 -40.37
N ASP A 480 -7.63 23.27 -40.77
CA ASP A 480 -8.85 23.37 -39.98
C ASP A 480 -8.68 22.55 -38.71
N VAL A 481 -8.34 23.20 -37.60
CA VAL A 481 -7.98 22.47 -36.39
C VAL A 481 -9.18 21.83 -35.69
N LEU A 482 -10.35 22.45 -35.80
CA LEU A 482 -11.56 21.82 -35.26
C LEU A 482 -11.85 20.51 -35.99
N ALA A 483 -11.79 20.53 -37.32
CA ALA A 483 -11.97 19.30 -38.09
C ALA A 483 -10.94 18.23 -37.72
N MET A 484 -9.69 18.63 -37.49
CA MET A 484 -8.66 17.69 -37.03
C MET A 484 -9.04 17.00 -35.71
N ALA A 485 -9.73 17.72 -34.84
CA ALA A 485 -10.21 17.16 -33.58
C ALA A 485 -11.28 16.08 -33.80
N LYS A 486 -11.92 16.11 -34.96
CA LYS A 486 -12.97 15.17 -35.32
C LYS A 486 -14.09 15.08 -34.28
N ALA A 487 -14.67 16.23 -33.94
CA ALA A 487 -15.76 16.29 -32.97
C ALA A 487 -17.06 15.77 -33.58
N GLU A 488 -17.74 14.88 -32.85
CA GLU A 488 -19.01 14.33 -33.29
C GLU A 488 -20.13 15.36 -33.19
N TYR B 31 26.96 -9.81 -35.04
CA TYR B 31 26.66 -8.39 -34.88
C TYR B 31 26.58 -7.64 -36.21
N ARG B 32 25.35 -7.44 -36.69
CA ARG B 32 25.10 -6.62 -37.88
C ARG B 32 25.08 -5.12 -37.53
N ILE B 33 25.27 -4.27 -38.53
CA ILE B 33 25.33 -2.82 -38.31
C ILE B 33 24.26 -2.07 -39.12
N GLU B 34 23.57 -1.14 -38.46
CA GLU B 34 22.52 -0.36 -39.11
C GLU B 34 22.68 1.14 -38.89
N VAL B 41 24.42 1.72 -35.66
CA VAL B 41 23.90 0.97 -34.52
C VAL B 41 24.21 -0.53 -34.63
N ARG B 42 24.95 -1.04 -33.65
CA ARG B 42 25.33 -2.46 -33.64
C ARG B 42 24.22 -3.35 -33.08
N VAL B 43 23.77 -4.30 -33.88
CA VAL B 43 22.65 -5.18 -33.54
C VAL B 43 23.05 -6.63 -33.68
N PRO B 44 22.76 -7.46 -32.66
CA PRO B 44 23.04 -8.90 -32.70
C PRO B 44 22.59 -9.55 -34.00
N ALA B 45 23.36 -10.53 -34.47
CA ALA B 45 23.13 -11.13 -35.78
C ALA B 45 21.78 -11.84 -35.88
N LYS B 46 21.51 -12.74 -34.94
CA LYS B 46 20.26 -13.50 -34.94
C LYS B 46 19.08 -12.72 -34.37
N ALA B 47 19.20 -11.39 -34.32
CA ALA B 47 18.12 -10.54 -33.82
C ALA B 47 17.20 -10.13 -34.95
N LEU B 48 15.90 -10.30 -34.72
CA LEU B 48 14.90 -9.89 -35.69
C LEU B 48 14.48 -8.43 -35.48
N TRP B 49 14.89 -7.82 -34.36
CA TRP B 49 14.56 -6.41 -34.12
C TRP B 49 15.56 -5.52 -34.87
N ARG B 50 15.26 -4.24 -35.00
CA ARG B 50 16.15 -3.37 -35.76
C ARG B 50 16.69 -2.20 -34.93
N ALA B 51 16.87 -1.05 -35.57
CA ALA B 51 17.60 0.05 -34.97
C ALA B 51 16.87 0.74 -33.81
N GLN B 52 15.57 0.99 -33.96
CA GLN B 52 14.85 1.70 -32.92
C GLN B 52 14.74 0.88 -31.65
N THR B 53 14.59 -0.43 -31.81
CA THR B 53 14.60 -1.34 -30.66
C THR B 53 15.96 -1.36 -29.99
N GLN B 54 17.01 -1.47 -30.79
CA GLN B 54 18.35 -1.52 -30.25
C GLN B 54 18.68 -0.23 -29.49
N ARG B 55 18.18 0.89 -29.99
CA ARG B 55 18.34 2.17 -29.29
C ARG B 55 17.66 2.12 -27.92
N ALA B 56 16.47 1.53 -27.88
CA ALA B 56 15.73 1.43 -26.62
C ALA B 56 16.45 0.51 -25.64
N VAL B 57 17.05 -0.56 -26.15
CA VAL B 57 17.87 -1.46 -25.35
C VAL B 57 18.97 -0.69 -24.63
N GLU B 58 19.64 0.20 -25.36
CA GLU B 58 20.75 0.95 -24.80
C GLU B 58 20.28 2.09 -23.89
N ASN B 59 19.07 2.59 -24.12
CA ASN B 59 18.52 3.69 -23.33
C ASN B 59 17.93 3.34 -21.96
N PHE B 60 17.44 2.12 -21.81
CA PHE B 60 16.79 1.74 -20.57
C PHE B 60 17.36 0.48 -19.90
N PRO B 61 18.68 0.46 -19.60
CA PRO B 61 19.18 -0.68 -18.83
C PRO B 61 18.83 -0.55 -17.34
N ILE B 62 17.58 -0.88 -16.98
CA ILE B 62 17.09 -0.56 -15.65
C ILE B 62 16.76 -1.80 -14.81
N SER B 63 15.85 -2.66 -15.30
CA SER B 63 15.46 -3.86 -14.56
C SER B 63 16.08 -5.14 -15.11
N GLY B 64 16.44 -5.14 -16.39
CA GLY B 64 16.96 -6.35 -17.01
C GLY B 64 15.88 -7.35 -17.37
N ARG B 65 14.63 -6.93 -17.20
CA ARG B 65 13.46 -7.77 -17.50
C ARG B 65 12.60 -7.09 -18.58
N GLY B 66 12.16 -7.87 -19.57
CA GLY B 66 11.41 -7.33 -20.69
C GLY B 66 9.96 -7.82 -20.68
N LEU B 67 9.26 -7.66 -21.79
CA LEU B 67 7.85 -8.07 -21.88
C LEU B 67 7.68 -9.56 -21.62
N GLU B 68 6.51 -9.92 -21.09
CA GLU B 68 6.19 -11.32 -20.83
C GLU B 68 5.59 -11.97 -22.06
N ARG B 69 5.54 -13.30 -22.07
CA ARG B 69 4.96 -14.05 -23.18
C ARG B 69 3.54 -13.60 -23.53
N THR B 70 2.72 -13.31 -22.53
CA THR B 70 1.34 -12.90 -22.79
C THR B 70 1.26 -11.52 -23.44
N GLN B 71 2.19 -10.63 -23.12
CA GLN B 71 2.19 -9.29 -23.74
C GLN B 71 2.69 -9.36 -25.17
N ILE B 72 3.72 -10.17 -25.37
CA ILE B 72 4.25 -10.40 -26.71
C ILE B 72 3.16 -11.00 -27.60
N ARG B 73 2.49 -12.02 -27.09
CA ARG B 73 1.42 -12.67 -27.82
C ARG B 73 0.36 -11.66 -28.23
N ALA B 74 -0.02 -10.81 -27.28
CA ALA B 74 -1.07 -9.82 -27.52
C ALA B 74 -0.67 -8.80 -28.58
N LEU B 75 0.57 -8.34 -28.52
CA LEU B 75 1.07 -7.45 -29.58
C LEU B 75 1.00 -8.15 -30.94
N GLY B 76 1.29 -9.44 -30.98
CA GLY B 76 1.16 -10.21 -32.20
C GLY B 76 -0.29 -10.28 -32.70
N LEU B 77 -1.20 -10.60 -31.80
CA LEU B 77 -2.63 -10.64 -32.15
C LEU B 77 -3.13 -9.31 -32.72
N LEU B 78 -2.75 -8.23 -32.07
CA LEU B 78 -3.20 -6.90 -32.47
C LEU B 78 -2.67 -6.52 -33.87
N LYS B 79 -1.37 -6.70 -34.10
CA LYS B 79 -0.78 -6.34 -35.41
C LYS B 79 -1.39 -7.12 -36.57
N GLY B 80 -1.73 -8.37 -36.32
CA GLY B 80 -2.33 -9.21 -37.35
C GLY B 80 -3.73 -8.76 -37.68
N ALA B 81 -4.50 -8.42 -36.65
CA ALA B 81 -5.85 -7.91 -36.83
C ALA B 81 -5.85 -6.54 -37.54
N CYS B 82 -4.89 -5.69 -37.18
CA CYS B 82 -4.77 -4.39 -37.84
C CYS B 82 -4.49 -4.50 -39.35
N ALA B 83 -3.58 -5.41 -39.71
CA ALA B 83 -3.27 -5.62 -41.13
C ALA B 83 -4.49 -6.18 -41.86
N GLN B 84 -5.16 -7.12 -41.20
CA GLN B 84 -6.39 -7.69 -41.71
C GLN B 84 -7.38 -6.61 -42.08
N VAL B 85 -7.57 -5.65 -41.19
CA VAL B 85 -8.54 -4.59 -41.41
C VAL B 85 -8.05 -3.60 -42.47
N ASN B 86 -6.79 -3.20 -42.39
CA ASN B 86 -6.21 -2.28 -43.38
C ASN B 86 -6.33 -2.83 -44.81
N SER B 87 -6.10 -4.14 -44.93
CA SER B 87 -6.31 -4.85 -46.19
C SER B 87 -7.77 -4.80 -46.62
N ASP B 88 -8.68 -5.10 -45.70
CA ASP B 88 -10.11 -5.12 -46.02
C ASP B 88 -10.60 -3.76 -46.50
N LEU B 89 -10.00 -2.69 -45.98
CA LEU B 89 -10.41 -1.34 -46.33
C LEU B 89 -9.63 -0.81 -47.54
N GLY B 90 -8.81 -1.66 -48.15
CA GLY B 90 -8.05 -1.31 -49.33
C GLY B 90 -6.96 -0.29 -49.09
N LEU B 91 -6.47 -0.25 -47.85
CA LEU B 91 -5.46 0.72 -47.46
C LEU B 91 -4.08 0.09 -47.56
N LEU B 92 -4.03 -1.23 -47.44
CA LEU B 92 -2.78 -1.95 -47.45
C LEU B 92 -2.79 -3.04 -48.53
N ALA B 93 -1.67 -3.18 -49.24
CA ALA B 93 -1.56 -4.16 -50.32
C ALA B 93 -1.64 -5.59 -49.78
N PRO B 94 -2.42 -6.45 -50.46
CA PRO B 94 -2.69 -7.82 -50.01
C PRO B 94 -1.45 -8.64 -49.71
N GLU B 95 -0.41 -8.56 -50.55
CA GLU B 95 0.82 -9.30 -50.29
C GLU B 95 1.52 -8.78 -49.03
N LYS B 96 1.41 -7.48 -48.80
CA LYS B 96 2.01 -6.89 -47.60
C LYS B 96 1.21 -7.28 -46.36
N ALA B 97 -0.11 -7.22 -46.47
CA ALA B 97 -0.99 -7.63 -45.38
C ALA B 97 -0.83 -9.10 -45.03
N ASP B 98 -0.73 -9.96 -46.05
CA ASP B 98 -0.55 -11.40 -45.82
C ASP B 98 0.76 -11.68 -45.07
N ALA B 99 1.81 -10.94 -45.40
CA ALA B 99 3.10 -11.13 -44.73
C ALA B 99 3.06 -10.68 -43.28
N ILE B 100 2.34 -9.60 -42.99
CA ILE B 100 2.17 -9.16 -41.60
C ILE B 100 1.39 -10.21 -40.81
N ILE B 101 0.26 -10.63 -41.36
CA ILE B 101 -0.59 -11.64 -40.71
C ILE B 101 0.17 -12.92 -40.40
N ALA B 102 0.95 -13.41 -41.38
CA ALA B 102 1.73 -14.61 -41.15
C ALA B 102 2.81 -14.38 -40.08
N ALA B 103 3.52 -13.27 -40.17
CA ALA B 103 4.52 -12.93 -39.16
C ALA B 103 3.87 -12.70 -37.78
N ALA B 104 2.72 -12.03 -37.76
CA ALA B 104 2.08 -11.72 -36.49
C ALA B 104 1.52 -12.98 -35.82
N ALA B 105 1.14 -13.98 -36.61
CA ALA B 105 0.69 -15.25 -36.07
C ALA B 105 1.82 -16.04 -35.42
N GLU B 106 3.04 -15.92 -35.95
CA GLU B 106 4.20 -16.58 -35.33
C GLU B 106 4.51 -15.95 -33.97
N ILE B 107 4.40 -14.63 -33.91
CA ILE B 107 4.60 -13.93 -32.64
C ILE B 107 3.54 -14.37 -31.62
N ALA B 108 2.27 -14.38 -32.04
CA ALA B 108 1.19 -14.76 -31.14
C ALA B 108 1.33 -16.21 -30.64
N ASP B 109 2.01 -17.04 -31.43
CA ASP B 109 2.17 -18.45 -31.12
C ASP B 109 3.36 -18.72 -30.19
N GLY B 110 4.15 -17.68 -29.92
CA GLY B 110 5.26 -17.81 -28.99
C GLY B 110 6.58 -18.20 -29.63
N GLN B 111 6.68 -18.04 -30.94
CA GLN B 111 7.88 -18.44 -31.68
C GLN B 111 8.99 -17.40 -31.61
N HIS B 112 8.67 -16.20 -31.13
CA HIS B 112 9.63 -15.10 -31.14
C HIS B 112 9.74 -14.38 -29.81
N ASP B 113 9.62 -15.10 -28.71
CA ASP B 113 9.59 -14.48 -27.39
C ASP B 113 10.97 -13.97 -26.97
N ASP B 114 11.99 -14.28 -27.77
CA ASP B 114 13.34 -13.84 -27.44
C ASP B 114 13.72 -12.64 -28.32
N GLN B 115 12.76 -12.11 -29.07
CA GLN B 115 12.99 -10.97 -29.95
C GLN B 115 12.46 -9.66 -29.36
N PHE B 116 12.19 -9.65 -28.06
CA PHE B 116 11.64 -8.47 -27.37
C PHE B 116 12.47 -8.12 -26.14
N PRO B 117 13.62 -7.47 -26.37
CA PRO B 117 14.65 -7.24 -25.34
C PRO B 117 14.48 -5.95 -24.54
N ILE B 118 13.55 -5.08 -24.93
CA ILE B 118 13.39 -3.79 -24.26
C ILE B 118 12.88 -3.93 -22.84
N ASP B 119 13.53 -3.19 -21.94
CA ASP B 119 13.13 -3.16 -20.55
C ASP B 119 11.67 -2.79 -20.39
N VAL B 120 11.05 -3.35 -19.36
CA VAL B 120 9.74 -2.90 -18.90
C VAL B 120 9.72 -1.39 -18.65
N PHE B 121 10.79 -0.88 -18.06
CA PHE B 121 10.80 0.52 -17.69
C PHE B 121 11.33 1.38 -18.82
N GLN B 122 10.43 1.60 -19.77
CA GLN B 122 10.66 2.31 -21.02
C GLN B 122 9.74 3.52 -21.09
N THR B 123 9.69 4.18 -22.24
CA THR B 123 8.75 5.28 -22.47
C THR B 123 7.35 4.84 -22.03
N GLY B 124 6.65 5.71 -21.31
CA GLY B 124 5.46 5.31 -20.59
C GLY B 124 4.22 5.00 -21.43
N SER B 125 4.30 5.29 -22.72
CA SER B 125 3.23 4.92 -23.64
C SER B 125 3.41 3.48 -24.14
N GLY B 126 4.62 2.96 -24.02
CA GLY B 126 4.97 1.65 -24.54
C GLY B 126 5.33 1.71 -26.03
N THR B 127 5.61 2.91 -26.51
CA THR B 127 5.91 3.08 -27.93
C THR B 127 7.11 2.24 -28.35
N SER B 128 8.10 2.12 -27.47
CA SER B 128 9.31 1.35 -27.78
C SER B 128 8.97 -0.11 -28.06
N SER B 129 8.11 -0.73 -27.25
CA SER B 129 7.76 -2.12 -27.47
C SER B 129 6.87 -2.25 -28.71
N ASN B 130 6.07 -1.21 -28.98
CA ASN B 130 5.28 -1.19 -30.21
C ASN B 130 6.17 -1.21 -31.46
N MET B 131 7.21 -0.39 -31.48
CA MET B 131 8.16 -0.38 -32.58
C MET B 131 8.95 -1.69 -32.66
N ASN B 132 9.30 -2.26 -31.50
CA ASN B 132 9.88 -3.60 -31.40
C ASN B 132 9.08 -4.63 -32.22
N THR B 133 7.77 -4.65 -32.01
CA THR B 133 6.89 -5.56 -32.72
C THR B 133 6.85 -5.25 -34.21
N ASN B 134 6.81 -3.97 -34.55
CA ASN B 134 6.83 -3.54 -35.96
C ASN B 134 8.09 -4.00 -36.67
N GLU B 135 9.24 -3.82 -36.02
CA GLU B 135 10.54 -4.18 -36.59
C GLU B 135 10.74 -5.69 -36.73
N VAL B 136 10.34 -6.44 -35.71
CA VAL B 136 10.45 -7.89 -35.74
C VAL B 136 9.57 -8.47 -36.85
N ILE B 137 8.34 -7.97 -36.96
CA ILE B 137 7.43 -8.38 -38.04
C ILE B 137 8.03 -8.07 -39.43
N ALA B 138 8.65 -6.90 -39.57
CA ALA B 138 9.24 -6.53 -40.85
C ALA B 138 10.39 -7.47 -41.23
N SER B 139 11.21 -7.85 -40.25
CA SER B 139 12.33 -8.74 -40.47
C SER B 139 11.89 -10.16 -40.83
N ILE B 140 10.79 -10.61 -40.22
CA ILE B 140 10.22 -11.92 -40.54
C ILE B 140 9.72 -11.93 -41.99
N ALA B 141 8.98 -10.89 -42.35
CA ALA B 141 8.51 -10.75 -43.73
C ALA B 141 9.67 -10.66 -44.73
N ALA B 142 10.80 -10.10 -44.29
CA ALA B 142 11.97 -9.97 -45.16
C ALA B 142 12.56 -11.34 -45.51
N LYS B 143 12.57 -12.26 -44.56
CA LYS B 143 13.00 -13.63 -44.80
C LYS B 143 12.18 -14.33 -45.89
N GLY B 144 10.96 -13.86 -46.10
CA GLY B 144 10.07 -14.43 -47.09
C GLY B 144 10.04 -13.62 -48.37
N GLY B 145 10.94 -12.64 -48.46
CA GLY B 145 11.11 -11.87 -49.69
C GLY B 145 10.15 -10.71 -49.86
N VAL B 146 9.42 -10.36 -48.80
CA VAL B 146 8.51 -9.23 -48.84
C VAL B 146 9.05 -8.08 -47.98
N THR B 147 9.06 -6.88 -48.56
CA THR B 147 9.56 -5.70 -47.85
C THR B 147 8.42 -4.93 -47.17
N LEU B 148 8.50 -4.85 -45.85
CA LEU B 148 7.56 -4.08 -45.05
C LEU B 148 8.24 -2.90 -44.36
N HIS B 149 7.59 -1.74 -44.40
CA HIS B 149 8.07 -0.60 -43.63
C HIS B 149 7.43 -0.63 -42.26
N PRO B 150 8.25 -0.74 -41.20
CA PRO B 150 7.75 -0.92 -39.83
C PRO B 150 6.66 0.08 -39.47
N ASN B 151 6.89 1.36 -39.78
CA ASN B 151 5.89 2.37 -39.49
C ASN B 151 4.76 2.44 -40.51
N ASP B 152 5.09 2.61 -41.78
CA ASP B 152 4.08 2.91 -42.78
C ASP B 152 3.17 1.72 -43.07
N ASP B 153 3.71 0.51 -42.98
CA ASP B 153 2.93 -0.69 -43.26
C ASP B 153 2.42 -1.39 -42.00
N VAL B 154 3.33 -1.74 -41.09
CA VAL B 154 2.95 -2.53 -39.94
C VAL B 154 2.21 -1.67 -38.91
N ASN B 155 2.50 -0.37 -38.86
CA ASN B 155 1.84 0.51 -37.92
C ASN B 155 0.78 1.39 -38.56
N MET B 156 0.34 1.02 -39.77
CA MET B 156 -0.69 1.76 -40.50
C MET B 156 -2.00 1.88 -39.71
N SER B 157 -2.56 3.09 -39.72
CA SER B 157 -3.82 3.44 -39.04
C SER B 157 -3.71 3.39 -37.51
N GLN B 158 -2.49 3.17 -37.02
CA GLN B 158 -2.25 3.07 -35.59
C GLN B 158 -1.37 4.22 -35.14
N SER B 159 -1.24 4.36 -33.83
CA SER B 159 -0.29 5.33 -33.32
C SER B 159 0.54 4.67 -32.23
N SER B 160 1.52 5.40 -31.74
CA SER B 160 2.37 4.89 -30.67
C SER B 160 1.72 4.99 -29.28
N ASN B 161 0.40 5.27 -29.24
CA ASN B 161 -0.34 5.54 -28.00
C ASN B 161 -1.62 4.73 -27.80
N ASP B 162 -2.17 4.16 -28.87
CA ASP B 162 -3.38 3.37 -28.70
C ASP B 162 -3.10 1.87 -28.89
N THR B 163 -1.89 1.54 -29.34
CA THR B 163 -1.50 0.15 -29.56
C THR B 163 -1.12 -0.61 -28.30
N PHE B 164 -0.16 -0.08 -27.55
CA PHE B 164 0.35 -0.82 -26.39
C PHE B 164 -0.73 -0.99 -25.30
N PRO B 165 -1.49 0.08 -24.97
CA PRO B 165 -2.59 -0.20 -24.03
C PRO B 165 -3.64 -1.19 -24.56
N THR B 166 -3.91 -1.17 -25.85
CA THR B 166 -4.79 -2.17 -26.45
C THR B 166 -4.21 -3.57 -26.23
N ALA B 167 -2.92 -3.74 -26.48
CA ALA B 167 -2.28 -5.04 -26.29
C ALA B 167 -2.33 -5.45 -24.82
N THR B 168 -2.09 -4.50 -23.92
CA THR B 168 -2.20 -4.76 -22.49
C THR B 168 -3.58 -5.27 -22.07
N HIS B 169 -4.62 -4.61 -22.54
CA HIS B 169 -5.96 -5.04 -22.14
C HIS B 169 -6.39 -6.36 -22.80
N ILE B 170 -5.96 -6.62 -24.02
CA ILE B 170 -6.14 -7.93 -24.64
C ILE B 170 -5.51 -9.01 -23.78
N ALA B 171 -4.24 -8.79 -23.40
CA ALA B 171 -3.50 -9.72 -22.57
C ALA B 171 -4.14 -9.93 -21.20
N ALA B 172 -4.58 -8.83 -20.57
CA ALA B 172 -5.17 -8.91 -19.24
C ALA B 172 -6.52 -9.61 -19.30
N THR B 173 -7.28 -9.34 -20.37
CA THR B 173 -8.60 -9.96 -20.54
C THR B 173 -8.44 -11.47 -20.76
N GLU B 174 -7.49 -11.86 -21.60
CA GLU B 174 -7.22 -13.27 -21.86
C GLU B 174 -6.78 -13.98 -20.61
N ALA B 175 -5.89 -13.33 -19.85
CA ALA B 175 -5.41 -13.91 -18.61
C ALA B 175 -6.57 -14.10 -17.63
N ALA B 176 -7.53 -13.18 -17.63
CA ALA B 176 -8.65 -13.30 -16.70
C ALA B 176 -9.60 -14.43 -17.09
N VAL B 177 -9.94 -14.52 -18.37
CA VAL B 177 -11.01 -15.41 -18.81
C VAL B 177 -10.50 -16.82 -19.10
N ALA B 178 -9.36 -16.92 -19.76
CA ALA B 178 -8.86 -18.22 -20.20
C ALA B 178 -7.99 -18.94 -19.16
N HIS B 179 -7.42 -18.19 -18.21
CA HIS B 179 -6.50 -18.81 -17.27
C HIS B 179 -6.87 -18.62 -15.79
N LEU B 180 -7.05 -17.38 -15.35
CA LEU B 180 -7.33 -17.17 -13.93
C LEU B 180 -8.68 -17.78 -13.49
N ILE B 181 -9.75 -17.50 -14.22
CA ILE B 181 -11.06 -17.98 -13.77
C ILE B 181 -11.14 -19.52 -13.75
N PRO B 182 -10.65 -20.20 -14.81
CA PRO B 182 -10.64 -21.68 -14.68
C PRO B 182 -9.80 -22.20 -13.53
N ALA B 183 -8.67 -21.56 -13.26
CA ALA B 183 -7.83 -21.97 -12.14
C ALA B 183 -8.53 -21.74 -10.80
N LEU B 184 -9.26 -20.64 -10.67
CA LEU B 184 -10.01 -20.39 -9.44
C LEU B 184 -11.15 -21.40 -9.29
N GLN B 185 -11.78 -21.75 -10.42
CA GLN B 185 -12.88 -22.72 -10.40
C GLN B 185 -12.35 -24.10 -9.95
N GLN B 186 -11.13 -24.42 -10.34
CA GLN B 186 -10.51 -25.66 -9.94
C GLN B 186 -10.26 -25.68 -8.43
N LEU B 187 -9.80 -24.56 -7.89
CA LEU B 187 -9.60 -24.46 -6.44
C LEU B 187 -10.96 -24.44 -5.72
N HIS B 188 -11.92 -23.71 -6.27
CA HIS B 188 -13.26 -23.72 -5.68
C HIS B 188 -13.77 -25.16 -5.56
N ASP B 189 -13.66 -25.91 -6.65
CA ASP B 189 -14.20 -27.25 -6.71
C ASP B 189 -13.49 -28.18 -5.72
N ALA B 190 -12.19 -27.97 -5.53
CA ALA B 190 -11.44 -28.78 -4.56
C ALA B 190 -11.89 -28.49 -3.14
N LEU B 191 -12.14 -27.21 -2.85
CA LEU B 191 -12.58 -26.80 -1.51
C LEU B 191 -14.00 -27.31 -1.26
N ALA B 192 -14.84 -27.23 -2.29
CA ALA B 192 -16.23 -27.68 -2.17
C ALA B 192 -16.29 -29.18 -1.96
N ALA B 193 -15.40 -29.92 -2.63
CA ALA B 193 -15.33 -31.37 -2.47
C ALA B 193 -14.97 -31.71 -1.03
N LYS B 194 -13.99 -31.01 -0.47
CA LYS B 194 -13.62 -31.23 0.93
C LYS B 194 -14.78 -30.90 1.86
N ALA B 195 -15.48 -29.81 1.56
CA ALA B 195 -16.61 -29.43 2.39
C ALA B 195 -17.67 -30.52 2.38
N LEU B 196 -17.80 -31.21 1.25
CA LEU B 196 -18.77 -32.29 1.16
C LEU B 196 -18.28 -33.51 1.94
N ASP B 197 -17.02 -33.91 1.72
CA ASP B 197 -16.42 -35.04 2.45
C ASP B 197 -16.47 -34.88 3.96
N TRP B 198 -16.37 -33.63 4.42
CA TRP B 198 -16.24 -33.33 5.85
C TRP B 198 -17.52 -32.75 6.45
N HIS B 199 -18.63 -32.99 5.77
CA HIS B 199 -19.91 -32.45 6.17
C HIS B 199 -20.29 -32.80 7.63
N THR B 200 -19.88 -33.97 8.10
CA THR B 200 -20.21 -34.37 9.48
C THR B 200 -19.01 -34.35 10.42
N VAL B 201 -17.88 -33.78 9.99
CA VAL B 201 -16.68 -33.75 10.84
C VAL B 201 -16.77 -32.58 11.85
N VAL B 202 -17.40 -32.84 12.98
CA VAL B 202 -17.63 -31.81 14.00
C VAL B 202 -16.33 -31.44 14.72
N LYS B 203 -16.22 -30.17 15.11
CA LYS B 203 -15.07 -29.64 15.84
C LYS B 203 -15.55 -28.42 16.62
N SER B 204 -14.71 -27.90 17.51
CA SER B 204 -15.00 -26.65 18.18
C SER B 204 -14.71 -25.47 17.25
N GLY B 205 -15.62 -24.50 17.22
CA GLY B 205 -15.34 -23.24 16.55
C GLY B 205 -14.25 -22.49 17.29
N ARG B 206 -13.68 -21.49 16.63
CA ARG B 206 -12.71 -20.60 17.24
C ARG B 206 -13.08 -19.19 16.86
N THR B 207 -13.26 -18.33 17.86
CA THR B 207 -13.47 -16.90 17.62
C THR B 207 -12.50 -16.15 18.52
N HIS B 208 -11.86 -15.10 18.00
CA HIS B 208 -10.76 -14.45 18.73
C HIS B 208 -9.64 -15.42 19.08
N LEU B 209 -9.55 -16.54 18.35
CA LEU B 209 -8.66 -17.67 18.66
C LEU B 209 -9.01 -18.42 19.95
N MET B 210 -10.18 -18.14 20.51
CA MET B 210 -10.62 -18.83 21.73
C MET B 210 -11.73 -19.84 21.45
N ASP B 211 -11.87 -20.84 22.32
CA ASP B 211 -12.87 -21.90 22.15
C ASP B 211 -14.29 -21.35 21.91
N ALA B 212 -15.01 -21.94 20.97
CA ALA B 212 -16.38 -21.51 20.71
C ALA B 212 -17.30 -22.70 20.45
N VAL B 213 -18.58 -22.44 20.24
CA VAL B 213 -19.55 -23.51 19.99
C VAL B 213 -19.19 -24.28 18.70
N PRO B 214 -19.70 -25.52 18.58
CA PRO B 214 -19.30 -26.40 17.47
C PRO B 214 -19.62 -25.90 16.07
N VAL B 215 -18.72 -26.24 15.14
CA VAL B 215 -18.95 -26.13 13.70
C VAL B 215 -18.49 -27.47 13.11
N THR B 216 -18.60 -27.63 11.80
CA THR B 216 -17.96 -28.78 11.16
C THR B 216 -16.81 -28.29 10.29
N LEU B 217 -15.85 -29.17 10.06
CA LEU B 217 -14.78 -28.85 9.14
C LEU B 217 -15.37 -28.53 7.75
N GLY B 218 -16.44 -29.24 7.39
CA GLY B 218 -17.14 -29.00 6.13
C GLY B 218 -17.73 -27.60 5.98
N GLN B 219 -18.33 -27.09 7.04
CA GLN B 219 -18.83 -25.73 7.05
C GLN B 219 -17.71 -24.71 6.83
N GLU B 220 -16.59 -24.87 7.53
CA GLU B 220 -15.45 -23.97 7.33
C GLU B 220 -14.99 -23.99 5.88
N PHE B 221 -14.90 -25.17 5.29
CA PHE B 221 -14.44 -25.26 3.91
C PHE B 221 -15.48 -24.78 2.89
N SER B 222 -16.77 -24.86 3.25
CA SER B 222 -17.81 -24.25 2.42
C SER B 222 -17.62 -22.73 2.43
N GLY B 223 -17.19 -22.20 3.57
CA GLY B 223 -16.82 -20.81 3.70
C GLY B 223 -15.65 -20.43 2.79
N TYR B 224 -14.57 -21.22 2.82
CA TYR B 224 -13.44 -20.99 1.90
C TYR B 224 -13.89 -21.09 0.42
N ALA B 225 -14.70 -22.10 0.12
CA ALA B 225 -15.24 -22.26 -1.24
C ALA B 225 -15.99 -21.01 -1.69
N ARG B 226 -16.87 -20.50 -0.82
CA ARG B 226 -17.62 -19.28 -1.14
C ARG B 226 -16.68 -18.10 -1.39
N GLN B 227 -15.60 -17.96 -0.62
CA GLN B 227 -14.64 -16.88 -0.85
C GLN B 227 -14.05 -16.93 -2.26
N ILE B 228 -13.71 -18.13 -2.71
CA ILE B 228 -13.15 -18.31 -4.05
C ILE B 228 -14.23 -18.11 -5.12
N GLU B 229 -15.44 -18.61 -4.87
CA GLU B 229 -16.56 -18.37 -5.78
C GLU B 229 -16.87 -16.88 -5.94
N ALA B 230 -16.85 -16.16 -4.82
CA ALA B 230 -17.03 -14.70 -4.85
C ALA B 230 -15.89 -14.03 -5.61
N GLY B 231 -14.68 -14.58 -5.51
CA GLY B 231 -13.54 -14.07 -6.25
C GLY B 231 -13.77 -14.14 -7.74
N ILE B 232 -14.34 -15.26 -8.20
CA ILE B 232 -14.64 -15.42 -9.61
C ILE B 232 -15.67 -14.36 -9.99
N GLU B 233 -16.68 -14.16 -9.15
CA GLU B 233 -17.70 -13.14 -9.39
C GLU B 233 -17.06 -11.75 -9.52
N ARG B 234 -16.06 -11.46 -8.70
CA ARG B 234 -15.36 -10.19 -8.71
C ARG B 234 -14.57 -10.00 -10.02
N VAL B 235 -13.94 -11.07 -10.50
CA VAL B 235 -13.19 -10.99 -11.75
C VAL B 235 -14.19 -10.77 -12.88
N ARG B 236 -15.27 -11.55 -12.89
N ARG B 236 -15.27 -11.54 -12.89
CA ARG B 236 -16.29 -11.42 -13.92
CA ARG B 236 -16.27 -11.41 -13.95
C ARG B 236 -16.84 -9.99 -13.97
C ARG B 236 -16.87 -10.00 -13.98
N ALA B 237 -17.05 -9.37 -12.80
CA ALA B 237 -17.68 -8.06 -12.75
C ALA B 237 -16.80 -6.93 -13.29
N CYS B 238 -15.49 -7.14 -13.36
CA CYS B 238 -14.61 -6.10 -13.89
C CYS B 238 -14.40 -6.23 -15.40
N LEU B 239 -14.70 -7.40 -15.96
CA LEU B 239 -14.47 -7.65 -17.40
C LEU B 239 -15.17 -6.67 -18.38
N PRO B 240 -16.37 -6.16 -18.04
CA PRO B 240 -16.97 -5.17 -18.96
C PRO B 240 -16.10 -3.93 -19.22
N ARG B 241 -15.21 -3.62 -18.30
CA ARG B 241 -14.33 -2.47 -18.49
C ARG B 241 -12.89 -2.90 -18.76
N LEU B 242 -12.48 -4.04 -18.21
CA LEU B 242 -11.14 -4.56 -18.50
C LEU B 242 -10.98 -4.86 -20.00
N GLY B 243 -12.07 -5.24 -20.65
CA GLY B 243 -12.04 -5.64 -22.06
C GLY B 243 -12.08 -4.51 -23.06
N GLU B 244 -12.25 -3.27 -22.60
CA GLU B 244 -12.28 -2.10 -23.45
C GLU B 244 -10.92 -1.83 -24.08
N LEU B 245 -10.89 -1.66 -25.41
CA LEU B 245 -9.66 -1.45 -26.15
C LEU B 245 -9.59 -0.04 -26.72
N ALA B 246 -8.40 0.56 -26.66
CA ALA B 246 -8.22 1.93 -27.16
C ALA B 246 -8.02 1.99 -28.68
N ILE B 247 -7.86 0.84 -29.31
CA ILE B 247 -7.42 0.79 -30.72
C ILE B 247 -8.36 1.59 -31.64
N GLY B 248 -7.79 2.42 -32.50
CA GLY B 248 -8.60 3.30 -33.32
C GLY B 248 -8.60 4.75 -32.87
N GLY B 249 -8.27 5.01 -31.61
CA GLY B 249 -8.21 6.38 -31.13
C GLY B 249 -6.96 7.15 -31.56
N THR B 250 -5.99 6.44 -32.13
CA THR B 250 -4.66 6.98 -32.53
C THR B 250 -3.99 7.87 -31.47
N ALA B 251 -3.37 8.98 -31.86
CA ALA B 251 -2.43 9.67 -30.95
C ALA B 251 -3.07 10.28 -29.69
N VAL B 252 -4.26 10.85 -29.80
CA VAL B 252 -4.84 11.57 -28.66
C VAL B 252 -6.26 11.12 -28.31
N GLY B 253 -6.79 10.18 -29.05
CA GLY B 253 -8.12 9.66 -28.79
C GLY B 253 -9.15 10.08 -29.83
N THR B 254 -8.76 10.97 -30.73
CA THR B 254 -9.68 11.52 -31.73
C THR B 254 -9.88 10.62 -32.96
N GLY B 255 -8.99 9.67 -33.16
CA GLY B 255 -9.05 8.80 -34.33
C GLY B 255 -8.47 9.44 -35.58
N LEU B 256 -7.84 10.60 -35.42
CA LEU B 256 -7.15 11.26 -36.53
C LEU B 256 -6.13 10.30 -37.17
N ASN B 257 -6.14 10.25 -38.50
CA ASN B 257 -5.26 9.41 -39.32
C ASN B 257 -5.57 7.91 -39.24
N ALA B 258 -6.77 7.58 -38.77
CA ALA B 258 -7.27 6.21 -38.84
C ALA B 258 -8.66 6.26 -39.44
N PRO B 259 -9.10 5.15 -40.06
CA PRO B 259 -10.51 5.02 -40.48
C PRO B 259 -11.47 5.17 -39.29
N ASP B 260 -12.64 5.76 -39.50
CA ASP B 260 -13.58 6.02 -38.40
C ASP B 260 -14.05 4.74 -37.70
N ASP B 261 -14.12 3.65 -38.44
CA ASP B 261 -14.58 2.37 -37.88
C ASP B 261 -13.43 1.38 -37.65
N PHE B 262 -12.20 1.89 -37.62
CA PHE B 262 -11.04 1.01 -37.43
C PHE B 262 -11.12 0.21 -36.13
N GLY B 263 -11.50 0.89 -35.06
CA GLY B 263 -11.66 0.25 -33.76
C GLY B 263 -12.66 -0.89 -33.79
N VAL B 264 -13.86 -0.65 -34.31
CA VAL B 264 -14.87 -1.72 -34.29
C VAL B 264 -14.46 -2.85 -35.24
N ARG B 265 -13.80 -2.53 -36.35
CA ARG B 265 -13.35 -3.59 -37.27
C ARG B 265 -12.22 -4.44 -36.68
N VAL B 266 -11.25 -3.82 -36.03
CA VAL B 266 -10.17 -4.58 -35.41
C VAL B 266 -10.70 -5.48 -34.29
N VAL B 267 -11.58 -4.93 -33.46
CA VAL B 267 -12.16 -5.69 -32.36
C VAL B 267 -12.96 -6.88 -32.90
N ALA B 268 -13.73 -6.66 -33.97
CA ALA B 268 -14.52 -7.74 -34.57
C ALA B 268 -13.63 -8.92 -34.94
N VAL B 269 -12.47 -8.62 -35.53
CA VAL B 269 -11.51 -9.65 -35.93
C VAL B 269 -10.89 -10.37 -34.72
N LEU B 270 -10.49 -9.60 -33.72
CA LEU B 270 -9.91 -10.17 -32.50
C LEU B 270 -10.89 -11.09 -31.80
N VAL B 271 -12.14 -10.65 -31.67
CA VAL B 271 -13.16 -11.45 -31.01
C VAL B 271 -13.38 -12.76 -31.79
N ALA B 272 -13.43 -12.66 -33.12
CA ALA B 272 -13.62 -13.83 -33.98
C ALA B 272 -12.46 -14.83 -33.87
N GLN B 273 -11.23 -14.32 -33.82
CA GLN B 273 -10.05 -15.18 -33.81
C GLN B 273 -9.74 -15.75 -32.42
N THR B 274 -9.96 -14.96 -31.37
CA THR B 274 -9.57 -15.37 -30.02
C THR B 274 -10.71 -16.03 -29.24
N GLY B 275 -11.95 -15.78 -29.66
CA GLY B 275 -13.08 -16.26 -28.90
C GLY B 275 -13.32 -15.46 -27.62
N LEU B 276 -12.55 -14.40 -27.42
CA LEU B 276 -12.68 -13.55 -26.22
C LEU B 276 -13.79 -12.53 -26.37
N SER B 277 -15.00 -12.89 -26.00
CA SER B 277 -16.17 -12.05 -26.26
C SER B 277 -16.16 -10.79 -25.40
N GLU B 278 -15.34 -10.79 -24.35
CA GLU B 278 -15.25 -9.65 -23.46
C GLU B 278 -14.52 -8.44 -24.10
N LEU B 279 -13.78 -8.68 -25.18
CA LEU B 279 -13.11 -7.58 -25.88
C LEU B 279 -14.13 -6.68 -26.56
N ARG B 280 -13.94 -5.37 -26.44
CA ARG B 280 -14.87 -4.42 -27.02
C ARG B 280 -14.18 -3.09 -27.26
N THR B 281 -14.72 -2.27 -28.18
CA THR B 281 -14.20 -0.91 -28.30
C THR B 281 -14.57 -0.12 -27.06
N ALA B 282 -13.72 0.83 -26.68
CA ALA B 282 -13.94 1.63 -25.49
C ALA B 282 -15.22 2.46 -25.60
N ALA B 283 -15.91 2.66 -24.48
CA ALA B 283 -17.11 3.49 -24.47
C ALA B 283 -16.73 4.93 -24.83
N ASN B 284 -15.61 5.38 -24.29
CA ASN B 284 -15.10 6.71 -24.58
C ASN B 284 -13.63 6.66 -24.96
N SER B 285 -13.32 7.12 -26.17
CA SER B 285 -11.97 6.96 -26.71
C SER B 285 -10.95 7.80 -25.94
N PHE B 286 -11.38 8.90 -25.33
CA PHE B 286 -10.45 9.74 -24.57
C PHE B 286 -10.14 9.14 -23.21
N GLU B 287 -11.17 8.66 -22.53
CA GLU B 287 -10.98 7.94 -21.27
C GLU B 287 -10.06 6.73 -21.46
N ALA B 288 -10.15 6.08 -22.63
CA ALA B 288 -9.41 4.84 -22.86
C ALA B 288 -7.90 5.05 -23.06
N GLN B 289 -7.48 6.29 -23.22
CA GLN B 289 -6.07 6.58 -23.45
C GLN B 289 -5.49 7.50 -22.37
N ALA B 290 -6.33 8.41 -21.87
CA ALA B 290 -5.96 9.31 -20.78
C ALA B 290 -5.83 8.58 -19.45
N ALA B 291 -6.38 7.38 -19.38
CA ALA B 291 -6.38 6.64 -18.12
C ALA B 291 -6.30 5.16 -18.38
N ARG B 292 -5.94 4.43 -17.33
CA ARG B 292 -5.90 2.97 -17.38
C ARG B 292 -6.74 2.45 -16.22
N ASP B 293 -7.89 3.08 -16.00
CA ASP B 293 -8.72 2.79 -14.82
C ASP B 293 -9.22 1.36 -14.78
N GLY B 294 -9.40 0.74 -15.95
CA GLY B 294 -9.82 -0.65 -16.02
C GLY B 294 -8.81 -1.62 -15.44
N LEU B 295 -7.54 -1.26 -15.53
CA LEU B 295 -6.45 -2.04 -14.93
C LEU B 295 -6.44 -1.89 -13.43
N VAL B 296 -6.64 -0.66 -12.96
CA VAL B 296 -6.76 -0.39 -11.53
C VAL B 296 -7.97 -1.15 -10.97
N GLU B 297 -9.07 -1.11 -11.70
CA GLU B 297 -10.27 -1.84 -11.29
C GLU B 297 -10.02 -3.35 -11.16
N ALA B 298 -9.45 -3.93 -12.21
CA ALA B 298 -9.16 -5.37 -12.23
C ALA B 298 -8.17 -5.78 -11.12
N SER B 299 -7.17 -4.95 -10.87
CA SER B 299 -6.22 -5.24 -9.82
C SER B 299 -6.94 -5.27 -8.46
N GLY B 300 -7.97 -4.45 -8.30
CA GLY B 300 -8.77 -4.47 -7.07
C GLY B 300 -9.38 -5.85 -6.84
N ALA B 301 -9.92 -6.44 -7.90
CA ALA B 301 -10.47 -7.78 -7.83
C ALA B 301 -9.39 -8.79 -7.42
N LEU B 302 -8.23 -8.69 -8.06
CA LEU B 302 -7.13 -9.62 -7.79
C LEU B 302 -6.65 -9.48 -6.35
N ARG B 303 -6.61 -8.24 -5.89
CA ARG B 303 -6.19 -7.94 -4.53
C ARG B 303 -7.15 -8.58 -3.53
N THR B 304 -8.44 -8.52 -3.84
CA THR B 304 -9.44 -9.08 -2.95
C THR B 304 -9.25 -10.61 -2.88
N ILE B 305 -8.98 -11.24 -4.02
CA ILE B 305 -8.70 -12.68 -4.05
C ILE B 305 -7.46 -13.02 -3.20
N ALA B 306 -6.42 -12.20 -3.32
CA ALA B 306 -5.23 -12.36 -2.48
C ALA B 306 -5.58 -12.30 -0.99
N VAL B 307 -6.48 -11.39 -0.64
CA VAL B 307 -6.95 -11.28 0.74
C VAL B 307 -7.68 -12.58 1.19
N SER B 308 -8.58 -13.09 0.35
CA SER B 308 -9.30 -14.34 0.60
C SER B 308 -8.33 -15.53 0.75
N LEU B 309 -7.42 -15.66 -0.22
CA LEU B 309 -6.41 -16.71 -0.23
C LEU B 309 -5.55 -16.65 1.01
N THR B 310 -5.26 -15.44 1.49
CA THR B 310 -4.44 -15.31 2.70
C THR B 310 -5.17 -15.95 3.89
N LYS B 311 -6.45 -15.59 4.07
CA LYS B 311 -7.26 -16.18 5.14
C LYS B 311 -7.33 -17.71 5.02
N ILE B 312 -7.62 -18.20 3.82
CA ILE B 312 -7.76 -19.63 3.59
C ILE B 312 -6.47 -20.37 3.89
N ALA B 313 -5.37 -19.86 3.36
CA ALA B 313 -4.08 -20.51 3.49
C ALA B 313 -3.60 -20.46 4.94
N ASN B 314 -3.87 -19.35 5.62
CA ASN B 314 -3.49 -19.22 7.02
C ASN B 314 -4.24 -20.21 7.89
N ASP B 315 -5.56 -20.30 7.70
CA ASP B 315 -6.36 -21.25 8.45
C ASP B 315 -5.83 -22.67 8.22
N ILE B 316 -5.52 -23.01 6.97
CA ILE B 316 -5.10 -24.36 6.65
C ILE B 316 -3.73 -24.72 7.25
N ARG B 317 -2.74 -23.83 7.21
CA ARG B 317 -1.47 -24.19 7.85
C ARG B 317 -1.61 -24.20 9.37
N TRP B 318 -2.47 -23.36 9.94
CA TRP B 318 -2.72 -23.47 11.37
C TRP B 318 -3.43 -24.80 11.71
N MET B 319 -4.41 -25.19 10.90
CA MET B 319 -5.11 -26.45 11.12
C MET B 319 -4.16 -27.65 11.08
N GLY B 320 -3.17 -27.57 10.20
CA GLY B 320 -2.20 -28.65 10.09
C GLY B 320 -0.99 -28.48 11.02
N SER B 321 -1.02 -27.46 11.86
CA SER B 321 0.16 -27.14 12.69
C SER B 321 0.48 -28.23 13.70
N GLY B 322 1.77 -28.39 14.00
CA GLY B 322 2.20 -29.38 14.97
C GLY B 322 3.24 -30.32 14.41
N PRO B 323 3.00 -31.64 14.50
CA PRO B 323 1.76 -32.27 14.96
C PRO B 323 1.59 -32.43 16.46
N LEU B 324 2.63 -32.21 17.27
CA LEU B 324 2.48 -32.42 18.71
C LEU B 324 2.26 -31.12 19.50
N THR B 325 2.69 -29.98 18.97
CA THR B 325 2.61 -28.73 19.73
C THR B 325 1.66 -27.72 19.09
N GLY B 326 0.94 -28.16 18.06
CA GLY B 326 0.02 -27.27 17.38
C GLY B 326 -1.42 -27.73 17.48
N LEU B 327 -2.22 -27.33 16.49
CA LEU B 327 -3.65 -27.60 16.52
C LEU B 327 -3.97 -29.02 16.03
N ALA B 328 -3.17 -29.53 15.10
CA ALA B 328 -3.27 -30.91 14.61
C ALA B 328 -4.69 -31.31 14.21
N GLU B 329 -5.39 -30.41 13.54
CA GLU B 329 -6.76 -30.70 13.08
C GLU B 329 -6.78 -31.49 11.79
N ILE B 330 -5.82 -31.21 10.92
CA ILE B 330 -5.70 -31.89 9.63
C ILE B 330 -4.24 -32.21 9.33
N GLN B 331 -4.05 -33.06 8.33
CA GLN B 331 -2.73 -33.36 7.82
C GLN B 331 -2.63 -32.92 6.36
N LEU B 332 -1.59 -32.15 6.06
CA LEU B 332 -1.32 -31.73 4.69
C LEU B 332 -0.43 -32.77 4.02
N PRO B 333 -0.64 -33.03 2.72
CA PRO B 333 0.27 -33.91 1.98
C PRO B 333 1.72 -33.43 2.04
N ASP B 334 2.65 -34.37 2.22
CA ASP B 334 4.10 -34.06 2.21
C ASP B 334 4.57 -33.78 0.80
N LEU B 335 5.37 -32.73 0.62
CA LEU B 335 5.79 -32.32 -0.72
C LEU B 335 7.31 -32.31 -0.85
N GLN B 336 8.00 -32.07 0.26
CA GLN B 336 9.45 -32.08 0.28
C GLN B 336 9.97 -32.08 1.71
N PRO B 337 11.21 -32.54 1.93
CA PRO B 337 11.80 -32.49 3.27
C PRO B 337 11.88 -31.07 3.81
N GLY B 338 11.71 -30.92 5.12
CA GLY B 338 11.60 -29.59 5.71
C GLY B 338 12.85 -29.06 6.39
N SER B 339 13.65 -29.96 6.94
CA SER B 339 14.77 -29.57 7.80
C SER B 339 15.91 -30.57 7.78
N SER B 340 17.14 -30.06 7.74
CA SER B 340 18.33 -30.89 7.88
C SER B 340 18.54 -31.28 9.34
N ILE B 341 18.36 -30.32 10.23
CA ILE B 341 18.51 -30.52 11.67
C ILE B 341 17.36 -31.35 12.24
N MET B 342 16.18 -31.25 11.63
CA MET B 342 15.00 -31.98 12.09
C MET B 342 14.43 -32.86 10.96
N PRO B 343 15.05 -34.04 10.76
CA PRO B 343 14.87 -34.94 9.62
C PRO B 343 13.43 -35.27 9.22
N GLY B 344 12.55 -35.49 10.20
CA GLY B 344 11.18 -35.86 9.89
C GLY B 344 10.20 -34.71 9.78
N LYS B 345 10.68 -33.50 10.03
CA LYS B 345 9.82 -32.31 10.02
C LYS B 345 9.38 -31.96 8.59
N VAL B 346 8.06 -31.91 8.35
CA VAL B 346 7.55 -31.49 7.04
C VAL B 346 6.68 -30.23 7.15
N ASN B 347 6.99 -29.24 6.33
CA ASN B 347 6.43 -27.90 6.47
C ASN B 347 5.29 -27.61 5.48
N PRO B 348 4.36 -26.71 5.86
CA PRO B 348 3.27 -26.35 4.94
C PRO B 348 3.74 -25.42 3.83
N VAL B 349 4.45 -25.95 2.85
CA VAL B 349 5.10 -25.12 1.86
C VAL B 349 4.12 -24.52 0.85
N LEU B 350 2.99 -25.17 0.59
CA LEU B 350 2.05 -24.59 -0.37
C LEU B 350 1.31 -23.39 0.24
N PRO B 351 0.79 -23.52 1.48
CA PRO B 351 0.28 -22.31 2.13
C PRO B 351 1.31 -21.19 2.22
N GLU B 352 2.58 -21.51 2.42
CA GLU B 352 3.61 -20.46 2.41
C GLU B 352 3.77 -19.85 1.01
N ALA B 353 3.69 -20.68 -0.03
CA ALA B 353 3.76 -20.16 -1.38
C ALA B 353 2.53 -19.27 -1.67
N VAL B 354 1.36 -19.71 -1.24
CA VAL B 354 0.13 -18.93 -1.46
C VAL B 354 0.18 -17.57 -0.74
N THR B 355 0.61 -17.55 0.52
CA THR B 355 0.61 -16.30 1.25
C THR B 355 1.68 -15.32 0.72
N GLN B 356 2.80 -15.85 0.21
CA GLN B 356 3.80 -14.98 -0.39
C GLN B 356 3.32 -14.40 -1.73
N VAL B 357 2.72 -15.23 -2.56
CA VAL B 357 2.04 -14.75 -3.76
C VAL B 357 1.04 -13.64 -3.41
N ALA B 358 0.22 -13.88 -2.40
CA ALA B 358 -0.73 -12.87 -1.95
C ALA B 358 -0.05 -11.54 -1.60
N ALA B 359 1.04 -11.58 -0.84
CA ALA B 359 1.77 -10.34 -0.55
C ALA B 359 2.23 -9.64 -1.83
N GLN B 360 2.67 -10.42 -2.81
CA GLN B 360 3.14 -9.83 -4.05
C GLN B 360 1.98 -9.12 -4.78
N VAL B 361 0.83 -9.78 -4.85
CA VAL B 361 -0.32 -9.20 -5.53
C VAL B 361 -0.72 -7.87 -4.86
N ILE B 362 -0.66 -7.81 -3.54
CA ILE B 362 -0.98 -6.56 -2.83
C ILE B 362 0.04 -5.46 -3.15
N GLY B 363 1.32 -5.83 -3.20
CA GLY B 363 2.34 -4.89 -3.63
C GLY B 363 2.11 -4.42 -5.06
N ASN B 364 1.91 -5.36 -5.97
CA ASN B 364 1.67 -5.01 -7.36
C ASN B 364 0.45 -4.11 -7.51
N ASP B 365 -0.56 -4.33 -6.68
CA ASP B 365 -1.80 -3.57 -6.73
C ASP B 365 -1.54 -2.09 -6.39
N ALA B 366 -0.64 -1.85 -5.44
CA ALA B 366 -0.31 -0.48 -5.04
C ALA B 366 0.45 0.21 -6.16
N ALA B 367 1.30 -0.53 -6.87
CA ALA B 367 2.07 0.04 -7.98
C ALA B 367 1.12 0.43 -9.14
N ILE B 368 0.14 -0.41 -9.39
CA ILE B 368 -0.85 -0.18 -10.46
C ILE B 368 -1.73 1.06 -10.19
N ALA B 369 -2.18 1.22 -8.95
CA ALA B 369 -3.02 2.36 -8.58
C ALA B 369 -2.21 3.65 -8.68
N TRP B 370 -0.93 3.57 -8.29
CA TRP B 370 -0.03 4.69 -8.33
C TRP B 370 0.14 5.18 -9.77
N GLY B 371 0.45 4.25 -10.67
CA GLY B 371 0.57 4.55 -12.09
C GLY B 371 -0.73 5.05 -12.68
N GLY B 372 -1.84 4.43 -12.29
CA GLY B 372 -3.15 4.80 -12.81
C GLY B 372 -3.63 6.21 -12.49
N ALA B 373 -3.26 6.72 -11.32
CA ALA B 373 -3.73 8.03 -10.89
C ALA B 373 -2.98 9.16 -11.58
N ASN B 374 -1.83 8.85 -12.15
CA ASN B 374 -0.92 9.91 -12.55
C ASN B 374 -0.79 10.14 -14.04
N GLY B 375 -1.87 9.89 -14.77
CA GLY B 375 -1.93 10.27 -16.16
C GLY B 375 -1.99 11.79 -16.29
N ALA B 376 -1.76 12.29 -17.50
CA ALA B 376 -1.88 13.72 -17.73
C ALA B 376 -2.52 13.96 -19.08
N PHE B 377 -3.58 14.77 -19.07
CA PHE B 377 -4.26 15.15 -20.28
C PHE B 377 -4.58 13.93 -21.16
N GLU B 378 -4.03 13.86 -22.37
CA GLU B 378 -4.52 12.86 -23.32
C GLU B 378 -3.88 11.48 -23.20
N LEU B 379 -2.99 11.29 -22.22
CA LEU B 379 -2.27 10.01 -22.14
C LEU B 379 -1.74 9.64 -20.76
N ASN B 380 -2.12 8.46 -20.25
CA ASN B 380 -1.47 7.94 -19.07
C ASN B 380 -0.15 7.32 -19.51
N VAL B 381 0.96 7.76 -18.93
CA VAL B 381 2.26 7.25 -19.39
C VAL B 381 2.92 6.35 -18.33
N TYR B 382 2.13 5.45 -17.74
CA TYR B 382 2.64 4.44 -16.82
C TYR B 382 2.32 3.04 -17.30
N ILE B 383 1.95 2.91 -18.58
CA ILE B 383 1.38 1.64 -19.07
C ILE B 383 2.31 0.43 -18.94
N PRO B 384 3.60 0.56 -19.33
CA PRO B 384 4.43 -0.64 -19.23
C PRO B 384 4.59 -1.16 -17.78
N MET B 385 4.70 -0.25 -16.82
CA MET B 385 4.83 -0.66 -15.43
C MET B 385 3.50 -1.26 -14.93
N MET B 386 2.39 -0.62 -15.28
CA MET B 386 1.07 -1.14 -14.91
C MET B 386 0.81 -2.51 -15.56
N ALA B 387 1.18 -2.65 -16.83
CA ALA B 387 1.07 -3.92 -17.55
C ALA B 387 1.85 -5.03 -16.88
N ARG B 388 3.13 -4.76 -16.58
CA ARG B 388 3.96 -5.74 -15.89
C ARG B 388 3.26 -6.25 -14.63
N ASN B 389 2.75 -5.32 -13.81
CA ASN B 389 2.23 -5.71 -12.52
C ASN B 389 0.91 -6.44 -12.60
N ILE B 390 -0.02 -5.98 -13.43
CA ILE B 390 -1.32 -6.65 -13.50
C ILE B 390 -1.18 -8.07 -14.10
N LEU B 391 -0.33 -8.23 -15.11
CA LEU B 391 -0.20 -9.52 -15.78
C LEU B 391 0.54 -10.49 -14.86
N GLU B 392 1.51 -9.99 -14.11
CA GLU B 392 2.18 -10.82 -13.11
C GLU B 392 1.17 -11.31 -12.06
N SER B 393 0.35 -10.41 -11.54
CA SER B 393 -0.65 -10.80 -10.54
C SER B 393 -1.59 -11.89 -11.09
N PHE B 394 -2.05 -11.74 -12.33
CA PHE B 394 -2.87 -12.77 -12.95
C PHE B 394 -2.12 -14.10 -12.97
N LYS B 395 -0.87 -14.07 -13.44
CA LYS B 395 -0.04 -15.26 -13.59
C LYS B 395 0.21 -15.98 -12.25
N LEU B 396 0.62 -15.23 -11.23
CA LEU B 396 0.94 -15.82 -9.93
C LEU B 396 -0.30 -16.44 -9.29
N LEU B 397 -1.42 -15.73 -9.35
CA LEU B 397 -2.66 -16.24 -8.78
C LEU B 397 -3.15 -17.47 -9.51
N THR B 398 -3.06 -17.45 -10.85
CA THR B 398 -3.47 -18.59 -11.65
C THR B 398 -2.67 -19.83 -11.28
N ASN B 399 -1.34 -19.69 -11.28
CA ASN B 399 -0.47 -20.81 -11.05
C ASN B 399 -0.53 -21.30 -9.62
N VAL B 400 -0.58 -20.39 -8.65
CA VAL B 400 -0.56 -20.86 -7.25
C VAL B 400 -1.93 -21.43 -6.86
N SER B 401 -3.01 -20.97 -7.51
CA SER B 401 -4.32 -21.55 -7.20
C SER B 401 -4.42 -23.02 -7.63
N ARG B 402 -3.87 -23.34 -8.80
CA ARG B 402 -3.92 -24.71 -9.29
C ARG B 402 -3.03 -25.61 -8.43
N LEU B 403 -1.83 -25.14 -8.09
CA LEU B 403 -0.93 -25.91 -7.25
C LEU B 403 -1.53 -26.15 -5.86
N PHE B 404 -2.15 -25.11 -5.31
CA PHE B 404 -2.83 -25.17 -4.01
C PHE B 404 -3.94 -26.23 -4.05
N ALA B 405 -4.76 -26.19 -5.11
CA ALA B 405 -5.86 -27.15 -5.23
C ALA B 405 -5.35 -28.59 -5.38
N GLN B 406 -4.40 -28.80 -6.29
CA GLN B 406 -3.90 -30.15 -6.62
C GLN B 406 -2.95 -30.74 -5.59
N ARG B 407 -2.02 -29.94 -5.08
CA ARG B 407 -0.92 -30.49 -4.28
C ARG B 407 -1.11 -30.27 -2.79
N CYS B 408 -2.22 -29.64 -2.41
CA CYS B 408 -2.50 -29.41 -1.00
C CYS B 408 -3.95 -29.80 -0.66
N ILE B 409 -4.92 -29.03 -1.16
CA ILE B 409 -6.33 -29.23 -0.76
C ILE B 409 -6.84 -30.65 -1.03
N ALA B 410 -6.61 -31.14 -2.25
CA ALA B 410 -7.13 -32.44 -2.67
C ALA B 410 -6.67 -33.57 -1.75
N GLY B 411 -5.44 -33.48 -1.23
CA GLY B 411 -4.92 -34.54 -0.40
C GLY B 411 -5.08 -34.37 1.10
N LEU B 412 -5.74 -33.31 1.55
CA LEU B 412 -5.91 -33.08 2.99
C LEU B 412 -6.67 -34.22 3.67
N THR B 413 -6.23 -34.62 4.86
CA THR B 413 -7.01 -35.56 5.65
C THR B 413 -7.34 -34.98 7.02
N ALA B 414 -8.54 -35.27 7.52
CA ALA B 414 -8.99 -34.73 8.79
C ALA B 414 -8.69 -35.67 9.95
N ASN B 415 -8.34 -35.10 11.09
CA ASN B 415 -8.16 -35.90 12.30
C ASN B 415 -9.48 -35.96 13.05
N VAL B 416 -10.40 -36.77 12.51
CA VAL B 416 -11.80 -36.75 12.92
C VAL B 416 -11.99 -36.98 14.41
N GLU B 417 -11.35 -38.01 14.95
CA GLU B 417 -11.55 -38.40 16.34
C GLU B 417 -11.02 -37.31 17.28
N HIS B 418 -9.87 -36.74 16.93
CA HIS B 418 -9.30 -35.64 17.70
C HIS B 418 -10.29 -34.47 17.76
N LEU B 419 -10.83 -34.06 16.62
CA LEU B 419 -11.75 -32.94 16.54
C LEU B 419 -13.00 -33.18 17.38
N ARG B 420 -13.55 -34.38 17.27
CA ARG B 420 -14.80 -34.70 17.95
C ARG B 420 -14.56 -34.74 19.47
N ARG B 421 -13.40 -35.25 19.89
CA ARG B 421 -13.10 -35.33 21.32
C ARG B 421 -13.10 -33.95 21.96
N LEU B 422 -12.41 -33.00 21.33
CA LEU B 422 -12.40 -31.62 21.83
C LEU B 422 -13.80 -31.03 21.88
N ALA B 423 -14.59 -31.26 20.84
CA ALA B 423 -15.95 -30.72 20.81
C ALA B 423 -16.78 -31.27 21.97
N GLU B 424 -16.65 -32.57 22.22
CA GLU B 424 -17.47 -33.24 23.24
C GLU B 424 -17.01 -32.90 24.66
N SER B 425 -15.85 -32.25 24.76
CA SER B 425 -15.30 -31.84 26.06
C SER B 425 -15.35 -30.34 26.26
N SER B 426 -16.07 -29.64 25.38
CA SER B 426 -16.05 -28.19 25.40
C SER B 426 -17.10 -27.59 26.35
N PRO B 427 -16.66 -26.70 27.25
CA PRO B 427 -17.56 -25.91 28.10
C PRO B 427 -18.68 -25.25 27.30
N SER B 428 -18.40 -24.89 26.04
CA SER B 428 -19.37 -24.20 25.19
C SER B 428 -20.65 -24.98 24.86
N ILE B 429 -20.64 -26.30 25.04
CA ILE B 429 -21.81 -27.10 24.66
C ILE B 429 -22.76 -27.39 25.82
N VAL B 430 -22.54 -26.75 26.97
CA VAL B 430 -23.41 -27.03 28.13
C VAL B 430 -24.73 -26.27 28.07
N THR B 431 -24.82 -25.27 27.20
CA THR B 431 -26.02 -24.44 27.09
C THR B 431 -27.32 -25.24 26.89
N PRO B 432 -27.32 -26.26 26.00
CA PRO B 432 -28.59 -26.99 25.82
C PRO B 432 -29.03 -27.79 27.06
N LEU B 433 -28.22 -27.79 28.11
CA LEU B 433 -28.60 -28.42 29.37
C LEU B 433 -29.44 -27.50 30.25
N ASN B 434 -29.42 -26.20 29.92
CA ASN B 434 -30.08 -25.19 30.75
C ASN B 434 -31.53 -25.50 31.11
N SER B 435 -32.32 -25.91 30.12
CA SER B 435 -33.75 -26.11 30.33
C SER B 435 -34.05 -27.38 31.13
N ALA B 436 -33.01 -28.15 31.44
CA ALA B 436 -33.19 -29.39 32.20
C ALA B 436 -32.62 -29.28 33.60
N ILE B 437 -31.51 -28.57 33.76
CA ILE B 437 -30.80 -28.54 35.04
C ILE B 437 -30.47 -27.13 35.51
N GLY B 438 -30.76 -26.13 34.69
CA GLY B 438 -30.50 -24.74 35.03
C GLY B 438 -29.09 -24.31 34.67
N TYR B 439 -28.95 -23.04 34.29
CA TYR B 439 -27.66 -22.55 33.78
C TYR B 439 -26.57 -22.54 34.84
N GLU B 440 -26.95 -22.38 36.10
CA GLU B 440 -25.95 -22.41 37.17
C GLU B 440 -25.31 -23.79 37.34
N GLU B 441 -26.11 -24.85 37.20
CA GLU B 441 -25.58 -26.21 37.30
C GLU B 441 -24.82 -26.61 36.04
N ALA B 442 -25.27 -26.10 34.89
CA ALA B 442 -24.57 -26.28 33.63
C ALA B 442 -23.19 -25.61 33.68
N ALA B 443 -23.12 -24.43 34.30
CA ALA B 443 -21.85 -23.73 34.50
C ALA B 443 -20.91 -24.56 35.37
N ALA B 444 -21.46 -25.20 36.40
CA ALA B 444 -20.70 -26.09 37.28
C ALA B 444 -20.18 -27.33 36.54
N VAL B 445 -21.02 -27.90 35.68
CA VAL B 445 -20.64 -29.02 34.82
C VAL B 445 -19.45 -28.62 33.94
N ALA B 446 -19.51 -27.44 33.35
CA ALA B 446 -18.46 -26.93 32.48
C ALA B 446 -17.15 -26.75 33.23
N LYS B 447 -17.22 -26.18 34.43
CA LYS B 447 -16.04 -25.89 35.23
C LYS B 447 -15.36 -27.18 35.66
N GLN B 448 -16.15 -28.16 36.07
CA GLN B 448 -15.61 -29.44 36.51
C GLN B 448 -15.01 -30.25 35.36
N ALA B 449 -15.72 -30.32 34.24
CA ALA B 449 -15.24 -31.05 33.06
C ALA B 449 -13.90 -30.49 32.59
N LEU B 450 -13.81 -29.17 32.60
CA LEU B 450 -12.63 -28.46 32.12
C LEU B 450 -11.46 -28.72 33.06
N LYS B 451 -11.76 -28.87 34.34
CA LYS B 451 -10.72 -29.10 35.35
C LYS B 451 -10.30 -30.56 35.45
N GLU B 452 -11.26 -31.47 35.29
CA GLU B 452 -10.97 -32.91 35.39
C GLU B 452 -10.72 -33.53 34.03
N ARG B 453 -10.55 -32.68 33.03
CA ARG B 453 -10.37 -33.09 31.62
C ARG B 453 -11.28 -34.24 31.19
N LYS B 454 -12.58 -34.09 31.42
CA LYS B 454 -13.56 -35.08 31.01
C LYS B 454 -14.51 -34.53 29.95
N THR B 455 -15.24 -35.41 29.29
CA THR B 455 -16.30 -34.96 28.38
C THR B 455 -17.42 -34.33 29.20
N ILE B 456 -18.24 -33.51 28.56
CA ILE B 456 -19.37 -32.89 29.23
C ILE B 456 -20.37 -33.96 29.66
N ARG B 457 -20.56 -34.95 28.80
CA ARG B 457 -21.48 -36.06 29.06
C ARG B 457 -21.09 -36.82 30.32
N GLN B 458 -19.80 -37.14 30.44
CA GLN B 458 -19.32 -37.90 31.59
C GLN B 458 -19.40 -37.10 32.88
N THR B 459 -19.16 -35.80 32.78
CA THR B 459 -19.23 -34.92 33.95
C THR B 459 -20.65 -34.80 34.49
N VAL B 460 -21.63 -34.72 33.58
CA VAL B 460 -23.04 -34.70 33.98
C VAL B 460 -23.39 -35.97 34.74
N ILE B 461 -22.88 -37.09 34.24
CA ILE B 461 -23.05 -38.38 34.89
C ILE B 461 -22.39 -38.41 36.27
N ASP B 462 -21.11 -38.02 36.31
CA ASP B 462 -20.32 -38.07 37.54
C ASP B 462 -20.82 -37.11 38.63
N ARG B 463 -21.76 -36.24 38.27
CA ARG B 463 -22.36 -35.33 39.25
C ARG B 463 -23.75 -35.81 39.66
N GLY B 464 -24.19 -36.92 39.06
CA GLY B 464 -25.45 -37.55 39.40
C GLY B 464 -26.71 -36.79 39.03
N LEU B 465 -26.69 -36.11 37.89
CA LEU B 465 -27.83 -35.30 37.47
C LEU B 465 -28.84 -36.09 36.65
N ILE B 466 -28.47 -37.30 36.26
CA ILE B 466 -29.39 -38.16 35.50
C ILE B 466 -30.43 -38.75 36.42
N GLY B 467 -31.63 -38.18 36.39
CA GLY B 467 -32.71 -38.63 37.25
C GLY B 467 -34.02 -38.61 36.49
N ASP B 468 -35.04 -38.00 37.09
CA ASP B 468 -36.37 -37.99 36.48
C ASP B 468 -36.61 -36.72 35.65
N ARG B 469 -35.69 -35.77 35.70
CA ARG B 469 -35.79 -34.58 34.87
C ARG B 469 -34.84 -34.66 33.68
N LEU B 470 -34.03 -35.72 33.65
CA LEU B 470 -33.03 -35.87 32.61
C LEU B 470 -32.55 -37.33 32.48
N SER B 471 -32.94 -37.99 31.40
CA SER B 471 -32.48 -39.35 31.11
C SER B 471 -31.12 -39.33 30.42
N ILE B 472 -30.50 -40.50 30.30
CA ILE B 472 -29.24 -40.61 29.56
C ILE B 472 -29.53 -40.48 28.07
N GLU B 473 -30.76 -40.80 27.70
CA GLU B 473 -31.23 -40.66 26.34
C GLU B 473 -31.39 -39.18 26.00
N ASP B 474 -31.98 -38.44 26.93
CA ASP B 474 -32.20 -37.00 26.76
C ASP B 474 -30.87 -36.23 26.79
N LEU B 475 -29.91 -36.73 27.55
CA LEU B 475 -28.61 -36.09 27.68
C LEU B 475 -27.82 -36.16 26.36
N ASP B 476 -27.78 -37.35 25.77
CA ASP B 476 -27.10 -37.55 24.50
C ASP B 476 -27.76 -36.73 23.38
N ARG B 477 -29.08 -36.59 23.45
CA ARG B 477 -29.81 -35.75 22.52
C ARG B 477 -29.42 -34.26 22.67
N ARG B 478 -29.32 -33.81 23.91
CA ARG B 478 -28.98 -32.42 24.19
C ARG B 478 -27.50 -32.10 23.92
N LEU B 479 -26.63 -33.07 24.10
CA LEU B 479 -25.20 -32.86 23.88
C LEU B 479 -24.74 -33.41 22.53
N ASP B 480 -25.67 -33.58 21.60
CA ASP B 480 -25.34 -33.99 20.24
C ASP B 480 -24.60 -32.83 19.58
N VAL B 481 -23.27 -32.93 19.50
CA VAL B 481 -22.51 -31.79 19.02
C VAL B 481 -22.69 -31.55 17.52
N LEU B 482 -22.88 -32.63 16.75
CA LEU B 482 -23.12 -32.47 15.33
C LEU B 482 -24.41 -31.68 15.11
N ALA B 483 -25.46 -32.02 15.86
CA ALA B 483 -26.71 -31.27 15.79
C ALA B 483 -26.52 -29.79 16.22
N MET B 484 -25.59 -29.54 17.13
CA MET B 484 -25.31 -28.16 17.56
C MET B 484 -24.66 -27.34 16.45
N ALA B 485 -23.90 -28.00 15.59
CA ALA B 485 -23.31 -27.33 14.44
C ALA B 485 -24.40 -26.99 13.42
N LYS B 486 -25.56 -27.62 13.56
CA LYS B 486 -26.71 -27.42 12.68
C LYS B 486 -26.34 -27.52 11.20
N ALA B 487 -25.71 -28.62 10.83
CA ALA B 487 -25.32 -28.83 9.44
C ALA B 487 -26.55 -29.14 8.58
N GLU B 488 -26.64 -28.50 7.42
CA GLU B 488 -27.77 -28.72 6.52
C GLU B 488 -27.56 -29.97 5.66
N ASN C 30 17.12 -39.30 -20.58
CA ASN C 30 17.75 -38.00 -20.35
C ASN C 30 17.68 -37.57 -18.88
N TYR C 31 17.58 -38.54 -17.98
CA TYR C 31 17.51 -38.24 -16.55
C TYR C 31 18.39 -39.19 -15.74
N ARG C 32 18.63 -38.84 -14.47
CA ARG C 32 19.34 -39.71 -13.55
C ARG C 32 18.57 -39.77 -12.22
N ILE C 33 18.78 -40.82 -11.45
CA ILE C 33 18.04 -40.99 -10.21
C ILE C 33 18.83 -40.42 -9.03
N GLU C 34 18.14 -39.64 -8.20
CA GLU C 34 18.71 -39.10 -6.96
C GLU C 34 17.71 -39.36 -5.85
N HIS C 35 18.09 -39.08 -4.60
CA HIS C 35 17.17 -39.34 -3.51
C HIS C 35 17.40 -38.43 -2.29
N ASP C 36 16.37 -38.37 -1.43
CA ASP C 36 16.45 -37.69 -0.16
C ASP C 36 15.71 -38.53 0.89
N THR C 37 15.49 -37.96 2.08
CA THR C 37 14.82 -38.69 3.16
C THR C 37 13.37 -39.06 2.83
N MET C 38 12.87 -38.53 1.71
CA MET C 38 11.47 -38.71 1.33
C MET C 38 11.36 -39.76 0.22
N GLY C 39 12.50 -40.21 -0.30
CA GLY C 39 12.50 -41.19 -1.36
C GLY C 39 13.29 -40.81 -2.59
N GLU C 40 12.91 -41.38 -3.74
CA GLU C 40 13.69 -41.24 -4.98
C GLU C 40 13.11 -40.19 -5.93
N VAL C 41 13.99 -39.50 -6.64
CA VAL C 41 13.60 -38.38 -7.51
C VAL C 41 14.37 -38.35 -8.83
N ARG C 42 13.65 -38.23 -9.94
CA ARG C 42 14.28 -38.12 -11.26
C ARG C 42 14.79 -36.72 -11.50
N VAL C 43 16.05 -36.60 -11.90
CA VAL C 43 16.71 -35.31 -12.08
C VAL C 43 17.34 -35.27 -13.48
N PRO C 44 17.24 -34.13 -14.18
CA PRO C 44 17.92 -33.99 -15.48
C PRO C 44 19.39 -34.41 -15.38
N ALA C 45 19.82 -35.27 -16.30
CA ALA C 45 21.11 -35.94 -16.23
C ALA C 45 22.30 -34.98 -16.11
N LYS C 46 22.22 -33.84 -16.80
CA LYS C 46 23.32 -32.88 -16.84
C LYS C 46 23.27 -31.87 -15.68
N ALA C 47 22.16 -31.85 -14.95
CA ALA C 47 21.94 -30.84 -13.92
C ALA C 47 22.86 -31.01 -12.73
N LEU C 48 23.42 -29.90 -12.24
CA LEU C 48 24.32 -29.92 -11.08
C LEU C 48 23.58 -29.90 -9.75
N TRP C 49 22.28 -29.69 -9.78
CA TRP C 49 21.48 -29.77 -8.58
C TRP C 49 21.02 -31.20 -8.41
N ARG C 50 20.35 -31.51 -7.31
CA ARG C 50 19.96 -32.90 -7.03
C ARG C 50 18.50 -33.05 -6.62
N ALA C 51 18.23 -34.00 -5.74
CA ALA C 51 16.86 -34.42 -5.46
C ALA C 51 16.00 -33.30 -4.86
N GLN C 52 16.51 -32.66 -3.82
CA GLN C 52 15.68 -31.69 -3.10
C GLN C 52 15.40 -30.47 -3.97
N THR C 53 16.36 -30.09 -4.81
CA THR C 53 16.14 -28.97 -5.73
C THR C 53 15.06 -29.32 -6.73
N GLN C 54 15.11 -30.55 -7.23
CA GLN C 54 14.19 -30.99 -8.27
C GLN C 54 12.77 -31.12 -7.72
N ARG C 55 12.65 -31.51 -6.46
CA ARG C 55 11.34 -31.51 -5.81
C ARG C 55 10.76 -30.10 -5.80
N ALA C 56 11.60 -29.11 -5.51
CA ALA C 56 11.15 -27.73 -5.44
C ALA C 56 10.83 -27.18 -6.82
N VAL C 57 11.55 -27.65 -7.84
CA VAL C 57 11.27 -27.23 -9.21
C VAL C 57 9.84 -27.64 -9.58
N GLU C 58 9.43 -28.83 -9.14
CA GLU C 58 8.09 -29.32 -9.44
C GLU C 58 7.02 -28.81 -8.48
N ASN C 59 7.41 -28.48 -7.26
CA ASN C 59 6.46 -27.96 -6.27
C ASN C 59 6.03 -26.52 -6.53
N PHE C 60 6.91 -25.71 -7.12
CA PHE C 60 6.63 -24.28 -7.22
C PHE C 60 6.72 -23.63 -8.61
N PRO C 61 6.13 -24.25 -9.65
CA PRO C 61 6.12 -23.50 -10.93
C PRO C 61 5.13 -22.34 -10.89
N ILE C 62 5.56 -21.20 -10.34
CA ILE C 62 4.60 -20.16 -10.00
C ILE C 62 4.90 -18.87 -10.77
N SER C 63 6.09 -18.32 -10.61
CA SER C 63 6.43 -17.07 -11.32
C SER C 63 7.30 -17.31 -12.55
N GLY C 64 8.02 -18.43 -12.57
CA GLY C 64 8.93 -18.70 -13.68
C GLY C 64 10.23 -17.93 -13.53
N ARG C 65 10.42 -17.29 -12.39
CA ARG C 65 11.66 -16.55 -12.12
C ARG C 65 12.31 -17.03 -10.84
N GLY C 66 13.63 -17.13 -10.86
CA GLY C 66 14.38 -17.62 -9.73
C GLY C 66 15.17 -16.54 -9.03
N LEU C 67 16.17 -16.95 -8.25
CA LEU C 67 17.06 -16.02 -7.59
C LEU C 67 17.84 -15.15 -8.57
N GLU C 68 18.13 -13.93 -8.16
CA GLU C 68 18.94 -13.00 -8.95
C GLU C 68 20.43 -13.29 -8.79
N ARG C 69 21.22 -12.74 -9.71
CA ARG C 69 22.69 -12.84 -9.66
C ARG C 69 23.23 -12.51 -8.27
N THR C 70 22.75 -11.41 -7.70
CA THR C 70 23.27 -10.93 -6.43
C THR C 70 22.91 -11.86 -5.28
N GLN C 71 21.77 -12.53 -5.37
CA GLN C 71 21.35 -13.49 -4.36
C GLN C 71 22.20 -14.75 -4.40
N ILE C 72 22.48 -15.20 -5.62
CA ILE C 72 23.26 -16.40 -5.84
C ILE C 72 24.69 -16.15 -5.34
N ARG C 73 25.19 -14.97 -5.64
CA ARG C 73 26.50 -14.53 -5.18
C ARG C 73 26.58 -14.53 -3.66
N ALA C 74 25.55 -14.01 -3.00
CA ALA C 74 25.53 -13.94 -1.54
C ALA C 74 25.52 -15.36 -0.95
N LEU C 75 24.72 -16.24 -1.54
CA LEU C 75 24.69 -17.63 -1.08
C LEU C 75 26.06 -18.30 -1.24
N GLY C 76 26.72 -18.04 -2.36
CA GLY C 76 28.05 -18.56 -2.61
C GLY C 76 29.06 -18.08 -1.59
N LEU C 77 29.02 -16.78 -1.31
CA LEU C 77 29.92 -16.15 -0.35
C LEU C 77 29.74 -16.74 1.03
N LEU C 78 28.47 -16.91 1.41
CA LEU C 78 28.12 -17.42 2.73
C LEU C 78 28.61 -18.85 2.91
N LYS C 79 28.36 -19.70 1.91
CA LYS C 79 28.77 -21.11 2.00
C LYS C 79 30.29 -21.26 2.09
N GLY C 80 31.02 -20.40 1.38
CA GLY C 80 32.46 -20.42 1.44
C GLY C 80 32.97 -19.99 2.80
N ALA C 81 32.39 -18.91 3.32
CA ALA C 81 32.75 -18.43 4.64
C ALA C 81 32.46 -19.48 5.72
N CYS C 82 31.33 -20.17 5.60
CA CYS C 82 30.94 -21.16 6.58
C CYS C 82 31.93 -22.33 6.60
N ALA C 83 32.34 -22.76 5.41
CA ALA C 83 33.28 -23.85 5.29
C ALA C 83 34.64 -23.44 5.86
N GLN C 84 34.98 -22.16 5.70
CA GLN C 84 36.24 -21.64 6.20
C GLN C 84 36.27 -21.71 7.72
N VAL C 85 35.20 -21.23 8.36
CA VAL C 85 35.09 -21.26 9.82
C VAL C 85 35.04 -22.69 10.35
N ASN C 86 34.28 -23.54 9.68
CA ASN C 86 34.16 -24.94 10.09
C ASN C 86 35.50 -25.65 10.01
N SER C 87 36.31 -25.26 9.03
CA SER C 87 37.66 -25.80 8.92
C SER C 87 38.57 -25.25 9.99
N ASP C 88 38.45 -23.94 10.26
CA ASP C 88 39.24 -23.27 11.30
C ASP C 88 39.02 -23.87 12.68
N LEU C 89 37.79 -24.32 12.93
CA LEU C 89 37.42 -24.86 14.24
C LEU C 89 37.67 -26.36 14.35
N GLY C 90 38.22 -26.94 13.29
CA GLY C 90 38.58 -28.34 13.27
C GLY C 90 37.38 -29.26 13.18
N LEU C 91 36.29 -28.74 12.65
CA LEU C 91 35.05 -29.51 12.57
C LEU C 91 34.88 -30.17 11.21
N LEU C 92 35.57 -29.63 10.22
CA LEU C 92 35.42 -30.10 8.85
C LEU C 92 36.80 -30.40 8.28
N ALA C 93 36.92 -31.52 7.57
CA ALA C 93 38.21 -31.92 7.01
C ALA C 93 38.70 -30.87 6.02
N PRO C 94 39.98 -30.51 6.11
CA PRO C 94 40.60 -29.48 5.27
C PRO C 94 40.42 -29.73 3.78
N GLU C 95 40.42 -30.99 3.36
CA GLU C 95 40.28 -31.25 1.93
C GLU C 95 38.83 -31.01 1.51
N LYS C 96 37.89 -31.23 2.44
CA LYS C 96 36.49 -30.97 2.17
C LYS C 96 36.22 -29.47 2.13
N ALA C 97 36.74 -28.75 3.11
CA ALA C 97 36.59 -27.29 3.16
C ALA C 97 37.10 -26.64 1.88
N ASP C 98 38.28 -27.05 1.43
CA ASP C 98 38.86 -26.51 0.21
C ASP C 98 37.97 -26.75 -1.01
N ALA C 99 37.40 -27.94 -1.09
CA ALA C 99 36.50 -28.26 -2.18
C ALA C 99 35.24 -27.38 -2.14
N ILE C 100 34.71 -27.15 -0.95
CA ILE C 100 33.55 -26.28 -0.77
C ILE C 100 33.89 -24.84 -1.16
N ILE C 101 34.96 -24.32 -0.57
CA ILE C 101 35.40 -22.95 -0.79
C ILE C 101 35.64 -22.69 -2.29
N ALA C 102 36.27 -23.64 -2.97
CA ALA C 102 36.51 -23.49 -4.39
C ALA C 102 35.22 -23.50 -5.19
N ALA C 103 34.32 -24.44 -4.84
CA ALA C 103 33.03 -24.53 -5.52
C ALA C 103 32.20 -23.27 -5.26
N ALA C 104 32.16 -22.82 -4.01
CA ALA C 104 31.41 -21.65 -3.61
C ALA C 104 31.91 -20.40 -4.33
N ALA C 105 33.20 -20.37 -4.66
CA ALA C 105 33.78 -19.26 -5.41
C ALA C 105 33.27 -19.22 -6.85
N GLU C 106 33.14 -20.40 -7.48
CA GLU C 106 32.60 -20.49 -8.84
C GLU C 106 31.16 -19.99 -8.88
N ILE C 107 30.40 -20.35 -7.86
CA ILE C 107 29.00 -19.94 -7.76
C ILE C 107 28.91 -18.43 -7.58
N ALA C 108 29.70 -17.91 -6.64
CA ALA C 108 29.69 -16.48 -6.34
C ALA C 108 30.15 -15.64 -7.53
N ASP C 109 30.92 -16.25 -8.42
CA ASP C 109 31.46 -15.56 -9.59
C ASP C 109 30.46 -15.56 -10.75
N GLY C 110 29.49 -16.47 -10.71
CA GLY C 110 28.43 -16.50 -11.71
C GLY C 110 28.55 -17.60 -12.76
N GLN C 111 29.33 -18.64 -12.45
CA GLN C 111 29.57 -19.71 -13.42
C GLN C 111 28.44 -20.72 -13.45
N HIS C 112 27.54 -20.68 -12.47
CA HIS C 112 26.51 -21.72 -12.36
C HIS C 112 25.10 -21.20 -12.10
N ASP C 113 24.82 -19.97 -12.50
CA ASP C 113 23.50 -19.36 -12.27
C ASP C 113 22.36 -20.15 -12.92
N ASP C 114 22.67 -20.88 -13.99
CA ASP C 114 21.65 -21.72 -14.63
C ASP C 114 21.40 -23.01 -13.85
N GLN C 115 22.15 -23.20 -12.76
CA GLN C 115 21.94 -24.34 -11.89
C GLN C 115 21.08 -23.98 -10.68
N PHE C 116 20.52 -22.76 -10.70
CA PHE C 116 19.58 -22.35 -9.65
C PHE C 116 18.18 -22.08 -10.22
N PRO C 117 17.42 -23.15 -10.48
CA PRO C 117 16.14 -23.11 -11.20
C PRO C 117 14.92 -22.86 -10.32
N ILE C 118 15.11 -22.75 -9.01
CA ILE C 118 13.96 -22.68 -8.09
C ILE C 118 13.26 -21.32 -8.11
N ASP C 119 11.93 -21.37 -8.11
CA ASP C 119 11.08 -20.18 -8.07
C ASP C 119 11.31 -19.33 -6.82
N VAL C 120 11.17 -18.01 -6.98
CA VAL C 120 11.13 -17.10 -5.85
C VAL C 120 10.06 -17.53 -4.87
N PHE C 121 8.92 -17.95 -5.39
CA PHE C 121 7.80 -18.30 -4.54
C PHE C 121 7.91 -19.77 -4.13
N GLN C 122 8.85 -19.99 -3.21
CA GLN C 122 9.17 -21.31 -2.66
C GLN C 122 8.79 -21.32 -1.18
N THR C 123 9.24 -22.34 -0.46
CA THR C 123 9.09 -22.36 0.99
C THR C 123 9.60 -21.06 1.59
N GLY C 124 8.84 -20.52 2.54
CA GLY C 124 9.05 -19.16 3.04
C GLY C 124 10.34 -18.95 3.82
N SER C 125 11.06 -20.03 4.10
CA SER C 125 12.34 -19.94 4.80
C SER C 125 13.48 -19.83 3.80
N GLY C 126 13.18 -20.08 2.53
CA GLY C 126 14.22 -20.22 1.52
C GLY C 126 15.00 -21.52 1.64
N THR C 127 14.44 -22.49 2.37
CA THR C 127 15.01 -23.84 2.48
C THR C 127 15.46 -24.42 1.14
N SER C 128 14.59 -24.33 0.15
CA SER C 128 14.86 -24.93 -1.14
C SER C 128 16.10 -24.31 -1.79
N SER C 129 16.22 -22.98 -1.78
CA SER C 129 17.39 -22.37 -2.41
C SER C 129 18.67 -22.64 -1.61
N ASN C 130 18.53 -22.82 -0.29
CA ASN C 130 19.68 -23.23 0.52
C ASN C 130 20.20 -24.61 0.08
N MET C 131 19.28 -25.56 -0.04
CA MET C 131 19.60 -26.90 -0.51
C MET C 131 20.15 -26.85 -1.92
N ASN C 132 19.60 -25.96 -2.74
CA ASN C 132 20.07 -25.77 -4.11
C ASN C 132 21.56 -25.48 -4.10
N THR C 133 21.96 -24.60 -3.20
CA THR C 133 23.35 -24.16 -3.10
C THR C 133 24.23 -25.31 -2.62
N ASN C 134 23.74 -26.05 -1.63
CA ASN C 134 24.43 -27.21 -1.06
C ASN C 134 24.65 -28.31 -2.10
N GLU C 135 23.61 -28.60 -2.85
CA GLU C 135 23.63 -29.68 -3.82
C GLU C 135 24.57 -29.37 -4.97
N VAL C 136 24.52 -28.13 -5.45
CA VAL C 136 25.35 -27.70 -6.56
C VAL C 136 26.82 -27.69 -6.15
N ILE C 137 27.11 -27.22 -4.94
CA ILE C 137 28.47 -27.28 -4.40
C ILE C 137 28.98 -28.72 -4.33
N ALA C 138 28.14 -29.65 -3.88
CA ALA C 138 28.53 -31.06 -3.82
C ALA C 138 28.85 -31.60 -5.22
N SER C 139 27.96 -31.35 -6.16
CA SER C 139 28.13 -31.88 -7.52
C SER C 139 29.37 -31.30 -8.19
N ILE C 140 29.68 -30.04 -7.88
CA ILE C 140 30.89 -29.40 -8.40
C ILE C 140 32.13 -30.08 -7.82
N ALA C 141 32.13 -30.29 -6.51
CA ALA C 141 33.27 -30.90 -5.85
C ALA C 141 33.49 -32.34 -6.33
N ALA C 142 32.40 -33.04 -6.64
CA ALA C 142 32.48 -34.43 -7.10
C ALA C 142 33.25 -34.50 -8.42
N LYS C 143 33.12 -33.46 -9.22
CA LYS C 143 33.86 -33.36 -10.47
C LYS C 143 35.36 -33.26 -10.18
N GLY C 144 35.68 -32.75 -9.00
CA GLY C 144 37.06 -32.61 -8.59
C GLY C 144 37.58 -33.83 -7.84
N GLY C 145 36.74 -34.86 -7.74
CA GLY C 145 37.13 -36.09 -7.05
C GLY C 145 36.90 -36.09 -5.54
N VAL C 146 36.32 -35.02 -5.01
CA VAL C 146 36.04 -34.94 -3.59
C VAL C 146 34.56 -35.19 -3.30
N THR C 147 34.27 -36.05 -2.33
CA THR C 147 32.90 -36.39 -2.02
C THR C 147 32.37 -35.55 -0.86
N LEU C 148 31.35 -34.75 -1.15
CA LEU C 148 30.75 -33.90 -0.12
C LEU C 148 29.29 -34.26 0.06
N HIS C 149 28.86 -34.32 1.31
CA HIS C 149 27.44 -34.47 1.61
C HIS C 149 26.81 -33.07 1.64
N PRO C 150 25.74 -32.85 0.85
CA PRO C 150 25.10 -31.53 0.85
C PRO C 150 24.68 -31.06 2.24
N ASN C 151 24.07 -31.92 3.03
CA ASN C 151 23.67 -31.59 4.40
C ASN C 151 24.82 -31.59 5.40
N ASP C 152 25.49 -32.74 5.51
CA ASP C 152 26.46 -32.97 6.57
C ASP C 152 27.73 -32.12 6.43
N ASP C 153 28.14 -31.85 5.20
CA ASP C 153 29.37 -31.09 4.99
C ASP C 153 29.11 -29.65 4.54
N VAL C 154 28.28 -29.47 3.51
CA VAL C 154 28.11 -28.14 2.94
C VAL C 154 27.21 -27.28 3.82
N ASN C 155 26.34 -27.93 4.58
CA ASN C 155 25.42 -27.24 5.47
C ASN C 155 25.84 -27.38 6.93
N MET C 156 27.11 -27.68 7.16
CA MET C 156 27.58 -27.94 8.53
C MET C 156 27.47 -26.69 9.41
N SER C 157 26.92 -26.89 10.61
CA SER C 157 26.70 -25.82 11.60
C SER C 157 25.64 -24.82 11.15
N GLN C 158 24.87 -25.16 10.13
CA GLN C 158 23.89 -24.23 9.58
C GLN C 158 22.48 -24.80 9.61
N SER C 159 21.51 -23.94 9.36
CA SER C 159 20.19 -24.39 8.94
C SER C 159 19.69 -23.42 7.86
N SER C 160 18.57 -23.73 7.24
CA SER C 160 18.04 -22.80 6.25
C SER C 160 17.59 -21.51 6.93
N ASN C 161 17.15 -21.66 8.17
CA ASN C 161 16.50 -20.56 8.85
C ASN C 161 17.44 -19.41 9.20
N ASP C 162 18.75 -19.67 9.25
CA ASP C 162 19.69 -18.59 9.50
C ASP C 162 20.59 -18.29 8.29
N THR C 163 20.68 -19.22 7.35
CA THR C 163 21.51 -18.99 6.16
C THR C 163 20.81 -18.15 5.10
N PHE C 164 19.55 -18.42 4.82
CA PHE C 164 18.91 -17.67 3.73
C PHE C 164 18.66 -16.18 4.09
N PRO C 165 18.20 -15.89 5.32
CA PRO C 165 18.13 -14.45 5.62
C PRO C 165 19.52 -13.80 5.67
N THR C 166 20.52 -14.53 6.13
CA THR C 166 21.89 -14.01 6.13
C THR C 166 22.30 -13.63 4.70
N ALA C 167 22.17 -14.55 3.75
CA ALA C 167 22.45 -14.26 2.35
C ALA C 167 21.65 -13.05 1.85
N THR C 168 20.39 -12.96 2.28
CA THR C 168 19.50 -11.88 1.86
C THR C 168 20.00 -10.53 2.36
N HIS C 169 20.39 -10.47 3.63
CA HIS C 169 20.88 -9.23 4.21
C HIS C 169 22.29 -8.87 3.72
N ILE C 170 23.06 -9.86 3.27
CA ILE C 170 24.37 -9.59 2.67
C ILE C 170 24.13 -8.89 1.33
N ALA C 171 23.24 -9.47 0.54
CA ALA C 171 22.90 -8.91 -0.77
C ALA C 171 22.35 -7.48 -0.66
N ALA C 172 21.45 -7.25 0.30
CA ALA C 172 20.84 -5.93 0.48
C ALA C 172 21.84 -4.89 0.96
N THR C 173 22.70 -5.29 1.90
CA THR C 173 23.73 -4.41 2.42
C THR C 173 24.69 -4.02 1.32
N GLU C 174 25.10 -5.00 0.52
CA GLU C 174 26.01 -4.73 -0.57
C GLU C 174 25.34 -3.84 -1.60
N ALA C 175 24.06 -4.10 -1.86
CA ALA C 175 23.32 -3.29 -2.81
C ALA C 175 23.23 -1.83 -2.31
N ALA C 176 23.06 -1.66 -1.00
CA ALA C 176 22.95 -0.33 -0.45
C ALA C 176 24.29 0.42 -0.51
N VAL C 177 25.35 -0.25 -0.07
CA VAL C 177 26.63 0.41 0.13
C VAL C 177 27.42 0.55 -1.16
N ALA C 178 27.52 -0.54 -1.92
CA ALA C 178 28.37 -0.53 -3.10
C ALA C 178 27.67 0.01 -4.35
N HIS C 179 26.34 0.02 -4.36
CA HIS C 179 25.64 0.36 -5.61
C HIS C 179 24.71 1.55 -5.47
N LEU C 180 23.74 1.47 -4.58
CA LEU C 180 22.75 2.54 -4.47
C LEU C 180 23.35 3.87 -4.03
N ILE C 181 24.13 3.88 -2.95
CA ILE C 181 24.66 5.14 -2.44
C ILE C 181 25.56 5.83 -3.49
N PRO C 182 26.51 5.09 -4.13
CA PRO C 182 27.27 5.77 -5.18
C PRO C 182 26.41 6.26 -6.35
N ALA C 183 25.35 5.54 -6.74
CA ALA C 183 24.46 6.04 -7.81
C ALA C 183 23.73 7.32 -7.37
N LEU C 184 23.25 7.36 -6.13
CA LEU C 184 22.58 8.55 -5.62
C LEU C 184 23.56 9.72 -5.52
N GLN C 185 24.80 9.42 -5.16
CA GLN C 185 25.78 10.49 -5.07
C GLN C 185 26.04 11.08 -6.47
N GLN C 186 26.01 10.24 -7.49
CA GLN C 186 26.17 10.73 -8.84
C GLN C 186 24.99 11.65 -9.24
N LEU C 187 23.78 11.24 -8.86
CA LEU C 187 22.61 12.04 -9.15
C LEU C 187 22.64 13.34 -8.35
N HIS C 188 22.99 13.27 -7.06
CA HIS C 188 23.13 14.47 -6.26
C HIS C 188 24.10 15.47 -6.91
N ASP C 189 25.24 14.95 -7.35
CA ASP C 189 26.30 15.80 -7.88
C ASP C 189 25.87 16.42 -9.21
N ALA C 190 25.08 15.69 -10.00
CA ALA C 190 24.58 16.27 -11.24
C ALA C 190 23.56 17.38 -10.95
N LEU C 191 22.71 17.18 -9.95
CA LEU C 191 21.72 18.18 -9.59
C LEU C 191 22.39 19.41 -8.94
N ALA C 192 23.45 19.18 -8.16
CA ALA C 192 24.15 20.29 -7.51
C ALA C 192 24.94 21.11 -8.53
N ALA C 193 25.45 20.46 -9.57
CA ALA C 193 26.16 21.15 -10.64
C ALA C 193 25.21 22.09 -11.39
N LYS C 194 24.01 21.60 -11.68
CA LYS C 194 22.99 22.43 -12.31
C LYS C 194 22.57 23.58 -11.40
N ALA C 195 22.45 23.32 -10.10
CA ALA C 195 22.14 24.37 -9.12
C ALA C 195 23.19 25.48 -9.14
N LEU C 196 24.45 25.10 -9.39
CA LEU C 196 25.52 26.08 -9.46
C LEU C 196 25.48 26.82 -10.79
N ASP C 197 25.31 26.08 -11.88
CA ASP C 197 25.28 26.67 -13.22
C ASP C 197 24.13 27.64 -13.40
N TRP C 198 22.99 27.32 -12.77
CA TRP C 198 21.78 28.09 -12.97
C TRP C 198 21.51 29.01 -11.79
N HIS C 199 22.57 29.35 -11.06
CA HIS C 199 22.45 30.13 -9.83
C HIS C 199 21.76 31.50 -10.03
N THR C 200 21.89 32.08 -11.22
CA THR C 200 21.29 33.40 -11.45
C THR C 200 20.18 33.36 -12.48
N VAL C 201 19.75 32.16 -12.86
CA VAL C 201 18.67 32.00 -13.83
C VAL C 201 17.34 32.23 -13.12
N VAL C 202 16.94 33.49 -13.05
CA VAL C 202 15.76 33.90 -12.32
C VAL C 202 14.52 33.48 -13.11
N LYS C 203 13.45 33.15 -12.40
CA LYS C 203 12.23 32.71 -13.04
C LYS C 203 11.07 32.90 -12.07
N SER C 204 9.87 32.73 -12.57
CA SER C 204 8.69 32.83 -11.71
C SER C 204 8.58 31.63 -10.79
N GLY C 205 8.34 31.88 -9.50
CA GLY C 205 8.02 30.81 -8.59
C GLY C 205 6.63 30.27 -8.91
N ARG C 206 6.32 29.08 -8.42
CA ARG C 206 5.00 28.46 -8.62
C ARG C 206 4.56 27.79 -7.34
N THR C 207 3.44 28.24 -6.80
CA THR C 207 2.80 27.60 -5.66
C THR C 207 1.35 27.34 -6.03
N HIS C 208 0.86 26.15 -5.70
CA HIS C 208 -0.48 25.70 -6.11
C HIS C 208 -0.60 25.67 -7.62
N LEU C 209 0.55 25.58 -8.30
CA LEU C 209 0.66 25.69 -9.77
C LEU C 209 0.46 27.13 -10.26
N MET C 210 0.31 28.05 -9.33
CA MET C 210 0.04 29.45 -9.70
C MET C 210 1.29 30.32 -9.56
N ASP C 211 1.37 31.36 -10.39
CA ASP C 211 2.53 32.23 -10.39
C ASP C 211 2.79 32.80 -9.00
N ALA C 212 4.05 32.82 -8.59
CA ALA C 212 4.42 33.35 -7.29
C ALA C 212 5.69 34.19 -7.43
N VAL C 213 6.20 34.73 -6.31
CA VAL C 213 7.39 35.57 -6.35
C VAL C 213 8.60 34.82 -6.91
N PRO C 214 9.61 35.57 -7.41
CA PRO C 214 10.71 34.94 -8.13
C PRO C 214 11.57 33.96 -7.34
N VAL C 215 12.07 32.96 -8.06
CA VAL C 215 13.08 32.05 -7.58
C VAL C 215 14.10 31.93 -8.70
N THR C 216 15.14 31.13 -8.51
CA THR C 216 16.01 30.77 -9.61
C THR C 216 15.93 29.27 -9.86
N LEU C 217 16.21 28.87 -11.09
CA LEU C 217 16.35 27.46 -11.42
C LEU C 217 17.40 26.82 -10.50
N GLY C 218 18.46 27.57 -10.22
CA GLY C 218 19.52 27.10 -9.35
C GLY C 218 18.97 26.71 -8.00
N GLN C 219 18.10 27.55 -7.45
CA GLN C 219 17.53 27.31 -6.15
C GLN C 219 16.63 26.08 -6.14
N GLU C 220 15.77 25.94 -7.15
CA GLU C 220 14.96 24.74 -7.28
C GLU C 220 15.82 23.48 -7.34
N PHE C 221 16.88 23.54 -8.14
CA PHE C 221 17.76 22.39 -8.26
C PHE C 221 18.56 22.14 -6.99
N SER C 222 18.85 23.18 -6.21
CA SER C 222 19.49 22.96 -4.91
C SER C 222 18.53 22.18 -4.00
N GLY C 223 17.24 22.45 -4.14
CA GLY C 223 16.24 21.70 -3.42
C GLY C 223 16.22 20.23 -3.82
N TYR C 224 16.26 19.96 -5.13
CA TYR C 224 16.30 18.58 -5.63
C TYR C 224 17.54 17.86 -5.10
N ALA C 225 18.69 18.52 -5.19
CA ALA C 225 19.94 17.95 -4.66
C ALA C 225 19.81 17.58 -3.19
N ARG C 226 19.22 18.46 -2.39
CA ARG C 226 19.05 18.15 -0.96
C ARG C 226 18.19 16.89 -0.74
N GLN C 227 17.12 16.74 -1.51
CA GLN C 227 16.28 15.55 -1.42
C GLN C 227 17.06 14.26 -1.66
N ILE C 228 17.99 14.28 -2.61
CA ILE C 228 18.79 13.10 -2.90
C ILE C 228 19.86 12.93 -1.82
N GLU C 229 20.44 14.03 -1.38
CA GLU C 229 21.38 14.01 -0.25
C GLU C 229 20.72 13.46 1.02
N ALA C 230 19.49 13.88 1.30
CA ALA C 230 18.74 13.35 2.41
C ALA C 230 18.45 11.85 2.21
N GLY C 231 18.23 11.46 0.96
CA GLY C 231 18.05 10.06 0.58
C GLY C 231 19.22 9.19 0.97
N ILE C 232 20.42 9.67 0.68
CA ILE C 232 21.64 8.97 1.08
C ILE C 232 21.70 8.87 2.60
N GLU C 233 21.37 9.95 3.32
CA GLU C 233 21.33 9.94 4.79
C GLU C 233 20.34 8.90 5.30
N ARG C 234 19.21 8.76 4.62
CA ARG C 234 18.19 7.79 5.00
C ARG C 234 18.70 6.36 4.81
N VAL C 235 19.38 6.10 3.70
CA VAL C 235 19.93 4.78 3.47
C VAL C 235 21.02 4.48 4.51
N ARG C 236 21.93 5.42 4.73
CA ARG C 236 22.99 5.21 5.71
CA ARG C 236 23.00 5.22 5.73
C ARG C 236 22.42 4.96 7.11
N ALA C 237 21.34 5.67 7.46
CA ALA C 237 20.76 5.50 8.80
C ALA C 237 20.18 4.10 9.04
N CYS C 238 19.82 3.39 7.98
CA CYS C 238 19.21 2.07 8.15
C CYS C 238 20.26 0.95 8.24
N LEU C 239 21.48 1.24 7.81
CA LEU C 239 22.54 0.23 7.74
C LEU C 239 22.92 -0.49 9.05
N PRO C 240 22.90 0.21 10.20
CA PRO C 240 23.19 -0.54 11.44
C PRO C 240 22.29 -1.74 11.69
N ARG C 241 21.10 -1.76 11.10
CA ARG C 241 20.18 -2.88 11.30
C ARG C 241 20.05 -3.74 10.05
N LEU C 242 20.16 -3.11 8.87
CA LEU C 242 20.13 -3.88 7.62
C LEU C 242 21.30 -4.86 7.57
N GLY C 243 22.45 -4.43 8.09
CA GLY C 243 23.64 -5.24 8.06
C GLY C 243 23.69 -6.41 9.04
N GLU C 244 22.71 -6.51 9.93
CA GLU C 244 22.67 -7.60 10.91
C GLU C 244 22.46 -8.94 10.22
N LEU C 245 23.28 -9.91 10.59
CA LEU C 245 23.24 -11.25 10.00
C LEU C 245 22.79 -12.28 11.02
N ALA C 246 21.93 -13.20 10.59
CA ALA C 246 21.36 -14.21 11.48
C ALA C 246 22.28 -15.42 11.68
N ILE C 247 23.33 -15.52 10.86
CA ILE C 247 24.16 -16.71 10.82
C ILE C 247 24.67 -17.11 12.21
N GLY C 248 24.53 -18.39 12.54
CA GLY C 248 24.90 -18.89 13.85
C GLY C 248 23.72 -19.23 14.76
N GLY C 249 22.53 -18.72 14.42
CA GLY C 249 21.36 -18.95 15.25
C GLY C 249 20.67 -20.28 14.99
N THR C 250 21.10 -20.94 13.92
CA THR C 250 20.55 -22.18 13.37
C THR C 250 19.02 -22.22 13.33
N ALA C 251 18.41 -23.31 13.79
CA ALA C 251 17.00 -23.59 13.46
C ALA C 251 16.00 -22.61 14.06
N VAL C 252 16.17 -22.24 15.34
CA VAL C 252 15.19 -21.40 16.02
C VAL C 252 15.76 -20.13 16.67
N GLY C 253 17.04 -19.88 16.49
CA GLY C 253 17.69 -18.74 17.12
C GLY C 253 18.65 -19.09 18.24
N THR C 254 18.56 -20.33 18.74
CA THR C 254 19.34 -20.73 19.93
C THR C 254 20.80 -21.09 19.66
N GLY C 255 21.13 -21.35 18.40
CA GLY C 255 22.49 -21.73 18.06
C GLY C 255 22.77 -23.22 18.19
N LEU C 256 21.73 -23.99 18.49
CA LEU C 256 21.87 -25.44 18.65
C LEU C 256 22.47 -26.06 17.39
N ASN C 257 23.46 -26.93 17.57
CA ASN C 257 24.16 -27.61 16.47
C ASN C 257 25.14 -26.69 15.74
N ALA C 258 25.45 -25.54 16.34
CA ALA C 258 26.55 -24.72 15.85
C ALA C 258 27.49 -24.40 17.00
N PRO C 259 28.77 -24.11 16.69
CA PRO C 259 29.65 -23.57 17.74
C PRO C 259 29.14 -22.22 18.25
N ASP C 260 29.40 -21.93 19.52
CA ASP C 260 28.87 -20.71 20.16
C ASP C 260 29.33 -19.43 19.49
N ASP C 261 30.53 -19.45 18.90
CA ASP C 261 31.05 -18.25 18.25
C ASP C 261 31.04 -18.37 16.72
N PHE C 262 30.22 -19.29 16.20
CA PHE C 262 30.15 -19.51 14.74
C PHE C 262 29.76 -18.23 13.99
N GLY C 263 28.79 -17.51 14.52
CA GLY C 263 28.33 -16.27 13.92
C GLY C 263 29.38 -15.18 13.81
N VAL C 264 30.09 -14.90 14.91
CA VAL C 264 31.10 -13.84 14.87
C VAL C 264 32.22 -14.21 13.91
N ARG C 265 32.59 -15.49 13.89
CA ARG C 265 33.65 -15.94 13.00
C ARG C 265 33.24 -15.87 11.53
N VAL C 266 32.00 -16.21 11.21
CA VAL C 266 31.56 -16.20 9.81
C VAL C 266 31.46 -14.75 9.33
N VAL C 267 30.90 -13.89 10.18
CA VAL C 267 30.79 -12.48 9.85
C VAL C 267 32.17 -11.87 9.59
N ALA C 268 33.16 -12.24 10.43
CA ALA C 268 34.52 -11.73 10.25
C ALA C 268 35.08 -12.13 8.88
N VAL C 269 34.83 -13.36 8.46
CA VAL C 269 35.28 -13.81 7.16
C VAL C 269 34.60 -13.03 6.03
N LEU C 270 33.28 -12.84 6.16
CA LEU C 270 32.51 -12.11 5.15
C LEU C 270 32.99 -10.67 5.05
N VAL C 271 33.23 -10.03 6.20
CA VAL C 271 33.69 -8.65 6.21
C VAL C 271 35.05 -8.57 5.50
N ALA C 272 35.93 -9.51 5.79
CA ALA C 272 37.27 -9.53 5.20
C ALA C 272 37.20 -9.71 3.69
N GLN C 273 36.32 -10.60 3.23
CA GLN C 273 36.24 -10.90 1.81
C GLN C 273 35.43 -9.89 1.00
N THR C 274 34.50 -9.19 1.64
CA THR C 274 33.65 -8.27 0.90
C THR C 274 34.08 -6.82 1.07
N GLY C 275 34.79 -6.52 2.15
CA GLY C 275 35.10 -5.15 2.50
C GLY C 275 33.89 -4.40 3.05
N LEU C 276 32.81 -5.12 3.30
CA LEU C 276 31.59 -4.50 3.84
C LEU C 276 31.62 -4.50 5.37
N SER C 277 32.08 -3.39 5.93
CA SER C 277 32.18 -3.27 7.39
C SER C 277 30.82 -3.16 8.04
N GLU C 278 29.79 -2.86 7.25
CA GLU C 278 28.43 -2.75 7.77
C GLU C 278 27.81 -4.09 8.17
N LEU C 279 28.38 -5.18 7.66
CA LEU C 279 27.93 -6.52 8.05
C LEU C 279 28.29 -6.79 9.50
N ARG C 280 27.32 -7.26 10.28
CA ARG C 280 27.54 -7.51 11.69
C ARG C 280 26.65 -8.65 12.18
N THR C 281 27.01 -9.23 13.33
CA THR C 281 26.16 -10.21 13.97
C THR C 281 24.90 -9.51 14.49
N ALA C 282 23.80 -10.24 14.60
CA ALA C 282 22.56 -9.66 15.08
C ALA C 282 22.64 -9.31 16.54
N ALA C 283 22.03 -8.19 16.92
CA ALA C 283 21.97 -7.83 18.34
C ALA C 283 21.23 -8.90 19.14
N ASN C 284 20.18 -9.46 18.55
CA ASN C 284 19.41 -10.53 19.18
C ASN C 284 19.09 -11.65 18.19
N SER C 285 19.49 -12.87 18.52
CA SER C 285 19.46 -13.95 17.55
C SER C 285 18.03 -14.41 17.22
N PHE C 286 17.10 -14.13 18.11
CA PHE C 286 15.71 -14.53 17.90
C PHE C 286 14.97 -13.51 17.02
N GLU C 287 15.14 -12.23 17.32
CA GLU C 287 14.63 -11.17 16.46
C GLU C 287 15.10 -11.35 15.00
N ALA C 288 16.36 -11.76 14.85
CA ALA C 288 16.97 -11.90 13.52
C ALA C 288 16.38 -13.02 12.66
N GLN C 289 15.62 -13.93 13.25
CA GLN C 289 15.03 -15.02 12.51
C GLN C 289 13.50 -15.00 12.59
N ALA C 290 12.96 -14.54 13.71
CA ALA C 290 11.51 -14.42 13.85
C ALA C 290 10.93 -13.25 13.03
N ALA C 291 11.81 -12.36 12.61
CA ALA C 291 11.38 -11.15 11.93
C ALA C 291 12.39 -10.74 10.86
N ARG C 292 11.93 -9.95 9.91
CA ARG C 292 12.79 -9.35 8.90
C ARG C 292 12.59 -7.83 8.92
N ASP C 293 12.52 -7.27 10.12
CA ASP C 293 12.20 -5.87 10.30
C ASP C 293 13.22 -4.94 9.64
N GLY C 294 14.47 -5.41 9.54
CA GLY C 294 15.51 -4.62 8.90
C GLY C 294 15.26 -4.41 7.42
N LEU C 295 14.60 -5.36 6.78
CA LEU C 295 14.24 -5.22 5.38
C LEU C 295 13.07 -4.25 5.21
N VAL C 296 12.09 -4.33 6.12
CA VAL C 296 10.98 -3.38 6.13
C VAL C 296 11.51 -1.96 6.33
N GLU C 297 12.46 -1.82 7.26
CA GLU C 297 13.08 -0.53 7.54
C GLU C 297 13.80 0.01 6.32
N ALA C 298 14.60 -0.84 5.67
CA ALA C 298 15.36 -0.39 4.50
C ALA C 298 14.42 -0.01 3.36
N SER C 299 13.35 -0.77 3.21
CA SER C 299 12.39 -0.47 2.14
C SER C 299 11.78 0.92 2.35
N GLY C 300 11.53 1.29 3.61
CA GLY C 300 11.06 2.63 3.95
C GLY C 300 11.94 3.73 3.39
N ALA C 301 13.24 3.58 3.54
CA ALA C 301 14.20 4.53 2.97
C ALA C 301 14.10 4.59 1.43
N LEU C 302 14.01 3.43 0.78
CA LEU C 302 13.90 3.37 -0.68
C LEU C 302 12.58 3.99 -1.15
N ARG C 303 11.53 3.77 -0.37
CA ARG C 303 10.23 4.31 -0.68
C ARG C 303 10.27 5.83 -0.60
N THR C 304 10.97 6.36 0.41
CA THR C 304 11.12 7.80 0.56
C THR C 304 11.90 8.39 -0.61
N ILE C 305 12.93 7.67 -1.06
CA ILE C 305 13.70 8.08 -2.25
C ILE C 305 12.80 8.10 -3.50
N ALA C 306 11.97 7.06 -3.66
CA ALA C 306 11.00 7.02 -4.76
C ALA C 306 10.09 8.25 -4.73
N VAL C 307 9.68 8.64 -3.52
CA VAL C 307 8.83 9.80 -3.32
C VAL C 307 9.53 11.10 -3.74
N SER C 308 10.78 11.27 -3.32
CA SER C 308 11.60 12.38 -3.77
C SER C 308 11.82 12.38 -5.29
N LEU C 309 12.18 11.23 -5.85
CA LEU C 309 12.44 11.10 -7.28
C LEU C 309 11.21 11.41 -8.09
N THR C 310 10.05 11.07 -7.56
CA THR C 310 8.80 11.40 -8.26
C THR C 310 8.65 12.92 -8.38
N LYS C 311 8.90 13.63 -7.29
CA LYS C 311 8.79 15.09 -7.30
C LYS C 311 9.78 15.72 -8.28
N ILE C 312 11.04 15.32 -8.19
CA ILE C 312 12.08 15.84 -9.09
C ILE C 312 11.78 15.53 -10.55
N ALA C 313 11.45 14.27 -10.85
CA ALA C 313 11.15 13.90 -12.23
C ALA C 313 9.94 14.64 -12.80
N ASN C 314 8.89 14.77 -11.98
CA ASN C 314 7.68 15.44 -12.43
C ASN C 314 7.90 16.92 -12.76
N ASP C 315 8.60 17.60 -11.87
CA ASP C 315 9.00 19.00 -12.07
C ASP C 315 9.76 19.16 -13.36
N ILE C 316 10.73 18.27 -13.57
CA ILE C 316 11.60 18.39 -14.72
C ILE C 316 10.81 18.15 -16.03
N ARG C 317 9.91 17.18 -16.07
CA ARG C 317 9.17 17.00 -17.32
C ARG C 317 8.17 18.13 -17.55
N TRP C 318 7.65 18.71 -16.47
CA TRP C 318 6.78 19.87 -16.63
C TRP C 318 7.60 21.08 -17.11
N MET C 319 8.78 21.28 -16.55
CA MET C 319 9.61 22.38 -17.03
C MET C 319 9.95 22.24 -18.51
N GLY C 320 10.10 21.02 -18.99
CA GLY C 320 10.45 20.77 -20.38
C GLY C 320 9.25 20.72 -21.32
N SER C 321 8.04 20.90 -20.79
CA SER C 321 6.82 20.71 -21.57
C SER C 321 6.60 21.79 -22.65
N GLY C 322 6.10 21.37 -23.82
CA GLY C 322 5.90 22.30 -24.92
C GLY C 322 6.00 21.60 -26.26
N PRO C 323 6.60 22.27 -27.25
CA PRO C 323 7.36 23.52 -27.15
C PRO C 323 6.53 24.80 -27.21
N LEU C 324 5.23 24.69 -27.48
CA LEU C 324 4.39 25.87 -27.62
C LEU C 324 3.41 26.06 -26.47
N THR C 325 2.67 25.01 -26.13
CA THR C 325 1.54 25.18 -25.21
C THR C 325 1.89 24.84 -23.75
N GLY C 326 3.13 24.42 -23.50
CA GLY C 326 3.59 24.10 -22.15
C GLY C 326 4.33 25.21 -21.43
N LEU C 327 5.06 24.85 -20.39
CA LEU C 327 5.80 25.83 -19.58
C LEU C 327 7.06 26.29 -20.32
N ALA C 328 7.65 25.36 -21.06
CA ALA C 328 8.84 25.60 -21.88
C ALA C 328 9.96 26.32 -21.14
N GLU C 329 10.26 25.85 -19.94
CA GLU C 329 11.31 26.49 -19.16
C GLU C 329 12.67 25.98 -19.56
N ILE C 330 12.75 24.69 -19.82
CA ILE C 330 14.01 24.05 -20.18
C ILE C 330 13.78 23.11 -21.35
N GLN C 331 14.86 22.58 -21.89
CA GLN C 331 14.80 21.57 -22.93
C GLN C 331 15.57 20.34 -22.45
N LEU C 332 14.92 19.18 -22.51
CA LEU C 332 15.59 17.93 -22.14
C LEU C 332 16.34 17.37 -23.33
N PRO C 333 17.49 16.72 -23.07
CA PRO C 333 18.29 16.07 -24.12
C PRO C 333 17.50 14.95 -24.80
N ASP C 334 17.60 14.86 -26.12
CA ASP C 334 16.87 13.84 -26.88
C ASP C 334 17.67 12.54 -26.93
N LEU C 335 17.04 11.44 -26.53
CA LEU C 335 17.69 10.14 -26.50
C LEU C 335 16.74 9.03 -26.98
N VAL C 346 10.54 16.35 -28.22
CA VAL C 346 11.36 15.53 -27.32
C VAL C 346 10.57 15.07 -26.10
N ASN C 347 10.17 13.81 -26.11
CA ASN C 347 9.44 13.25 -24.98
C ASN C 347 10.34 13.10 -23.76
N PRO C 348 9.80 13.37 -22.56
CA PRO C 348 10.55 13.22 -21.31
C PRO C 348 10.64 11.75 -20.89
N VAL C 349 11.34 10.93 -21.67
CA VAL C 349 11.30 9.50 -21.47
C VAL C 349 12.03 9.07 -20.19
N LEU C 350 13.14 9.71 -19.83
CA LEU C 350 13.79 9.37 -18.57
C LEU C 350 12.97 9.80 -17.33
N PRO C 351 12.34 10.99 -17.35
CA PRO C 351 11.41 11.21 -16.23
C PRO C 351 10.29 10.17 -16.16
N GLU C 352 9.84 9.67 -17.32
CA GLU C 352 8.83 8.62 -17.31
C GLU C 352 9.39 7.31 -16.77
N ALA C 353 10.63 6.99 -17.12
CA ALA C 353 11.27 5.81 -16.55
C ALA C 353 11.43 5.97 -15.04
N VAL C 354 11.80 7.16 -14.60
CA VAL C 354 12.00 7.43 -13.17
C VAL C 354 10.69 7.31 -12.38
N THR C 355 9.62 7.90 -12.88
CA THR C 355 8.35 7.87 -12.13
C THR C 355 7.70 6.47 -12.16
N GLN C 356 7.92 5.71 -13.22
CA GLN C 356 7.48 4.31 -13.24
C GLN C 356 8.28 3.45 -12.26
N VAL C 357 9.60 3.65 -12.23
CA VAL C 357 10.41 2.95 -11.25
C VAL C 357 9.93 3.27 -9.83
N ALA C 358 9.68 4.55 -9.56
CA ALA C 358 9.14 4.99 -8.28
C ALA C 358 7.87 4.24 -7.90
N ALA C 359 6.95 4.12 -8.84
CA ALA C 359 5.71 3.39 -8.60
C ALA C 359 6.02 1.94 -8.24
N GLN C 360 6.96 1.34 -8.95
CA GLN C 360 7.33 -0.05 -8.65
C GLN C 360 7.89 -0.21 -7.23
N VAL C 361 8.74 0.74 -6.84
CA VAL C 361 9.36 0.70 -5.51
C VAL C 361 8.31 0.82 -4.39
N ILE C 362 7.34 1.71 -4.59
CA ILE C 362 6.22 1.85 -3.66
C ILE C 362 5.41 0.56 -3.55
N GLY C 363 5.13 -0.04 -4.71
CA GLY C 363 4.48 -1.34 -4.77
C GLY C 363 5.26 -2.42 -4.04
N ASN C 364 6.54 -2.59 -4.41
CA ASN C 364 7.41 -3.54 -3.71
C ASN C 364 7.43 -3.30 -2.22
N ASP C 365 7.45 -2.03 -1.85
CA ASP C 365 7.47 -1.64 -0.45
C ASP C 365 6.25 -2.15 0.33
N ALA C 366 5.10 -2.17 -0.32
CA ALA C 366 3.89 -2.67 0.34
C ALA C 366 3.97 -4.19 0.53
N ALA C 367 4.55 -4.88 -0.46
CA ALA C 367 4.68 -6.33 -0.38
C ALA C 367 5.65 -6.71 0.72
N ILE C 368 6.72 -5.94 0.85
CA ILE C 368 7.72 -6.20 1.88
C ILE C 368 7.16 -6.06 3.29
N ALA C 369 6.42 -4.99 3.53
CA ALA C 369 5.88 -4.77 4.87
C ALA C 369 4.84 -5.83 5.23
N TRP C 370 4.09 -6.27 4.24
CA TRP C 370 3.06 -7.31 4.39
C TRP C 370 3.68 -8.63 4.85
N GLY C 371 4.75 -9.04 4.19
CA GLY C 371 5.46 -10.25 4.59
C GLY C 371 6.15 -10.07 5.93
N GLY C 372 6.64 -8.87 6.18
CA GLY C 372 7.37 -8.59 7.40
C GLY C 372 6.52 -8.74 8.65
N ALA C 373 5.24 -8.41 8.52
CA ALA C 373 4.35 -8.39 9.65
C ALA C 373 3.88 -9.78 10.05
N ASN C 374 4.05 -10.74 9.14
CA ASN C 374 3.32 -11.99 9.27
C ASN C 374 4.15 -13.23 9.61
N GLY C 375 5.29 -13.02 10.25
CA GLY C 375 6.02 -14.12 10.86
C GLY C 375 5.23 -14.78 11.99
N ALA C 376 5.66 -15.96 12.41
CA ALA C 376 5.07 -16.59 13.59
C ALA C 376 6.14 -17.27 14.43
N PHE C 377 6.12 -16.96 15.72
CA PHE C 377 7.02 -17.55 16.69
C PHE C 377 8.47 -17.47 16.26
N GLU C 378 9.14 -18.59 16.03
CA GLU C 378 10.59 -18.52 15.83
C GLU C 378 11.03 -18.15 14.41
N LEU C 379 10.10 -18.04 13.47
CA LEU C 379 10.54 -17.82 12.10
C LEU C 379 9.57 -16.96 11.28
N ASN C 380 10.09 -15.95 10.59
CA ASN C 380 9.32 -15.29 9.54
C ASN C 380 9.47 -16.07 8.24
N VAL C 381 8.35 -16.51 7.65
CA VAL C 381 8.41 -17.31 6.43
C VAL C 381 7.94 -16.58 5.16
N TYR C 382 8.44 -15.37 4.97
CA TYR C 382 8.15 -14.62 3.76
C TYR C 382 9.45 -14.17 3.13
N ILE C 383 10.56 -14.82 3.51
CA ILE C 383 11.87 -14.28 3.12
C ILE C 383 12.14 -14.22 1.61
N PRO C 384 11.88 -15.30 0.85
CA PRO C 384 12.22 -15.15 -0.57
C PRO C 384 11.44 -14.03 -1.28
N MET C 385 10.16 -13.87 -0.94
CA MET C 385 9.37 -12.80 -1.50
C MET C 385 9.87 -11.41 -1.06
N MET C 386 10.20 -11.25 0.21
CA MET C 386 10.74 -9.97 0.69
C MET C 386 12.07 -9.67 0.02
N ALA C 387 12.90 -10.70 -0.12
CA ALA C 387 14.22 -10.55 -0.74
C ALA C 387 14.07 -10.14 -2.20
N ARG C 388 13.12 -10.77 -2.90
CA ARG C 388 12.90 -10.43 -4.29
C ARG C 388 12.62 -8.93 -4.40
N ASN C 389 11.69 -8.46 -3.56
CA ASN C 389 11.24 -7.08 -3.65
C ASN C 389 12.25 -6.04 -3.18
N ILE C 390 12.93 -6.29 -2.05
CA ILE C 390 13.88 -5.29 -1.57
C ILE C 390 15.05 -5.20 -2.53
N LEU C 391 15.48 -6.33 -3.08
CA LEU C 391 16.66 -6.33 -3.94
C LEU C 391 16.32 -5.71 -5.29
N GLU C 392 15.10 -5.92 -5.76
CA GLU C 392 14.67 -5.29 -7.00
C GLU C 392 14.63 -3.78 -6.82
N SER C 393 14.08 -3.32 -5.70
CA SER C 393 13.96 -1.91 -5.45
C SER C 393 15.35 -1.25 -5.40
N PHE C 394 16.33 -1.91 -4.76
CA PHE C 394 17.70 -1.41 -4.79
C PHE C 394 18.20 -1.29 -6.23
N LYS C 395 18.02 -2.35 -7.00
CA LYS C 395 18.50 -2.40 -8.38
C LYS C 395 17.87 -1.31 -9.27
N LEU C 396 16.54 -1.18 -9.21
CA LEU C 396 15.85 -0.21 -10.05
C LEU C 396 16.28 1.23 -9.72
N LEU C 397 16.38 1.56 -8.44
CA LEU C 397 16.76 2.93 -8.07
C LEU C 397 18.22 3.21 -8.46
N THR C 398 19.07 2.21 -8.30
CA THR C 398 20.50 2.34 -8.64
C THR C 398 20.63 2.66 -10.13
N ASN C 399 20.05 1.81 -10.96
CA ASN C 399 20.21 1.96 -12.39
C ASN C 399 19.53 3.20 -12.96
N VAL C 400 18.35 3.54 -12.45
CA VAL C 400 17.61 4.65 -13.04
C VAL C 400 18.18 6.00 -12.55
N SER C 401 18.77 6.03 -11.36
CA SER C 401 19.41 7.26 -10.90
C SER C 401 20.65 7.60 -11.73
N ARG C 402 21.42 6.59 -12.12
CA ARG C 402 22.62 6.84 -12.92
C ARG C 402 22.22 7.30 -14.31
N LEU C 403 21.20 6.66 -14.89
CA LEU C 403 20.69 7.09 -16.19
C LEU C 403 20.12 8.51 -16.14
N PHE C 404 19.31 8.77 -15.12
CA PHE C 404 18.70 10.10 -14.89
C PHE C 404 19.77 11.19 -14.83
N ALA C 405 20.81 10.93 -14.03
CA ALA C 405 21.91 11.87 -13.83
C ALA C 405 22.67 12.15 -15.12
N GLN C 406 23.08 11.08 -15.81
CA GLN C 406 23.96 11.16 -16.97
C GLN C 406 23.25 11.63 -18.23
N ARG C 407 22.07 11.06 -18.48
CA ARG C 407 21.45 11.22 -19.77
C ARG C 407 20.22 12.13 -19.75
N CYS C 408 19.94 12.72 -18.59
CA CYS C 408 18.89 13.72 -18.55
C CYS C 408 19.38 15.00 -17.86
N ILE C 409 19.72 14.91 -16.58
CA ILE C 409 20.09 16.09 -15.80
C ILE C 409 21.28 16.85 -16.39
N ALA C 410 22.34 16.12 -16.72
CA ALA C 410 23.59 16.73 -17.19
C ALA C 410 23.38 17.58 -18.44
N GLY C 411 22.53 17.11 -19.34
CA GLY C 411 22.33 17.79 -20.61
C GLY C 411 21.18 18.78 -20.68
N LEU C 412 20.56 19.08 -19.54
CA LEU C 412 19.45 20.04 -19.51
C LEU C 412 19.93 21.43 -19.96
N THR C 413 19.16 22.08 -20.81
CA THR C 413 19.45 23.47 -21.16
C THR C 413 18.27 24.37 -20.81
N ALA C 414 18.55 25.51 -20.19
CA ALA C 414 17.52 26.44 -19.73
C ALA C 414 17.26 27.57 -20.75
N ASN C 415 16.00 27.94 -20.92
CA ASN C 415 15.64 29.12 -21.71
C ASN C 415 15.77 30.38 -20.84
N VAL C 416 17.00 30.81 -20.62
CA VAL C 416 17.34 31.80 -19.62
C VAL C 416 16.66 33.16 -19.83
N GLU C 417 16.79 33.71 -21.03
CA GLU C 417 16.22 35.02 -21.34
C GLU C 417 14.69 34.99 -21.23
N HIS C 418 14.10 33.91 -21.75
CA HIS C 418 12.65 33.77 -21.71
C HIS C 418 12.12 33.63 -20.27
N LEU C 419 12.80 32.83 -19.45
CA LEU C 419 12.47 32.73 -18.03
C LEU C 419 12.51 34.10 -17.34
N ARG C 420 13.55 34.88 -17.63
CA ARG C 420 13.69 36.14 -16.93
C ARG C 420 12.58 37.10 -17.36
N ARG C 421 12.29 37.11 -18.67
CA ARG C 421 11.26 37.98 -19.23
C ARG C 421 9.91 37.71 -18.57
N LEU C 422 9.52 36.44 -18.44
CA LEU C 422 8.29 36.08 -17.73
C LEU C 422 8.33 36.55 -16.28
N ALA C 423 9.44 36.27 -15.58
CA ALA C 423 9.57 36.70 -14.21
C ALA C 423 9.34 38.21 -14.08
N GLU C 424 9.90 38.97 -15.03
CA GLU C 424 9.80 40.43 -15.01
C GLU C 424 8.41 40.91 -15.43
N SER C 425 7.59 40.02 -15.96
CA SER C 425 6.28 40.38 -16.48
C SER C 425 5.11 39.89 -15.63
N SER C 426 5.43 39.34 -14.46
CA SER C 426 4.43 38.69 -13.61
C SER C 426 3.80 39.64 -12.61
N PRO C 427 2.45 39.63 -12.52
CA PRO C 427 1.74 40.39 -11.49
C PRO C 427 2.30 40.16 -10.07
N SER C 428 2.96 39.03 -9.83
CA SER C 428 3.51 38.72 -8.50
C SER C 428 4.57 39.70 -8.02
N ILE C 429 5.19 40.45 -8.94
CA ILE C 429 6.24 41.35 -8.50
C ILE C 429 5.80 42.82 -8.37
N VAL C 430 4.50 43.10 -8.44
CA VAL C 430 4.07 44.49 -8.30
C VAL C 430 4.02 44.91 -6.82
N THR C 431 3.96 43.93 -5.92
CA THR C 431 3.79 44.21 -4.50
C THR C 431 4.81 45.21 -3.95
N PRO C 432 6.11 45.10 -4.32
CA PRO C 432 7.01 46.12 -3.76
C PRO C 432 6.75 47.54 -4.31
N LEU C 433 5.81 47.73 -5.23
CA LEU C 433 5.43 49.06 -5.71
C LEU C 433 4.30 49.69 -4.90
N ASN C 434 3.60 48.87 -4.11
CA ASN C 434 2.43 49.31 -3.35
C ASN C 434 2.66 50.60 -2.56
N SER C 435 3.77 50.67 -1.82
CA SER C 435 4.02 51.81 -0.95
C SER C 435 4.26 53.09 -1.74
N ALA C 436 4.57 52.96 -3.03
CA ALA C 436 4.84 54.12 -3.88
C ALA C 436 3.62 54.55 -4.70
N ILE C 437 2.96 53.59 -5.35
CA ILE C 437 1.87 53.92 -6.28
C ILE C 437 0.49 53.56 -5.75
N GLY C 438 0.44 52.87 -4.61
CA GLY C 438 -0.83 52.46 -4.03
C GLY C 438 -1.39 51.16 -4.58
N TYR C 439 -2.20 50.48 -3.78
CA TYR C 439 -2.79 49.19 -4.14
C TYR C 439 -3.55 49.21 -5.47
N GLU C 440 -4.42 50.20 -5.61
CA GLU C 440 -5.28 50.28 -6.79
C GLU C 440 -4.47 50.37 -8.09
N GLU C 441 -3.43 51.20 -8.10
CA GLU C 441 -2.62 51.38 -9.30
C GLU C 441 -1.76 50.14 -9.58
N ALA C 442 -1.19 49.58 -8.51
CA ALA C 442 -0.44 48.33 -8.61
C ALA C 442 -1.27 47.24 -9.30
N ALA C 443 -2.54 47.14 -8.94
CA ALA C 443 -3.43 46.15 -9.56
C ALA C 443 -3.66 46.46 -11.03
N ALA C 444 -3.79 47.75 -11.33
CA ALA C 444 -3.95 48.21 -12.72
C ALA C 444 -2.70 47.94 -13.52
N VAL C 445 -1.54 48.18 -12.91
CA VAL C 445 -0.27 47.87 -13.56
C VAL C 445 -0.24 46.38 -13.89
N ALA C 446 -0.56 45.54 -12.91
CA ALA C 446 -0.54 44.08 -13.10
C ALA C 446 -1.48 43.64 -14.23
N LYS C 447 -2.70 44.15 -14.20
CA LYS C 447 -3.69 43.80 -15.20
C LYS C 447 -3.27 44.24 -16.62
N GLN C 448 -2.73 45.45 -16.74
CA GLN C 448 -2.32 45.94 -18.04
C GLN C 448 -1.11 45.18 -18.57
N ALA C 449 -0.15 44.88 -17.69
CA ALA C 449 1.05 44.16 -18.12
C ALA C 449 0.72 42.79 -18.69
N LEU C 450 -0.19 42.10 -18.02
CA LEU C 450 -0.64 40.81 -18.48
C LEU C 450 -1.40 40.93 -19.82
N LYS C 451 -2.32 41.89 -19.89
CA LYS C 451 -3.13 42.06 -21.09
C LYS C 451 -2.29 42.42 -22.31
N GLU C 452 -1.23 43.19 -22.11
CA GLU C 452 -0.44 43.68 -23.23
C GLU C 452 0.82 42.84 -23.44
N ARG C 453 1.02 41.84 -22.57
CA ARG C 453 2.20 41.00 -22.60
C ARG C 453 3.50 41.80 -22.55
N LYS C 454 3.57 42.69 -21.56
CA LYS C 454 4.72 43.55 -21.33
C LYS C 454 5.29 43.30 -19.93
N THR C 455 6.51 43.78 -19.69
CA THR C 455 7.09 43.68 -18.35
C THR C 455 6.41 44.66 -17.41
N ILE C 456 6.48 44.40 -16.11
CA ILE C 456 5.95 45.31 -15.12
C ILE C 456 6.64 46.66 -15.24
N ARG C 457 7.94 46.63 -15.49
CA ARG C 457 8.73 47.84 -15.60
C ARG C 457 8.22 48.72 -16.74
N GLN C 458 7.98 48.11 -17.90
CA GLN C 458 7.55 48.86 -19.05
C GLN C 458 6.12 49.39 -18.85
N THR C 459 5.29 48.61 -18.15
CA THR C 459 3.91 49.01 -17.94
C THR C 459 3.83 50.21 -17.00
N VAL C 460 4.70 50.24 -15.98
CA VAL C 460 4.73 51.37 -15.04
C VAL C 460 5.11 52.65 -15.79
N ILE C 461 6.13 52.54 -16.64
CA ILE C 461 6.53 53.65 -17.51
C ILE C 461 5.39 54.08 -18.44
N ASP C 462 4.78 53.11 -19.13
CA ASP C 462 3.71 53.42 -20.07
C ASP C 462 2.51 54.09 -19.42
N ARG C 463 2.25 53.78 -18.15
CA ARG C 463 1.12 54.39 -17.46
C ARG C 463 1.48 55.76 -16.92
N GLY C 464 2.72 56.17 -17.11
CA GLY C 464 3.18 57.50 -16.74
C GLY C 464 3.45 57.69 -15.26
N LEU C 465 3.77 56.61 -14.57
CA LEU C 465 3.95 56.67 -13.12
C LEU C 465 5.33 57.16 -12.68
N ILE C 466 6.30 57.17 -13.59
CA ILE C 466 7.63 57.68 -13.26
C ILE C 466 7.60 59.20 -13.11
N GLY C 467 8.25 59.70 -12.06
CA GLY C 467 8.25 61.13 -11.78
C GLY C 467 7.60 61.42 -10.44
N ASP C 468 6.27 61.40 -10.42
CA ASP C 468 5.54 61.72 -9.20
C ASP C 468 5.71 60.62 -8.16
N ARG C 469 5.36 59.40 -8.57
CA ARG C 469 5.37 58.26 -7.66
C ARG C 469 6.79 57.83 -7.28
N LEU C 470 7.63 57.66 -8.28
CA LEU C 470 8.97 57.14 -8.05
C LEU C 470 9.88 57.40 -9.25
N SER C 471 11.18 57.28 -9.02
CA SER C 471 12.15 57.42 -10.07
C SER C 471 12.45 56.07 -10.71
N ILE C 472 13.18 56.11 -11.82
CA ILE C 472 13.65 54.91 -12.50
C ILE C 472 14.56 54.09 -11.60
N GLU C 473 15.46 54.78 -10.90
CA GLU C 473 16.38 54.14 -9.97
C GLU C 473 15.61 53.34 -8.90
N ASP C 474 14.58 53.97 -8.35
CA ASP C 474 13.74 53.30 -7.35
C ASP C 474 12.95 52.16 -8.00
N LEU C 475 12.46 52.38 -9.22
CA LEU C 475 11.73 51.35 -9.95
C LEU C 475 12.61 50.11 -10.18
N ASP C 476 13.83 50.33 -10.67
CA ASP C 476 14.72 49.22 -10.98
C ASP C 476 15.19 48.49 -9.73
N ARG C 477 15.23 49.19 -8.61
CA ARG C 477 15.61 48.58 -7.34
C ARG C 477 14.47 47.68 -6.83
N ARG C 478 13.24 48.21 -6.88
CA ARG C 478 12.09 47.47 -6.40
C ARG C 478 11.75 46.26 -7.30
N LEU C 479 12.05 46.35 -8.59
CA LEU C 479 11.69 45.30 -9.51
C LEU C 479 12.86 44.43 -9.95
N ASP C 480 13.97 44.46 -9.22
CA ASP C 480 15.08 43.56 -9.51
C ASP C 480 14.64 42.14 -9.13
N VAL C 481 14.27 41.33 -10.11
CA VAL C 481 13.71 40.01 -9.80
C VAL C 481 14.75 39.05 -9.24
N LEU C 482 16.02 39.29 -9.59
CA LEU C 482 17.10 38.47 -9.07
C LEU C 482 17.30 38.77 -7.59
N ALA C 483 17.26 40.04 -7.24
CA ALA C 483 17.35 40.48 -5.86
C ALA C 483 16.14 39.98 -5.07
N MET C 484 14.99 39.96 -5.72
CA MET C 484 13.76 39.46 -5.12
C MET C 484 13.87 37.96 -4.78
N ALA C 485 14.55 37.21 -5.64
CA ALA C 485 14.75 35.79 -5.41
C ALA C 485 15.79 35.58 -4.29
N LYS C 486 16.36 36.67 -3.81
CA LYS C 486 17.36 36.63 -2.73
C LYS C 486 18.52 35.73 -3.12
N ALA C 487 18.98 35.88 -4.37
CA ALA C 487 20.10 35.08 -4.87
C ALA C 487 21.22 35.98 -5.39
N GLY D 39 -17.91 40.22 1.03
CA GLY D 39 -19.35 40.02 1.19
C GLY D 39 -19.79 40.08 2.64
N GLU D 40 -20.96 39.52 2.93
CA GLU D 40 -21.48 39.46 4.29
C GLU D 40 -21.25 38.07 4.90
N VAL D 41 -20.67 38.04 6.10
CA VAL D 41 -20.30 36.78 6.74
C VAL D 41 -20.90 36.62 8.15
N ARG D 42 -21.76 35.61 8.31
CA ARG D 42 -22.40 35.36 9.60
C ARG D 42 -21.53 34.45 10.47
N VAL D 43 -21.10 34.98 11.61
CA VAL D 43 -20.20 34.27 12.51
C VAL D 43 -20.82 34.08 13.89
N PRO D 44 -20.74 32.85 14.44
CA PRO D 44 -21.25 32.54 15.79
C PRO D 44 -20.80 33.56 16.83
N ALA D 45 -21.66 33.83 17.82
CA ALA D 45 -21.41 34.87 18.81
C ALA D 45 -20.17 34.59 19.65
N LYS D 46 -20.08 33.39 20.21
CA LYS D 46 -18.96 33.02 21.07
C LYS D 46 -17.73 32.52 20.31
N ALA D 47 -17.66 32.79 19.01
CA ALA D 47 -16.55 32.34 18.18
C ALA D 47 -15.46 33.40 18.09
N LEU D 48 -14.23 33.00 18.42
CA LEU D 48 -13.10 33.91 18.37
C LEU D 48 -12.49 34.01 16.98
N TRP D 49 -12.88 33.13 16.07
CA TRP D 49 -12.40 33.25 14.70
C TRP D 49 -13.21 34.29 13.96
N ARG D 50 -12.75 34.71 12.79
CA ARG D 50 -13.41 35.78 12.03
C ARG D 50 -13.78 35.36 10.61
N ALA D 51 -13.78 36.34 9.71
CA ALA D 51 -14.38 36.18 8.38
C ALA D 51 -13.78 35.04 7.55
N GLN D 52 -12.47 35.06 7.36
CA GLN D 52 -11.81 34.08 6.50
C GLN D 52 -11.91 32.65 7.02
N THR D 53 -11.86 32.47 8.34
CA THR D 53 -12.09 31.16 8.94
C THR D 53 -13.51 30.69 8.62
N GLN D 54 -14.48 31.59 8.78
CA GLN D 54 -15.88 31.23 8.53
C GLN D 54 -16.13 30.91 7.06
N ARG D 55 -15.42 31.58 6.15
CA ARG D 55 -15.51 31.25 4.73
C ARG D 55 -14.91 29.85 4.46
N ALA D 56 -13.86 29.50 5.20
CA ALA D 56 -13.21 28.20 5.04
C ALA D 56 -14.12 27.08 5.57
N VAL D 57 -14.83 27.37 6.65
CA VAL D 57 -15.83 26.45 7.19
C VAL D 57 -16.89 26.14 6.14
N GLU D 58 -17.30 27.18 5.42
CA GLU D 58 -18.34 27.04 4.41
C GLU D 58 -17.81 26.40 3.12
N ASN D 59 -16.52 26.57 2.85
CA ASN D 59 -15.94 26.04 1.61
C ASN D 59 -15.58 24.56 1.65
N PHE D 60 -15.26 24.02 2.83
CA PHE D 60 -14.78 22.64 2.94
C PHE D 60 -15.57 21.72 3.88
N PRO D 61 -16.90 21.61 3.68
CA PRO D 61 -17.63 20.62 4.51
C PRO D 61 -17.40 19.19 4.02
N ILE D 62 -16.27 18.60 4.37
CA ILE D 62 -15.85 17.34 3.75
C ILE D 62 -15.80 16.18 4.74
N SER D 63 -15.02 16.29 5.82
CA SER D 63 -14.87 15.19 6.78
C SER D 63 -15.60 15.42 8.10
N GLY D 64 -15.83 16.70 8.44
CA GLY D 64 -16.45 17.04 9.71
C GLY D 64 -15.47 17.06 10.86
N ARG D 65 -14.19 16.98 10.54
CA ARG D 65 -13.13 16.91 11.54
C ARG D 65 -12.06 17.96 11.25
N GLY D 66 -11.62 18.65 12.30
CA GLY D 66 -10.65 19.73 12.19
C GLY D 66 -9.33 19.34 12.83
N LEU D 67 -8.50 20.34 13.13
CA LEU D 67 -7.17 20.09 13.65
C LEU D 67 -7.23 19.44 15.02
N GLU D 68 -6.26 18.56 15.30
CA GLU D 68 -6.13 17.95 16.61
C GLU D 68 -5.52 18.95 17.59
N ARG D 69 -5.57 18.62 18.88
CA ARG D 69 -5.04 19.50 19.93
C ARG D 69 -3.55 19.77 19.71
N THR D 70 -2.81 18.76 19.25
CA THR D 70 -1.37 18.90 19.05
C THR D 70 -1.04 19.89 17.95
N GLN D 71 -1.84 19.89 16.90
CA GLN D 71 -1.64 20.82 15.80
C GLN D 71 -1.95 22.24 16.23
N ILE D 72 -3.06 22.41 16.91
CA ILE D 72 -3.47 23.71 17.42
C ILE D 72 -2.40 24.26 18.34
N ARG D 73 -1.95 23.42 19.27
CA ARG D 73 -0.87 23.77 20.18
C ARG D 73 0.37 24.25 19.43
N ALA D 74 0.75 23.53 18.38
CA ALA D 74 1.96 23.86 17.64
C ALA D 74 1.81 25.18 16.87
N LEU D 75 0.60 25.48 16.40
CA LEU D 75 0.36 26.74 15.70
C LEU D 75 0.41 27.90 16.70
N GLY D 76 -0.08 27.67 17.90
CA GLY D 76 0.04 28.66 18.96
C GLY D 76 1.47 28.92 19.37
N LEU D 77 2.27 27.85 19.48
CA LEU D 77 3.67 28.00 19.88
C LEU D 77 4.43 28.79 18.82
N LEU D 78 4.13 28.52 17.56
CA LEU D 78 4.81 29.17 16.44
C LEU D 78 4.52 30.66 16.38
N LYS D 79 3.24 31.04 16.55
CA LYS D 79 2.85 32.44 16.52
C LYS D 79 3.48 33.25 17.65
N GLY D 80 3.65 32.61 18.80
CA GLY D 80 4.24 33.28 19.96
C GLY D 80 5.71 33.51 19.68
N ALA D 81 6.37 32.49 19.14
CA ALA D 81 7.78 32.59 18.82
C ALA D 81 8.04 33.63 17.74
N CYS D 82 7.16 33.68 16.72
CA CYS D 82 7.31 34.64 15.65
C CYS D 82 7.14 36.05 16.21
N ALA D 83 6.17 36.23 17.10
CA ALA D 83 5.90 37.54 17.68
C ALA D 83 7.09 38.01 18.51
N GLN D 84 7.69 37.07 19.24
CA GLN D 84 8.89 37.34 20.04
C GLN D 84 10.04 37.85 19.19
N VAL D 85 10.30 37.17 18.07
CA VAL D 85 11.41 37.53 17.21
C VAL D 85 11.15 38.85 16.47
N ASN D 86 9.92 39.05 15.99
CA ASN D 86 9.57 40.31 15.36
C ASN D 86 9.72 41.46 16.36
N SER D 87 9.45 41.19 17.62
CA SER D 87 9.64 42.18 18.67
C SER D 87 11.14 42.46 18.88
N ASP D 88 11.92 41.39 18.97
CA ASP D 88 13.37 41.51 19.23
C ASP D 88 14.07 42.26 18.10
N LEU D 89 13.53 42.18 16.91
CA LEU D 89 14.13 42.82 15.74
C LEU D 89 13.56 44.21 15.49
N GLY D 90 12.69 44.66 16.38
CA GLY D 90 12.11 46.00 16.28
C GLY D 90 11.14 46.19 15.12
N LEU D 91 10.54 45.11 14.64
CA LEU D 91 9.61 45.19 13.52
C LEU D 91 8.17 45.27 14.01
N LEU D 92 7.96 44.86 15.25
CA LEU D 92 6.62 44.79 15.81
C LEU D 92 6.58 45.50 17.16
N ALA D 93 5.65 46.45 17.30
CA ALA D 93 5.52 47.23 18.53
C ALA D 93 5.31 46.33 19.73
N PRO D 94 6.14 46.50 20.78
CA PRO D 94 6.18 45.67 21.99
C PRO D 94 4.79 45.38 22.58
N GLU D 95 3.89 46.35 22.57
CA GLU D 95 2.55 46.14 23.10
C GLU D 95 1.79 45.09 22.26
N LYS D 96 1.89 45.21 20.93
CA LYS D 96 1.28 44.24 20.04
C LYS D 96 1.89 42.86 20.24
N ALA D 97 3.21 42.80 20.33
CA ALA D 97 3.93 41.54 20.51
C ALA D 97 3.51 40.86 21.79
N ASP D 98 3.43 41.64 22.87
CA ASP D 98 3.03 41.11 24.18
C ASP D 98 1.64 40.47 24.11
N ALA D 99 0.76 41.11 23.36
CA ALA D 99 -0.61 40.64 23.21
C ALA D 99 -0.66 39.31 22.44
N ILE D 100 0.07 39.24 21.35
CA ILE D 100 0.16 38.02 20.57
C ILE D 100 0.74 36.88 21.39
N ILE D 101 1.84 37.18 22.06
CA ILE D 101 2.53 36.19 22.87
C ILE D 101 1.59 35.65 23.94
N ALA D 102 0.80 36.54 24.53
CA ALA D 102 -0.14 36.13 25.58
C ALA D 102 -1.26 35.26 25.00
N ALA D 103 -1.84 35.69 23.88
CA ALA D 103 -2.88 34.92 23.23
C ALA D 103 -2.32 33.56 22.75
N ALA D 104 -1.17 33.60 22.08
CA ALA D 104 -0.51 32.38 21.60
C ALA D 104 -0.29 31.37 22.74
N ALA D 105 0.08 31.87 23.92
CA ALA D 105 0.31 31.01 25.07
C ALA D 105 -0.99 30.31 25.50
N GLU D 106 -2.10 31.03 25.44
CA GLU D 106 -3.39 30.43 25.76
C GLU D 106 -3.71 29.28 24.80
N ILE D 107 -3.55 29.53 23.51
CA ILE D 107 -3.76 28.53 22.48
C ILE D 107 -2.86 27.30 22.68
N ALA D 108 -1.56 27.52 22.87
CA ALA D 108 -0.64 26.41 23.06
C ALA D 108 -0.92 25.62 24.34
N ASP D 109 -1.65 26.22 25.26
CA ASP D 109 -1.99 25.59 26.53
C ASP D 109 -3.34 24.87 26.44
N GLY D 110 -3.97 24.93 25.27
CA GLY D 110 -5.19 24.17 25.02
C GLY D 110 -6.47 24.84 25.48
N GLN D 111 -6.45 26.16 25.64
CA GLN D 111 -7.61 26.88 26.14
C GLN D 111 -8.59 27.27 25.02
N HIS D 112 -8.23 26.99 23.77
CA HIS D 112 -9.05 27.43 22.65
C HIS D 112 -9.19 26.37 21.55
N ASP D 113 -9.17 25.11 21.95
CA ASP D 113 -9.21 24.02 20.99
C ASP D 113 -10.56 23.91 20.29
N ASP D 114 -11.53 24.71 20.74
CA ASP D 114 -12.85 24.74 20.12
C ASP D 114 -12.98 25.91 19.16
N GLN D 115 -11.88 26.65 18.98
CA GLN D 115 -11.87 27.82 18.10
C GLN D 115 -11.26 27.53 16.72
N PHE D 116 -11.15 26.25 16.36
CA PHE D 116 -10.51 25.86 15.10
C PHE D 116 -11.39 24.89 14.31
N PRO D 117 -12.43 25.44 13.65
CA PRO D 117 -13.49 24.63 13.06
C PRO D 117 -13.23 24.18 11.62
N ILE D 118 -12.11 24.60 11.03
CA ILE D 118 -11.84 24.27 9.63
C ILE D 118 -11.50 22.79 9.44
N ASP D 119 -12.09 22.21 8.40
CA ASP D 119 -11.83 20.84 8.00
C ASP D 119 -10.37 20.58 7.71
N VAL D 120 -9.92 19.40 8.09
CA VAL D 120 -8.64 18.85 7.67
C VAL D 120 -8.46 18.98 6.16
N PHE D 121 -9.53 18.71 5.40
CA PHE D 121 -9.39 18.75 3.94
C PHE D 121 -9.67 20.15 3.41
N GLN D 122 -8.62 20.95 3.51
CA GLN D 122 -8.64 22.35 3.18
C GLN D 122 -7.57 22.63 2.13
N THR D 123 -7.42 23.90 1.74
CA THR D 123 -6.32 24.33 0.89
C THR D 123 -5.01 23.65 1.32
N GLY D 124 -4.36 23.02 0.36
CA GLY D 124 -3.28 22.08 0.65
C GLY D 124 -2.04 22.67 1.29
N SER D 125 -1.94 23.99 1.34
CA SER D 125 -0.85 24.65 2.04
C SER D 125 -1.12 24.74 3.54
N GLY D 126 -2.38 24.55 3.92
CA GLY D 126 -2.81 24.79 5.28
C GLY D 126 -3.00 26.27 5.60
N THR D 127 -3.07 27.11 4.57
CA THR D 127 -3.22 28.55 4.81
C THR D 127 -4.49 28.89 5.58
N SER D 128 -5.58 28.15 5.36
CA SER D 128 -6.82 28.42 6.06
C SER D 128 -6.65 28.30 7.57
N SER D 129 -5.99 27.22 8.01
CA SER D 129 -5.74 27.03 9.45
C SER D 129 -4.78 28.06 10.00
N ASN D 130 -3.80 28.46 9.18
CA ASN D 130 -2.92 29.55 9.54
C ASN D 130 -3.70 30.84 9.84
N MET D 131 -4.57 31.21 8.91
CA MET D 131 -5.39 32.40 9.10
C MET D 131 -6.33 32.24 10.28
N ASN D 132 -6.83 31.01 10.47
CA ASN D 132 -7.64 30.67 11.63
C ASN D 132 -6.90 31.08 12.91
N THR D 133 -5.62 30.74 12.99
CA THR D 133 -4.79 31.05 14.15
C THR D 133 -4.58 32.57 14.29
N ASN D 134 -4.39 33.26 13.17
CA ASN D 134 -4.20 34.70 13.19
C ASN D 134 -5.44 35.45 13.69
N GLU D 135 -6.60 35.03 13.22
CA GLU D 135 -7.87 35.64 13.60
C GLU D 135 -8.24 35.39 15.07
N VAL D 136 -8.05 34.16 15.54
CA VAL D 136 -8.30 33.84 16.94
C VAL D 136 -7.41 34.66 17.87
N ILE D 137 -6.13 34.80 17.52
CA ILE D 137 -5.21 35.61 18.32
C ILE D 137 -5.65 37.09 18.31
N ALA D 138 -6.10 37.58 17.17
CA ALA D 138 -6.56 38.96 17.04
C ALA D 138 -7.76 39.23 17.96
N SER D 139 -8.68 38.28 18.02
CA SER D 139 -9.87 38.41 18.85
C SER D 139 -9.54 38.31 20.34
N ILE D 140 -8.61 37.43 20.68
CA ILE D 140 -8.22 37.29 22.07
C ILE D 140 -7.57 38.59 22.56
N ALA D 141 -6.69 39.15 21.73
CA ALA D 141 -6.01 40.38 22.08
C ALA D 141 -6.98 41.54 22.26
N ALA D 142 -8.02 41.55 21.43
CA ALA D 142 -9.06 42.58 21.51
C ALA D 142 -9.80 42.54 22.84
N LYS D 143 -9.89 41.36 23.45
CA LYS D 143 -10.46 41.21 24.79
C LYS D 143 -9.61 41.96 25.81
N GLY D 144 -8.34 42.14 25.50
CA GLY D 144 -7.43 42.87 26.36
C GLY D 144 -7.17 44.28 25.88
N GLY D 145 -7.99 44.77 24.96
CA GLY D 145 -7.92 46.15 24.52
C GLY D 145 -6.74 46.49 23.63
N VAL D 146 -6.20 45.48 22.95
CA VAL D 146 -5.15 45.71 21.96
C VAL D 146 -5.67 45.32 20.59
N THR D 147 -5.54 46.23 19.64
CA THR D 147 -6.02 46.02 18.27
C THR D 147 -4.93 45.45 17.36
N LEU D 148 -5.11 44.18 16.99
CA LEU D 148 -4.17 43.49 16.09
C LEU D 148 -4.76 43.25 14.72
N HIS D 149 -3.93 43.40 13.70
CA HIS D 149 -4.30 43.01 12.36
C HIS D 149 -3.84 41.56 12.16
N PRO D 150 -4.76 40.66 11.79
CA PRO D 150 -4.43 39.23 11.67
C PRO D 150 -3.24 39.00 10.73
N ASN D 151 -3.28 39.56 9.53
CA ASN D 151 -2.19 39.37 8.59
C ASN D 151 -0.97 40.24 8.92
N ASP D 152 -1.17 41.55 9.00
CA ASP D 152 -0.06 42.49 9.14
C ASP D 152 0.71 42.35 10.45
N ASP D 153 0.01 42.03 11.53
CA ASP D 153 0.68 41.87 12.83
C ASP D 153 0.96 40.40 13.18
N VAL D 154 -0.08 39.58 13.28
CA VAL D 154 0.09 38.20 13.75
C VAL D 154 0.83 37.32 12.73
N ASN D 155 0.73 37.67 11.44
CA ASN D 155 1.43 36.93 10.41
C ASN D 155 2.68 37.65 9.89
N MET D 156 3.17 38.63 10.65
CA MET D 156 4.34 39.40 10.21
C MET D 156 5.55 38.49 9.98
N SER D 157 6.30 38.77 8.91
CA SER D 157 7.51 38.01 8.52
C SER D 157 7.21 36.56 8.11
N GLN D 158 5.94 36.19 8.03
CA GLN D 158 5.54 34.84 7.64
C GLN D 158 4.74 34.86 6.35
N SER D 159 4.58 33.68 5.76
CA SER D 159 3.69 33.58 4.60
C SER D 159 2.57 32.60 4.87
N SER D 160 1.76 32.36 3.87
CA SER D 160 0.71 31.37 3.99
C SER D 160 1.26 29.94 3.78
N ASN D 161 2.55 29.83 3.39
CA ASN D 161 3.14 28.56 2.96
C ASN D 161 4.22 27.94 3.85
N ASP D 162 4.83 28.73 4.73
CA ASP D 162 5.92 28.20 5.55
C ASP D 162 5.50 28.02 7.01
N THR D 163 4.29 28.45 7.33
CA THR D 163 3.82 28.38 8.72
C THR D 163 3.18 27.02 9.07
N PHE D 164 2.25 26.55 8.26
CA PHE D 164 1.59 25.29 8.58
C PHE D 164 2.52 24.07 8.52
N PRO D 165 3.45 24.00 7.52
CA PRO D 165 4.36 22.85 7.62
C PRO D 165 5.28 22.94 8.83
N THR D 166 5.62 24.16 9.25
CA THR D 166 6.42 24.33 10.46
C THR D 166 5.68 23.79 11.69
N ALA D 167 4.42 24.17 11.85
CA ALA D 167 3.62 23.69 13.00
C ALA D 167 3.47 22.18 12.92
N THR D 168 3.39 21.66 11.71
CA THR D 168 3.24 20.22 11.50
C THR D 168 4.47 19.47 12.01
N HIS D 169 5.65 19.92 11.62
CA HIS D 169 6.89 19.27 12.05
C HIS D 169 7.20 19.50 13.53
N ILE D 170 6.81 20.65 14.09
CA ILE D 170 6.86 20.85 15.54
C ILE D 170 6.01 19.81 16.26
N ALA D 171 4.77 19.63 15.80
CA ALA D 171 3.85 18.68 16.40
C ALA D 171 4.38 17.25 16.27
N ALA D 172 4.93 16.92 15.10
CA ALA D 172 5.43 15.56 14.85
C ALA D 172 6.67 15.29 15.71
N THR D 173 7.56 16.26 15.81
CA THR D 173 8.75 16.10 16.63
C THR D 173 8.39 15.95 18.11
N GLU D 174 7.47 16.77 18.59
CA GLU D 174 7.01 16.69 19.97
C GLU D 174 6.41 15.32 20.23
N ALA D 175 5.57 14.87 19.32
CA ALA D 175 4.95 13.55 19.40
C ALA D 175 5.99 12.43 19.46
N ALA D 176 7.03 12.52 18.63
CA ALA D 176 8.08 11.50 18.60
C ALA D 176 8.88 11.47 19.91
N VAL D 177 9.33 12.65 20.34
CA VAL D 177 10.30 12.76 21.43
C VAL D 177 9.64 12.70 22.80
N ALA D 178 8.57 13.44 23.00
CA ALA D 178 7.99 13.55 24.34
C ALA D 178 6.97 12.45 24.63
N HIS D 179 6.48 11.77 23.60
CA HIS D 179 5.38 10.83 23.81
C HIS D 179 5.64 9.42 23.28
N LEU D 180 5.93 9.28 21.99
CA LEU D 180 6.08 7.94 21.43
C LEU D 180 7.27 7.19 22.04
N ILE D 181 8.45 7.79 22.02
CA ILE D 181 9.64 7.11 22.50
C ILE D 181 9.51 6.67 23.96
N PRO D 182 9.01 7.53 24.87
CA PRO D 182 8.81 7.00 26.23
C PRO D 182 7.77 5.87 26.32
N ALA D 183 6.75 5.89 25.45
CA ALA D 183 5.76 4.82 25.45
C ALA D 183 6.40 3.51 24.97
N LEU D 184 7.20 3.59 23.92
CA LEU D 184 7.92 2.44 23.40
C LEU D 184 8.92 1.91 24.43
N GLN D 185 9.57 2.80 25.16
CA GLN D 185 10.54 2.38 26.17
C GLN D 185 9.84 1.60 27.29
N GLN D 186 8.64 2.05 27.63
CA GLN D 186 7.82 1.37 28.63
C GLN D 186 7.43 -0.05 28.18
N LEU D 187 7.00 -0.17 26.92
CA LEU D 187 6.72 -1.48 26.33
C LEU D 187 7.95 -2.35 26.27
N HIS D 188 9.08 -1.77 25.86
CA HIS D 188 10.34 -2.51 25.85
C HIS D 188 10.67 -3.05 27.23
N ASP D 189 10.55 -2.20 28.23
CA ASP D 189 10.96 -2.58 29.57
C ASP D 189 10.07 -3.70 30.13
N ALA D 190 8.77 -3.65 29.82
CA ALA D 190 7.84 -4.71 30.19
C ALA D 190 8.17 -6.05 29.49
N LEU D 191 8.48 -6.00 28.20
CA LEU D 191 8.87 -7.20 27.48
C LEU D 191 10.20 -7.75 28.02
N ALA D 192 11.19 -6.88 28.26
CA ALA D 192 12.49 -7.32 28.78
C ALA D 192 12.36 -7.93 30.17
N ALA D 193 11.44 -7.40 30.97
CA ALA D 193 11.20 -7.93 32.31
C ALA D 193 10.69 -9.38 32.24
N LYS D 194 9.80 -9.66 31.29
CA LYS D 194 9.31 -11.02 31.09
C LYS D 194 10.40 -11.92 30.51
N ALA D 195 11.26 -11.35 29.67
CA ALA D 195 12.36 -12.10 29.07
C ALA D 195 13.30 -12.62 30.17
N LEU D 196 13.49 -11.81 31.20
CA LEU D 196 14.34 -12.23 32.32
C LEU D 196 13.59 -13.18 33.25
N ASP D 197 12.36 -12.81 33.61
CA ASP D 197 11.52 -13.64 34.48
C ASP D 197 11.33 -15.05 33.93
N TRP D 198 11.29 -15.19 32.61
CA TRP D 198 10.99 -16.46 31.97
C TRP D 198 12.22 -17.05 31.29
N HIS D 199 13.39 -16.61 31.76
CA HIS D 199 14.65 -17.02 31.16
C HIS D 199 14.80 -18.54 31.05
N THR D 200 14.28 -19.29 32.02
CA THR D 200 14.40 -20.75 31.98
C THR D 200 13.07 -21.49 31.82
N VAL D 201 12.03 -20.79 31.39
CA VAL D 201 10.75 -21.45 31.12
C VAL D 201 10.82 -22.13 29.76
N VAL D 202 11.22 -23.39 29.76
CA VAL D 202 11.49 -24.07 28.50
C VAL D 202 10.16 -24.38 27.80
N LYS D 203 10.17 -24.35 26.48
CA LYS D 203 9.01 -24.71 25.68
C LYS D 203 9.45 -25.27 24.35
N SER D 204 8.49 -25.61 23.50
CA SER D 204 8.81 -26.03 22.15
C SER D 204 8.95 -24.84 21.20
N GLY D 205 10.01 -24.84 20.41
CA GLY D 205 10.11 -23.87 19.32
C GLY D 205 9.05 -24.21 18.28
N ARG D 206 8.74 -23.24 17.43
CA ARG D 206 7.86 -23.48 16.30
C ARG D 206 8.39 -22.76 15.10
N THR D 207 8.68 -23.49 14.03
CA THR D 207 9.00 -22.86 12.76
C THR D 207 8.06 -23.39 11.71
N HIS D 208 7.57 -22.50 10.84
CA HIS D 208 6.53 -22.81 9.86
C HIS D 208 5.24 -23.28 10.53
N LEU D 209 5.08 -22.94 11.82
CA LEU D 209 4.01 -23.43 12.70
C LEU D 209 4.19 -24.90 13.10
N MET D 210 5.33 -25.50 12.75
CA MET D 210 5.55 -26.92 13.04
C MET D 210 6.52 -27.09 14.23
N ASP D 211 6.38 -28.21 14.94
CA ASP D 211 7.21 -28.52 16.11
C ASP D 211 8.70 -28.41 15.78
N ALA D 212 9.44 -27.64 16.58
CA ALA D 212 10.88 -27.51 16.38
C ALA D 212 11.61 -27.71 17.71
N VAL D 213 12.93 -27.62 17.68
CA VAL D 213 13.76 -27.81 18.87
C VAL D 213 13.39 -26.81 19.96
N PRO D 214 13.72 -27.13 21.23
CA PRO D 214 13.29 -26.26 22.32
C PRO D 214 13.83 -24.82 22.29
N VAL D 215 13.02 -23.91 22.83
CA VAL D 215 13.42 -22.54 23.13
C VAL D 215 12.86 -22.23 24.51
N THR D 216 13.17 -21.07 25.07
CA THR D 216 12.48 -20.68 26.29
C THR D 216 11.55 -19.52 25.98
N LEU D 217 10.50 -19.39 26.77
CA LEU D 217 9.59 -18.27 26.65
C LEU D 217 10.34 -16.94 26.80
N GLY D 218 11.34 -16.94 27.68
CA GLY D 218 12.17 -15.78 27.89
C GLY D 218 12.92 -15.34 26.64
N GLN D 219 13.46 -16.31 25.91
CA GLN D 219 14.18 -16.01 24.67
C GLN D 219 13.26 -15.37 23.65
N GLU D 220 12.04 -15.88 23.52
CA GLU D 220 11.08 -15.29 22.58
C GLU D 220 10.80 -13.83 22.92
N PHE D 221 10.56 -13.56 24.20
CA PHE D 221 10.31 -12.20 24.65
C PHE D 221 11.54 -11.32 24.58
N SER D 222 12.74 -11.92 24.59
CA SER D 222 13.94 -11.14 24.37
C SER D 222 13.92 -10.65 22.92
N GLY D 223 13.44 -11.50 22.02
CA GLY D 223 13.22 -11.10 20.63
C GLY D 223 12.22 -9.96 20.48
N TYR D 224 11.06 -10.06 21.13
CA TYR D 224 10.07 -8.98 21.08
C TYR D 224 10.65 -7.66 21.61
N ALA D 225 11.38 -7.74 22.72
CA ALA D 225 11.96 -6.55 23.33
C ALA D 225 12.94 -5.91 22.35
N ARG D 226 13.71 -6.71 21.64
CA ARG D 226 14.67 -6.16 20.67
C ARG D 226 13.93 -5.51 19.51
N GLN D 227 12.77 -6.04 19.13
CA GLN D 227 12.02 -5.43 18.03
C GLN D 227 11.59 -4.01 18.42
N ILE D 228 11.18 -3.84 19.67
CA ILE D 228 10.72 -2.54 20.17
C ILE D 228 11.92 -1.60 20.40
N GLU D 229 13.00 -2.12 20.95
CA GLU D 229 14.24 -1.36 21.06
C GLU D 229 14.69 -0.84 19.69
N ALA D 230 14.64 -1.68 18.67
CA ALA D 230 15.01 -1.28 17.32
C ALA D 230 14.02 -0.26 16.76
N GLY D 231 12.76 -0.40 17.15
CA GLY D 231 11.75 0.60 16.85
C GLY D 231 12.13 1.95 17.40
N ILE D 232 12.63 1.99 18.64
CA ILE D 232 13.06 3.26 19.22
C ILE D 232 14.25 3.82 18.42
N GLU D 233 15.19 2.94 18.07
CA GLU D 233 16.34 3.34 17.26
C GLU D 233 15.89 3.93 15.92
N ARG D 234 14.83 3.38 15.37
CA ARG D 234 14.31 3.85 14.08
C ARG D 234 13.71 5.26 14.18
N VAL D 235 12.91 5.50 15.22
CA VAL D 235 12.35 6.83 15.46
C VAL D 235 13.48 7.84 15.68
N ARG D 236 14.43 7.51 16.55
CA ARG D 236 15.55 8.42 16.79
C ARG D 236 16.29 8.76 15.50
N ALA D 237 16.51 7.76 14.65
CA ALA D 237 17.26 7.99 13.42
C ALA D 237 16.60 8.96 12.46
N CYS D 238 15.28 9.17 12.57
CA CYS D 238 14.62 10.05 11.61
C CYS D 238 14.56 11.50 12.11
N LEU D 239 14.90 11.70 13.39
CA LEU D 239 14.75 13.00 14.02
C LEU D 239 15.54 14.16 13.41
N PRO D 240 16.77 13.92 12.89
CA PRO D 240 17.47 15.07 12.29
C PRO D 240 16.70 15.70 11.11
N ARG D 241 15.89 14.92 10.41
CA ARG D 241 15.16 15.48 9.28
C ARG D 241 13.70 15.79 9.64
N LEU D 242 13.09 14.99 10.51
CA LEU D 242 11.75 15.29 11.02
C LEU D 242 11.67 16.65 11.73
N GLY D 243 12.72 17.02 12.46
CA GLY D 243 12.70 18.27 13.21
C GLY D 243 13.01 19.53 12.41
N GLU D 244 13.26 19.38 11.11
CA GLU D 244 13.54 20.53 10.24
C GLU D 244 12.29 21.36 10.01
N LEU D 245 12.40 22.67 10.31
CA LEU D 245 11.28 23.60 10.18
C LEU D 245 11.51 24.57 9.04
N ALA D 246 10.43 24.87 8.31
CA ALA D 246 10.48 25.72 7.14
C ALA D 246 10.39 27.22 7.48
N ILE D 247 10.04 27.55 8.72
CA ILE D 247 9.77 28.95 9.06
C ILE D 247 10.94 29.86 8.63
N GLY D 248 10.61 30.99 8.00
CA GLY D 248 11.64 31.89 7.51
C GLY D 248 11.76 31.85 5.99
N GLY D 249 11.30 30.76 5.37
CA GLY D 249 11.37 30.61 3.93
C GLY D 249 10.31 31.41 3.18
N THR D 250 9.32 31.91 3.92
CA THR D 250 8.13 32.59 3.38
C THR D 250 7.52 31.90 2.15
N ALA D 251 7.13 32.64 1.12
CA ALA D 251 6.16 32.11 0.16
C ALA D 251 6.69 30.94 -0.70
N VAL D 252 7.93 31.02 -1.15
CA VAL D 252 8.47 30.06 -2.08
C VAL D 252 9.80 29.44 -1.64
N GLY D 253 10.29 29.85 -0.47
CA GLY D 253 11.52 29.31 0.07
C GLY D 253 12.68 30.29 0.10
N THR D 254 12.53 31.43 -0.56
CA THR D 254 13.61 32.41 -0.71
C THR D 254 13.79 33.30 0.53
N GLY D 255 12.76 33.35 1.38
CA GLY D 255 12.82 34.22 2.55
C GLY D 255 12.45 35.68 2.27
N LEU D 256 12.04 35.98 1.04
CA LEU D 256 11.54 37.31 0.71
C LEU D 256 10.51 37.78 1.74
N ASN D 257 10.68 39.03 2.19
CA ASN D 257 9.80 39.69 3.16
C ASN D 257 9.87 39.08 4.56
N ALA D 258 10.96 38.38 4.86
CA ALA D 258 11.27 38.02 6.23
C ALA D 258 12.70 38.45 6.51
N PRO D 259 13.02 38.72 7.77
CA PRO D 259 14.42 38.98 8.15
C PRO D 259 15.30 37.78 7.77
N ASP D 260 16.54 38.05 7.38
CA ASP D 260 17.45 36.98 6.92
C ASP D 260 17.64 35.87 7.96
N ASP D 261 17.56 36.23 9.22
CA ASP D 261 17.79 35.25 10.28
C ASP D 261 16.51 34.90 11.03
N PHE D 262 15.35 35.13 10.40
CA PHE D 262 14.07 34.89 11.06
C PHE D 262 14.00 33.44 11.51
N GLY D 263 14.31 32.53 10.59
CA GLY D 263 14.24 31.11 10.83
C GLY D 263 15.03 30.69 12.05
N VAL D 264 16.33 30.98 12.06
CA VAL D 264 17.19 30.54 13.15
C VAL D 264 16.79 31.17 14.49
N ARG D 265 16.34 32.42 14.47
CA ARG D 265 15.89 33.07 15.69
C ARG D 265 14.58 32.45 16.22
N VAL D 266 13.66 32.12 15.32
CA VAL D 266 12.38 31.55 15.72
C VAL D 266 12.56 30.14 16.26
N VAL D 267 13.42 29.37 15.60
CA VAL D 267 13.73 28.03 16.05
C VAL D 267 14.34 28.08 17.46
N ALA D 268 15.25 29.02 17.70
CA ALA D 268 15.85 29.15 19.01
C ALA D 268 14.80 29.45 20.10
N VAL D 269 13.83 30.32 19.80
CA VAL D 269 12.78 30.56 20.78
C VAL D 269 11.96 29.28 21.00
N LEU D 270 11.64 28.58 19.91
CA LEU D 270 10.88 27.33 20.00
C LEU D 270 11.61 26.28 20.84
N VAL D 271 12.91 26.12 20.61
CA VAL D 271 13.69 25.15 21.36
C VAL D 271 13.70 25.51 22.85
N ALA D 272 13.84 26.80 23.14
CA ALA D 272 13.87 27.29 24.51
C ALA D 272 12.52 27.06 25.20
N GLN D 273 11.44 27.25 24.47
CA GLN D 273 10.12 27.15 25.11
C GLN D 273 9.62 25.71 25.22
N THR D 274 10.03 24.84 24.31
CA THR D 274 9.51 23.47 24.33
C THR D 274 10.48 22.48 24.97
N GLY D 275 11.76 22.83 25.01
CA GLY D 275 12.77 21.89 25.47
C GLY D 275 13.13 20.90 24.37
N LEU D 276 12.56 21.09 23.18
CA LEU D 276 12.79 20.17 22.07
C LEU D 276 14.02 20.55 21.28
N SER D 277 15.18 20.03 21.68
CA SER D 277 16.42 20.34 21.02
C SER D 277 16.50 19.77 19.61
N GLU D 278 15.58 18.85 19.27
CA GLU D 278 15.55 18.22 17.95
C GLU D 278 15.00 19.17 16.87
N LEU D 279 14.39 20.28 17.29
CA LEU D 279 13.90 21.26 16.31
C LEU D 279 15.11 21.98 15.71
N ARG D 280 15.07 22.21 14.41
CA ARG D 280 16.16 22.90 13.73
C ARG D 280 15.68 23.58 12.46
N THR D 281 16.48 24.52 11.96
CA THR D 281 16.21 25.16 10.69
C THR D 281 16.41 24.15 9.57
N ALA D 282 15.73 24.34 8.45
CA ALA D 282 15.89 23.40 7.36
C ALA D 282 17.28 23.51 6.73
N ALA D 283 17.83 22.39 6.31
CA ALA D 283 19.12 22.36 5.60
C ALA D 283 19.04 23.14 4.30
N ASN D 284 17.90 22.99 3.62
CA ASN D 284 17.66 23.70 2.37
C ASN D 284 16.24 24.21 2.39
N SER D 285 16.08 25.54 2.30
CA SER D 285 14.76 26.14 2.51
C SER D 285 13.78 25.81 1.38
N PHE D 286 14.30 25.39 0.23
CA PHE D 286 13.42 25.04 -0.88
C PHE D 286 12.93 23.61 -0.75
N GLU D 287 13.80 22.72 -0.30
CA GLU D 287 13.40 21.34 -0.02
C GLU D 287 12.34 21.31 1.07
N ALA D 288 12.45 22.21 2.04
CA ALA D 288 11.56 22.20 3.19
C ALA D 288 10.15 22.66 2.89
N GLN D 289 9.92 23.24 1.71
CA GLN D 289 8.58 23.67 1.36
C GLN D 289 8.04 22.98 0.12
N ALA D 290 8.94 22.67 -0.82
CA ALA D 290 8.58 21.92 -2.02
C ALA D 290 8.24 20.46 -1.72
N ALA D 291 8.77 19.96 -0.61
CA ALA D 291 8.56 18.58 -0.23
C ALA D 291 8.24 18.45 1.26
N ARG D 292 7.74 17.29 1.62
CA ARG D 292 7.45 16.96 3.01
C ARG D 292 8.07 15.59 3.26
N ASP D 293 9.27 15.37 2.71
CA ASP D 293 9.91 14.05 2.75
C ASP D 293 10.21 13.63 4.18
N GLY D 294 10.33 14.60 5.08
CA GLY D 294 10.57 14.30 6.48
C GLY D 294 9.42 13.55 7.11
N LEU D 295 8.19 13.86 6.70
CA LEU D 295 7.03 13.14 7.20
C LEU D 295 6.96 11.72 6.63
N VAL D 296 7.29 11.58 5.35
CA VAL D 296 7.30 10.28 4.70
C VAL D 296 8.34 9.36 5.36
N GLU D 297 9.55 9.89 5.56
CA GLU D 297 10.58 9.17 6.27
C GLU D 297 10.12 8.70 7.65
N ALA D 298 9.50 9.60 8.42
CA ALA D 298 9.12 9.28 9.79
C ALA D 298 7.98 8.26 9.81
N SER D 299 7.07 8.39 8.85
CA SER D 299 5.98 7.45 8.72
C SER D 299 6.51 6.04 8.51
N GLY D 300 7.59 5.92 7.75
CA GLY D 300 8.27 4.65 7.53
C GLY D 300 8.75 4.02 8.83
N ALA D 301 9.24 4.83 9.75
CA ALA D 301 9.63 4.33 11.05
C ALA D 301 8.40 3.81 11.81
N LEU D 302 7.33 4.58 11.82
CA LEU D 302 6.10 4.13 12.49
C LEU D 302 5.53 2.85 11.86
N ARG D 303 5.60 2.76 10.53
CA ARG D 303 5.11 1.59 9.81
C ARG D 303 5.93 0.36 10.19
N THR D 304 7.24 0.53 10.30
CA THR D 304 8.10 -0.58 10.72
C THR D 304 7.70 -1.02 12.12
N ILE D 305 7.42 -0.05 13.00
CA ILE D 305 7.00 -0.37 14.36
C ILE D 305 5.66 -1.11 14.33
N ALA D 306 4.76 -0.67 13.46
CA ALA D 306 3.48 -1.36 13.29
C ALA D 306 3.70 -2.80 12.87
N VAL D 307 4.69 -3.03 12.01
CA VAL D 307 5.01 -4.39 11.56
C VAL D 307 5.53 -5.26 12.70
N SER D 308 6.41 -4.72 13.54
CA SER D 308 6.90 -5.45 14.70
C SER D 308 5.77 -5.76 15.68
N LEU D 309 4.95 -4.74 15.97
CA LEU D 309 3.87 -4.89 16.93
C LEU D 309 2.88 -5.96 16.46
N THR D 310 2.65 -6.06 15.16
CA THR D 310 1.76 -7.09 14.63
C THR D 310 2.32 -8.48 14.96
N LYS D 311 3.61 -8.69 14.70
CA LYS D 311 4.27 -9.95 15.06
C LYS D 311 4.15 -10.25 16.55
N ILE D 312 4.49 -9.27 17.39
CA ILE D 312 4.48 -9.48 18.83
C ILE D 312 3.05 -9.82 19.33
N ALA D 313 2.09 -9.03 18.89
CA ALA D 313 0.70 -9.18 19.31
C ALA D 313 0.12 -10.50 18.86
N ASN D 314 0.42 -10.87 17.61
CA ASN D 314 -0.04 -12.10 17.02
C ASN D 314 0.45 -13.32 17.78
N ASP D 315 1.75 -13.36 18.07
CA ASP D 315 2.35 -14.45 18.85
C ASP D 315 1.68 -14.55 20.22
N ILE D 316 1.48 -13.40 20.84
CA ILE D 316 0.90 -13.38 22.18
C ILE D 316 -0.55 -13.86 22.20
N ARG D 317 -1.39 -13.46 21.24
CA ARG D 317 -2.75 -13.99 21.27
C ARG D 317 -2.76 -15.48 20.89
N TRP D 318 -1.79 -15.93 20.11
CA TRP D 318 -1.74 -17.36 19.81
C TRP D 318 -1.26 -18.15 21.02
N MET D 319 -0.25 -17.65 21.72
CA MET D 319 0.16 -18.30 22.95
C MET D 319 -0.99 -18.38 23.97
N GLY D 320 -1.86 -17.37 23.99
CA GLY D 320 -2.99 -17.37 24.90
C GLY D 320 -4.23 -18.10 24.42
N SER D 321 -4.22 -18.59 23.19
CA SER D 321 -5.41 -19.21 22.58
C SER D 321 -5.93 -20.46 23.33
N GLY D 322 -7.22 -20.71 23.22
CA GLY D 322 -7.82 -21.91 23.80
C GLY D 322 -9.02 -21.60 24.67
N PRO D 323 -9.05 -22.18 25.88
CA PRO D 323 -7.98 -22.98 26.49
C PRO D 323 -7.89 -24.45 26.05
N LEU D 324 -8.91 -24.99 25.39
CA LEU D 324 -8.87 -26.42 25.01
C LEU D 324 -8.45 -26.64 23.56
N THR D 325 -8.83 -25.73 22.68
CA THR D 325 -8.59 -25.92 21.26
C THR D 325 -7.38 -25.13 20.78
N GLY D 326 -6.67 -24.53 21.72
CA GLY D 326 -5.58 -23.63 21.36
C GLY D 326 -4.23 -24.12 21.84
N LEU D 327 -3.28 -23.19 21.94
CA LEU D 327 -1.93 -23.52 22.37
C LEU D 327 -1.81 -23.45 23.90
N ALA D 328 -2.58 -22.56 24.51
CA ALA D 328 -2.70 -22.51 25.97
C ALA D 328 -1.37 -22.38 26.68
N GLU D 329 -0.44 -21.61 26.11
CA GLU D 329 0.90 -21.44 26.66
C GLU D 329 0.95 -20.43 27.81
N ILE D 330 0.17 -19.36 27.67
CA ILE D 330 0.12 -18.30 28.67
C ILE D 330 -1.32 -17.90 28.93
N GLN D 331 -1.53 -17.13 29.99
CA GLN D 331 -2.83 -16.56 30.27
C GLN D 331 -2.74 -15.03 30.25
N LEU D 332 -3.60 -14.40 29.46
CA LEU D 332 -3.63 -12.94 29.37
C LEU D 332 -4.54 -12.38 30.45
N PRO D 333 -4.22 -11.19 30.97
CA PRO D 333 -5.11 -10.53 31.94
C PRO D 333 -6.49 -10.24 31.35
N ASP D 334 -7.51 -10.45 32.16
CA ASP D 334 -8.88 -10.18 31.76
C ASP D 334 -9.22 -8.70 31.94
N LEU D 335 -9.74 -8.08 30.87
CA LEU D 335 -10.09 -6.66 30.90
C LEU D 335 -11.61 -6.47 30.90
N LYS D 345 -12.16 -17.88 30.15
CA LYS D 345 -11.92 -17.73 28.72
C LYS D 345 -11.80 -16.25 28.34
N VAL D 346 -10.58 -15.75 28.34
CA VAL D 346 -10.31 -14.33 28.11
C VAL D 346 -9.96 -14.03 26.66
N ASN D 347 -10.73 -13.14 26.03
CA ASN D 347 -10.41 -12.69 24.68
C ASN D 347 -9.20 -11.77 24.68
N PRO D 348 -8.30 -11.95 23.69
CA PRO D 348 -7.11 -11.11 23.64
C PRO D 348 -7.44 -9.71 23.10
N VAL D 349 -8.14 -8.90 23.89
CA VAL D 349 -8.68 -7.66 23.36
C VAL D 349 -7.59 -6.62 23.06
N LEU D 350 -6.52 -6.61 23.84
CA LEU D 350 -5.43 -5.67 23.57
C LEU D 350 -4.59 -6.08 22.35
N PRO D 351 -4.25 -7.37 22.20
CA PRO D 351 -3.66 -7.70 20.90
C PRO D 351 -4.53 -7.33 19.70
N GLU D 352 -5.85 -7.45 19.83
CA GLU D 352 -6.73 -7.06 18.74
C GLU D 352 -6.68 -5.55 18.52
N ALA D 353 -6.56 -4.81 19.62
CA ALA D 353 -6.48 -3.36 19.53
C ALA D 353 -5.15 -2.99 18.86
N VAL D 354 -4.07 -3.64 19.28
CA VAL D 354 -2.75 -3.44 18.70
C VAL D 354 -2.69 -3.74 17.19
N THR D 355 -3.18 -4.92 16.79
CA THR D 355 -3.11 -5.31 15.38
C THR D 355 -4.01 -4.42 14.50
N GLN D 356 -5.13 -3.95 15.05
CA GLN D 356 -5.96 -2.98 14.34
C GLN D 356 -5.28 -1.62 14.20
N VAL D 357 -4.61 -1.16 15.26
CA VAL D 357 -3.86 0.07 15.20
C VAL D 357 -2.76 -0.03 14.15
N ALA D 358 -2.10 -1.18 14.11
CA ALA D 358 -1.04 -1.40 13.13
C ALA D 358 -1.60 -1.29 11.72
N ALA D 359 -2.74 -1.93 11.48
CA ALA D 359 -3.44 -1.78 10.19
C ALA D 359 -3.66 -0.31 9.85
N GLN D 360 -4.10 0.48 10.83
CA GLN D 360 -4.37 1.90 10.57
C GLN D 360 -3.08 2.65 10.21
N VAL D 361 -2.00 2.36 10.91
CA VAL D 361 -0.71 3.02 10.67
C VAL D 361 -0.24 2.70 9.25
N ILE D 362 -0.49 1.47 8.80
CA ILE D 362 -0.09 1.07 7.47
C ILE D 362 -0.91 1.83 6.43
N GLY D 363 -2.21 1.92 6.64
CA GLY D 363 -3.03 2.71 5.74
C GLY D 363 -2.62 4.18 5.74
N ASN D 364 -2.45 4.76 6.93
CA ASN D 364 -2.01 6.14 7.05
C ASN D 364 -0.68 6.40 6.34
N ASP D 365 0.25 5.45 6.48
CA ASP D 365 1.54 5.50 5.82
C ASP D 365 1.43 5.62 4.31
N ALA D 366 0.51 4.84 3.72
CA ALA D 366 0.32 4.87 2.29
C ALA D 366 -0.21 6.26 1.85
N ALA D 367 -1.10 6.83 2.65
CA ALA D 367 -1.67 8.15 2.37
C ALA D 367 -0.60 9.24 2.43
N ILE D 368 0.25 9.16 3.44
CA ILE D 368 1.34 10.09 3.63
C ILE D 368 2.31 10.10 2.45
N ALA D 369 2.71 8.91 2.01
CA ALA D 369 3.63 8.77 0.88
C ALA D 369 3.02 9.33 -0.39
N TRP D 370 1.74 9.02 -0.60
CA TRP D 370 0.99 9.51 -1.75
C TRP D 370 1.00 11.05 -1.85
N GLY D 371 0.68 11.71 -0.75
CA GLY D 371 0.72 13.16 -0.72
C GLY D 371 2.14 13.68 -0.86
N GLY D 372 3.08 12.99 -0.20
CA GLY D 372 4.48 13.35 -0.27
C GLY D 372 5.05 13.43 -1.68
N ALA D 373 4.66 12.47 -2.53
CA ALA D 373 5.24 12.39 -3.86
C ALA D 373 4.71 13.44 -4.80
N ASN D 374 3.59 14.07 -4.42
CA ASN D 374 2.84 14.82 -5.41
C ASN D 374 2.92 16.34 -5.27
N GLY D 375 3.98 16.82 -4.62
CA GLY D 375 4.26 18.23 -4.64
C GLY D 375 4.58 18.74 -6.04
N ALA D 376 4.59 20.06 -6.19
CA ALA D 376 4.96 20.63 -7.47
C ALA D 376 5.75 21.92 -7.24
N PHE D 377 6.86 22.04 -7.94
CA PHE D 377 7.70 23.21 -7.85
C PHE D 377 7.93 23.65 -6.42
N GLU D 378 7.51 24.86 -6.06
CA GLU D 378 7.89 25.43 -4.76
C GLU D 378 7.03 24.99 -3.58
N LEU D 379 5.96 24.27 -3.83
CA LEU D 379 5.10 23.89 -2.72
C LEU D 379 4.45 22.52 -2.85
N ASN D 380 4.60 21.71 -1.80
CA ASN D 380 3.77 20.52 -1.67
C ASN D 380 2.45 20.92 -1.04
N VAL D 381 1.36 20.66 -1.75
CA VAL D 381 0.04 21.07 -1.28
C VAL D 381 -0.83 19.89 -0.79
N TYR D 382 -0.22 19.01 -0.01
CA TYR D 382 -0.89 17.87 0.65
C TYR D 382 -0.67 17.91 2.16
N ILE D 383 -0.23 19.06 2.67
CA ILE D 383 0.21 19.14 4.07
C ILE D 383 -0.89 18.82 5.09
N PRO D 384 -2.10 19.41 4.96
CA PRO D 384 -3.07 19.10 6.02
C PRO D 384 -3.42 17.61 6.09
N MET D 385 -3.56 16.95 4.93
CA MET D 385 -3.81 15.51 4.89
C MET D 385 -2.63 14.72 5.48
N MET D 386 -1.41 15.06 5.08
CA MET D 386 -0.23 14.38 5.60
C MET D 386 -0.08 14.55 7.11
N ALA D 387 -0.33 15.77 7.60
CA ALA D 387 -0.28 16.07 9.03
C ALA D 387 -1.27 15.23 9.83
N ARG D 388 -2.49 15.12 9.32
CA ARG D 388 -3.52 14.37 10.01
C ARG D 388 -3.07 12.93 10.21
N ASN D 389 -2.57 12.34 9.14
CA ASN D 389 -2.17 10.94 9.15
C ASN D 389 -0.90 10.65 9.96
N ILE D 390 0.11 11.50 9.86
CA ILE D 390 1.34 11.22 10.61
C ILE D 390 1.09 11.41 12.12
N LEU D 391 0.39 12.48 12.49
CA LEU D 391 0.11 12.74 13.90
C LEU D 391 -0.82 11.69 14.51
N GLU D 392 -1.76 11.19 13.72
CA GLU D 392 -2.60 10.10 14.23
C GLU D 392 -1.77 8.83 14.46
N SER D 393 -0.90 8.48 13.51
CA SER D 393 -0.06 7.29 13.66
C SER D 393 0.80 7.41 14.93
N PHE D 394 1.38 8.58 15.16
CA PHE D 394 2.09 8.82 16.41
C PHE D 394 1.21 8.57 17.64
N LYS D 395 0.00 9.11 17.60
CA LYS D 395 -0.91 9.05 18.74
C LYS D 395 -1.40 7.61 19.01
N LEU D 396 -1.80 6.91 17.96
CA LEU D 396 -2.23 5.52 18.07
C LEU D 396 -1.12 4.63 18.63
N LEU D 397 0.07 4.76 18.07
CA LEU D 397 1.17 3.90 18.50
C LEU D 397 1.53 4.19 19.95
N THR D 398 1.52 5.47 20.32
CA THR D 398 1.85 5.87 21.68
C THR D 398 0.86 5.28 22.67
N ASN D 399 -0.42 5.51 22.43
CA ASN D 399 -1.41 5.10 23.40
C ASN D 399 -1.59 3.59 23.47
N VAL D 400 -1.46 2.90 22.34
CA VAL D 400 -1.70 1.46 22.41
C VAL D 400 -0.47 0.74 22.96
N SER D 401 0.71 1.30 22.75
CA SER D 401 1.92 0.72 23.32
C SER D 401 1.90 0.74 24.85
N ARG D 402 1.48 1.88 25.43
CA ARG D 402 1.36 1.99 26.88
C ARG D 402 0.30 1.05 27.43
N LEU D 403 -0.84 0.98 26.76
CA LEU D 403 -1.91 0.06 27.17
C LEU D 403 -1.45 -1.40 27.08
N PHE D 404 -0.80 -1.73 25.97
CA PHE D 404 -0.26 -3.08 25.74
C PHE D 404 0.71 -3.47 26.85
N ALA D 405 1.61 -2.56 27.17
CA ALA D 405 2.64 -2.76 28.19
C ALA D 405 2.03 -3.02 29.56
N GLN D 406 1.14 -2.13 29.97
CA GLN D 406 0.62 -2.09 31.34
C GLN D 406 -0.48 -3.09 31.60
N ARG D 407 -1.38 -3.23 30.64
CA ARG D 407 -2.60 -4.00 30.88
C ARG D 407 -2.63 -5.35 30.15
N CYS D 408 -1.56 -5.67 29.44
CA CYS D 408 -1.43 -6.99 28.86
C CYS D 408 -0.09 -7.62 29.27
N ILE D 409 1.02 -7.11 28.72
CA ILE D 409 2.34 -7.69 28.93
C ILE D 409 2.71 -7.89 30.41
N ALA D 410 2.57 -6.84 31.24
CA ALA D 410 3.03 -6.90 32.63
C ALA D 410 2.32 -8.01 33.39
N GLY D 411 1.07 -8.28 33.03
CA GLY D 411 0.26 -9.22 33.77
C GLY D 411 0.19 -10.61 33.18
N LEU D 412 0.97 -10.90 32.14
CA LEU D 412 0.96 -12.24 31.53
C LEU D 412 1.43 -13.28 32.53
N THR D 413 0.75 -14.43 32.55
CA THR D 413 1.20 -15.56 33.36
C THR D 413 1.50 -16.77 32.46
N ALA D 414 2.65 -17.39 32.70
CA ALA D 414 3.07 -18.55 31.92
C ALA D 414 2.53 -19.85 32.51
N ASN D 415 2.12 -20.76 31.64
CA ASN D 415 1.70 -22.09 32.07
C ASN D 415 2.93 -23.02 32.02
N VAL D 416 3.76 -22.90 33.06
CA VAL D 416 5.10 -23.49 33.06
C VAL D 416 5.12 -24.99 32.79
N GLU D 417 4.27 -25.74 33.48
CA GLU D 417 4.23 -27.19 33.34
C GLU D 417 3.75 -27.63 31.96
N HIS D 418 2.74 -26.95 31.44
CA HIS D 418 2.27 -27.21 30.07
C HIS D 418 3.40 -26.94 29.07
N LEU D 419 4.07 -25.81 29.23
CA LEU D 419 5.18 -25.46 28.35
C LEU D 419 6.29 -26.50 28.39
N ARG D 420 6.61 -26.99 29.59
CA ARG D 420 7.61 -28.05 29.73
C ARG D 420 7.19 -29.33 28.98
N ARG D 421 5.92 -29.71 29.11
N ARG D 421 5.93 -29.71 29.10
CA ARG D 421 5.43 -30.89 28.39
CA ARG D 421 5.43 -30.89 28.39
C ARG D 421 5.54 -30.70 26.87
C ARG D 421 5.51 -30.70 26.87
N LEU D 422 5.38 -29.47 26.42
CA LEU D 422 5.53 -29.16 24.99
C LEU D 422 7.00 -29.30 24.57
N ALA D 423 7.91 -28.77 25.40
CA ALA D 423 9.35 -28.91 25.13
C ALA D 423 9.77 -30.39 25.09
N GLU D 424 9.22 -31.19 26.01
CA GLU D 424 9.55 -32.62 26.05
C GLU D 424 8.87 -33.40 24.92
N SER D 425 8.16 -32.67 24.05
CA SER D 425 7.58 -33.26 22.84
C SER D 425 8.26 -32.75 21.57
N SER D 426 9.13 -31.74 21.72
CA SER D 426 9.96 -31.24 20.62
C SER D 426 10.85 -32.34 20.03
N PRO D 427 11.22 -32.20 18.74
CA PRO D 427 12.25 -33.09 18.21
C PRO D 427 13.59 -32.90 18.96
N SER D 428 14.40 -33.94 19.03
CA SER D 428 15.74 -33.79 19.57
C SER D 428 16.77 -34.14 18.51
N ILE D 429 18.04 -34.00 18.85
CA ILE D 429 19.12 -34.27 17.92
C ILE D 429 20.12 -35.23 18.57
N VAL D 430 20.97 -35.87 17.75
CA VAL D 430 21.93 -36.85 18.24
C VAL D 430 23.26 -36.24 18.66
N THR D 431 23.51 -35.02 18.18
CA THR D 431 24.78 -34.32 18.45
C THR D 431 25.29 -34.38 19.89
N PRO D 432 24.40 -34.19 20.90
CA PRO D 432 24.90 -34.27 22.28
C PRO D 432 25.36 -35.67 22.71
N LEU D 433 25.19 -36.67 21.85
CA LEU D 433 25.56 -38.05 22.18
C LEU D 433 26.92 -38.42 21.60
N ASN D 434 27.48 -37.55 20.76
CA ASN D 434 28.71 -37.85 20.05
C ASN D 434 29.87 -38.26 20.96
N SER D 435 30.09 -37.50 22.02
CA SER D 435 31.22 -37.74 22.91
C SER D 435 31.02 -38.97 23.79
N ALA D 436 29.89 -39.66 23.60
CA ALA D 436 29.58 -40.85 24.39
C ALA D 436 29.51 -42.12 23.54
N ILE D 437 28.93 -42.00 22.34
CA ILE D 437 28.72 -43.17 21.49
C ILE D 437 29.43 -43.05 20.13
N GLY D 438 29.99 -41.88 19.84
CA GLY D 438 30.73 -41.69 18.60
C GLY D 438 29.86 -41.25 17.43
N TYR D 439 30.49 -40.58 16.47
CA TYR D 439 29.78 -40.00 15.32
C TYR D 439 28.99 -41.03 14.52
N GLU D 440 29.54 -42.25 14.41
CA GLU D 440 28.91 -43.28 13.58
C GLU D 440 27.67 -43.89 14.25
N GLU D 441 27.79 -44.25 15.52
CA GLU D 441 26.65 -44.81 16.24
C GLU D 441 25.54 -43.77 16.37
N ALA D 442 25.92 -42.52 16.59
CA ALA D 442 24.97 -41.42 16.62
C ALA D 442 24.21 -41.31 15.30
N ALA D 443 24.96 -41.40 14.19
CA ALA D 443 24.36 -41.33 12.86
C ALA D 443 23.40 -42.50 12.64
N ALA D 444 23.73 -43.65 13.21
CA ALA D 444 22.88 -44.84 13.10
C ALA D 444 21.62 -44.68 13.95
N VAL D 445 21.76 -44.07 15.12
CA VAL D 445 20.61 -43.76 15.96
C VAL D 445 19.65 -42.81 15.24
N ALA D 446 20.21 -41.77 14.63
CA ALA D 446 19.41 -40.77 13.93
C ALA D 446 18.64 -41.40 12.77
N LYS D 447 19.32 -42.25 11.99
CA LYS D 447 18.67 -42.93 10.88
C LYS D 447 17.56 -43.86 11.37
N GLN D 448 17.84 -44.64 12.41
CA GLN D 448 16.85 -45.58 12.92
C GLN D 448 15.66 -44.87 13.54
N ALA D 449 15.91 -43.76 14.23
CA ALA D 449 14.83 -42.94 14.78
C ALA D 449 13.92 -42.42 13.68
N LEU D 450 14.52 -41.92 12.60
CA LEU D 450 13.75 -41.40 11.47
C LEU D 450 12.94 -42.50 10.78
N LYS D 451 13.56 -43.66 10.57
CA LYS D 451 12.92 -44.78 9.91
C LYS D 451 11.72 -45.31 10.70
N GLU D 452 11.90 -45.48 12.01
CA GLU D 452 10.90 -46.15 12.83
C GLU D 452 10.03 -45.14 13.56
N ARG D 453 10.21 -43.86 13.22
CA ARG D 453 9.43 -42.75 13.80
C ARG D 453 9.41 -42.79 15.32
N LYS D 454 10.58 -42.97 15.91
CA LYS D 454 10.73 -42.96 17.36
C LYS D 454 11.63 -41.80 17.78
N THR D 455 11.57 -41.44 19.05
CA THR D 455 12.42 -40.38 19.57
C THR D 455 13.87 -40.84 19.61
N ILE D 456 14.79 -39.88 19.68
CA ILE D 456 16.20 -40.19 19.82
C ILE D 456 16.45 -40.97 21.11
N ARG D 457 15.82 -40.53 22.19
CA ARG D 457 16.00 -41.17 23.50
C ARG D 457 15.60 -42.64 23.49
N GLN D 458 14.43 -42.94 22.94
CA GLN D 458 13.94 -44.32 22.93
C GLN D 458 14.75 -45.19 21.98
N THR D 459 15.27 -44.58 20.93
CA THR D 459 16.03 -45.32 19.94
C THR D 459 17.36 -45.75 20.55
N VAL D 460 17.97 -44.86 21.33
CA VAL D 460 19.18 -45.19 22.08
C VAL D 460 18.94 -46.38 23.01
N ILE D 461 17.84 -46.35 23.74
CA ILE D 461 17.46 -47.46 24.62
C ILE D 461 17.22 -48.76 23.85
N ASP D 462 16.42 -48.69 22.80
CA ASP D 462 16.08 -49.86 21.99
C ASP D 462 17.32 -50.50 21.36
N ARG D 463 18.31 -49.69 21.05
CA ARG D 463 19.54 -50.22 20.44
C ARG D 463 20.52 -50.76 21.49
N GLY D 464 20.06 -50.86 22.73
CA GLY D 464 20.88 -51.37 23.82
C GLY D 464 22.16 -50.60 24.08
N LEU D 465 22.09 -49.27 23.95
CA LEU D 465 23.27 -48.42 24.09
C LEU D 465 23.53 -48.00 25.54
N ILE D 466 22.54 -48.18 26.40
CA ILE D 466 22.71 -47.89 27.82
C ILE D 466 23.67 -48.89 28.46
N GLY D 467 24.88 -48.42 28.78
CA GLY D 467 25.91 -49.26 29.36
C GLY D 467 27.02 -48.45 30.01
N ASP D 468 28.26 -48.91 29.84
CA ASP D 468 29.41 -48.25 30.44
C ASP D 468 29.70 -46.89 29.79
N ARG D 469 29.40 -46.76 28.50
CA ARG D 469 29.68 -45.53 27.77
C ARG D 469 28.56 -44.50 27.90
N LEU D 470 27.42 -44.92 28.44
CA LEU D 470 26.24 -44.07 28.48
C LEU D 470 25.17 -44.57 29.45
N SER D 471 25.15 -43.99 30.64
CA SER D 471 24.10 -44.34 31.60
C SER D 471 22.80 -43.66 31.22
N ILE D 472 21.72 -44.02 31.89
CA ILE D 472 20.43 -43.38 31.67
C ILE D 472 20.46 -41.90 32.09
N GLU D 473 21.07 -41.63 33.24
CA GLU D 473 21.22 -40.25 33.73
C GLU D 473 22.02 -39.43 32.73
N ASP D 474 23.07 -40.03 32.18
CA ASP D 474 23.92 -39.37 31.21
C ASP D 474 23.14 -39.06 29.94
N LEU D 475 22.20 -39.94 29.60
CA LEU D 475 21.36 -39.75 28.41
C LEU D 475 20.39 -38.58 28.60
N ASP D 476 19.73 -38.55 29.75
CA ASP D 476 18.78 -37.49 30.06
C ASP D 476 19.46 -36.13 30.19
N ARG D 477 20.70 -36.13 30.66
CA ARG D 477 21.47 -34.90 30.82
C ARG D 477 21.84 -34.31 29.47
N ARG D 478 22.34 -35.16 28.59
CA ARG D 478 22.76 -34.75 27.25
C ARG D 478 21.58 -34.30 26.40
N LEU D 479 20.41 -34.87 26.66
CA LEU D 479 19.23 -34.56 25.85
C LEU D 479 18.26 -33.62 26.56
N ASP D 480 18.66 -33.08 27.71
CA ASP D 480 17.75 -32.25 28.49
C ASP D 480 17.28 -31.04 27.68
N VAL D 481 15.96 -30.80 27.69
CA VAL D 481 15.33 -29.83 26.80
C VAL D 481 15.72 -28.39 27.12
N LEU D 482 15.95 -28.08 28.40
CA LEU D 482 16.42 -26.75 28.77
C LEU D 482 17.84 -26.56 28.24
N ALA D 483 18.66 -27.61 28.32
CA ALA D 483 20.02 -27.54 27.82
C ALA D 483 20.02 -27.37 26.30
N MET D 484 19.12 -28.07 25.63
CA MET D 484 18.90 -27.92 24.19
C MET D 484 18.52 -26.49 23.81
N ALA D 485 17.89 -25.76 24.71
CA ALA D 485 17.49 -24.37 24.45
C ALA D 485 18.68 -23.42 24.56
N LYS D 486 19.77 -23.89 25.17
CA LYS D 486 21.00 -23.10 25.35
C LYS D 486 20.71 -21.72 25.91
N ALA D 487 19.96 -21.67 27.02
CA ALA D 487 19.55 -20.40 27.61
C ALA D 487 20.69 -19.71 28.38
C10 5WJ E . 6.94 37.85 -26.16
C7 5WJ E . 6.25 36.56 -23.19
C1 5WJ E . 4.64 31.86 -23.34
C2 5WJ E . 4.36 31.45 -22.02
C3 5WJ E . 4.06 29.65 -20.48
C4 5WJ E . 3.93 32.38 -21.08
C5 5WJ E . 3.73 33.71 -21.45
C6 5WJ E . 3.99 34.17 -22.74
O4 5WJ E . 10.51 30.56 -29.63
C16 5WJ E . 9.64 30.39 -28.80
N3 5WJ E . 8.31 30.58 -29.22
N2 5WJ E . 7.21 30.44 -28.46
C17 5WJ E . 9.81 30.01 -27.39
C22 5WJ E . 8.67 29.84 -26.58
C21 5WJ E . 8.83 29.46 -25.23
C20 5WJ E . 10.11 29.27 -24.72
C19 5WJ E . 11.23 29.46 -25.53
C18 5WJ E . 11.09 29.82 -26.87
C15 5WJ E . 7.36 30.09 -27.20
C14 5WJ E . 6.12 30.03 -26.37
C 5WJ E . 5.90 31.14 -25.37
O 5WJ E . 6.57 32.18 -25.46
N 5WJ E . 4.98 30.94 -24.36
C13 5WJ E . 4.46 33.22 -23.68
O1 5WJ E . 4.56 30.13 -21.73
S 5WJ E . 3.63 35.75 -23.21
O2 5WJ E . 3.36 36.54 -22.06
O3 5WJ E . 2.61 35.72 -24.22
N1 5WJ E . 5.01 36.27 -23.96
C12 5WJ E . 5.02 36.38 -25.43
C11 5WJ E . 5.43 37.77 -25.94
C9 5WJ E . 7.70 37.86 -24.82
C8 5WJ E . 7.55 36.57 -24.01
CL CL F . -23.11 12.48 27.29
C FMT G . 12.66 -26.02 9.60
O1 FMT G . 11.79 -26.80 9.23
O2 FMT G . 12.53 -25.24 10.54
CL CL H . 18.23 -12.98 -30.13
CL CL I . 10.63 -13.43 -22.75
CL CL J . -19.60 -6.53 -25.50
C10 5WJ K . 0.16 36.42 -28.89
C7 5WJ K . 0.39 33.13 -28.52
C1 5WJ K . 1.30 31.78 -23.92
C2 5WJ K . 1.46 30.36 -23.85
C3 5WJ K . 1.43 28.39 -22.55
C4 5WJ K . 1.96 29.68 -24.96
C5 5WJ K . 2.34 30.36 -26.10
C6 5WJ K . 2.24 31.76 -26.20
O4 5WJ K . -4.00 38.31 -21.61
C16 5WJ K . -3.28 37.32 -21.58
N3 5WJ K . -1.88 37.54 -21.49
N2 5WJ K . -0.96 36.58 -21.44
C17 5WJ K . -3.70 35.91 -21.60
C22 5WJ K . -2.74 34.89 -21.53
C21 5WJ K . -3.14 33.56 -21.53
C20 5WJ K . -4.49 33.23 -21.60
C19 5WJ K . -5.44 34.24 -21.68
C18 5WJ K . -5.07 35.58 -21.68
C15 5WJ K . -1.34 35.32 -21.47
C14 5WJ K . -0.27 34.28 -21.43
C 5WJ K . 0.07 33.68 -22.79
O 5WJ K . -0.35 34.23 -23.81
N 5WJ K . 0.84 32.52 -22.80
C13 5WJ K . 1.68 32.44 -25.10
O1 5WJ K . 1.13 29.77 -22.67
S 5WJ K . 2.85 32.62 -27.52
O2 5WJ K . 3.09 31.71 -28.60
O3 5WJ K . 3.94 33.40 -27.05
N1 5WJ K . 1.63 33.64 -27.88
C12 5WJ K . 1.74 35.07 -27.49
C11 5WJ K . 1.62 36.05 -28.66
C9 5WJ K . -0.68 35.25 -29.40
C8 5WJ K . -0.80 34.08 -28.41
CL CL L . -17.43 28.05 19.42
#